data_5E4X
# 
_entry.id   5E4X 
# 
_audit_conform.dict_name       mmcif_pdbx.dic 
_audit_conform.dict_version    5.383 
_audit_conform.dict_location   http://mmcif.pdb.org/dictionaries/ascii/mmcif_pdbx.dic 
# 
loop_
_database_2.database_id 
_database_2.database_code 
_database_2.pdbx_database_accession 
_database_2.pdbx_DOI 
PDB   5E4X         pdb_00005e4x 10.2210/pdb5e4x/pdb 
WWPDB D_1000212803 ?            ?                   
# 
loop_
_pdbx_audit_revision_history.ordinal 
_pdbx_audit_revision_history.data_content_type 
_pdbx_audit_revision_history.major_revision 
_pdbx_audit_revision_history.minor_revision 
_pdbx_audit_revision_history.revision_date 
1 'Structure model' 1 0 2015-12-02 
2 'Structure model' 1 1 2024-01-10 
# 
_pdbx_audit_revision_details.ordinal             1 
_pdbx_audit_revision_details.revision_ordinal    1 
_pdbx_audit_revision_details.data_content_type   'Structure model' 
_pdbx_audit_revision_details.provider            repository 
_pdbx_audit_revision_details.type                'Initial release' 
_pdbx_audit_revision_details.description         ? 
_pdbx_audit_revision_details.details             ? 
# 
loop_
_pdbx_audit_revision_group.ordinal 
_pdbx_audit_revision_group.revision_ordinal 
_pdbx_audit_revision_group.data_content_type 
_pdbx_audit_revision_group.group 
1 2 'Structure model' 'Data collection'        
2 2 'Structure model' 'Database references'    
3 2 'Structure model' 'Derived calculations'   
4 2 'Structure model' 'Refinement description' 
# 
loop_
_pdbx_audit_revision_category.ordinal 
_pdbx_audit_revision_category.revision_ordinal 
_pdbx_audit_revision_category.data_content_type 
_pdbx_audit_revision_category.category 
1 2 'Structure model' chem_comp_atom                
2 2 'Structure model' chem_comp_bond                
3 2 'Structure model' database_2                    
4 2 'Structure model' pdbx_initial_refinement_model 
5 2 'Structure model' pdbx_struct_conn_angle        
6 2 'Structure model' struct_conn                   
# 
loop_
_pdbx_audit_revision_item.ordinal 
_pdbx_audit_revision_item.revision_ordinal 
_pdbx_audit_revision_item.data_content_type 
_pdbx_audit_revision_item.item 
1  2 'Structure model' '_database_2.pdbx_DOI'                        
2  2 'Structure model' '_database_2.pdbx_database_accession'         
3  2 'Structure model' '_pdbx_struct_conn_angle.ptnr1_auth_comp_id'  
4  2 'Structure model' '_pdbx_struct_conn_angle.ptnr1_auth_seq_id'   
5  2 'Structure model' '_pdbx_struct_conn_angle.ptnr1_label_asym_id' 
6  2 'Structure model' '_pdbx_struct_conn_angle.ptnr1_label_atom_id' 
7  2 'Structure model' '_pdbx_struct_conn_angle.ptnr1_label_comp_id' 
8  2 'Structure model' '_pdbx_struct_conn_angle.ptnr1_label_seq_id'  
9  2 'Structure model' '_pdbx_struct_conn_angle.ptnr1_symmetry'      
10 2 'Structure model' '_pdbx_struct_conn_angle.ptnr3_auth_comp_id'  
11 2 'Structure model' '_pdbx_struct_conn_angle.ptnr3_auth_seq_id'   
12 2 'Structure model' '_pdbx_struct_conn_angle.ptnr3_label_asym_id' 
13 2 'Structure model' '_pdbx_struct_conn_angle.ptnr3_label_atom_id' 
14 2 'Structure model' '_pdbx_struct_conn_angle.ptnr3_label_comp_id' 
15 2 'Structure model' '_pdbx_struct_conn_angle.ptnr3_label_seq_id'  
16 2 'Structure model' '_pdbx_struct_conn_angle.ptnr3_symmetry'      
17 2 'Structure model' '_pdbx_struct_conn_angle.value'               
18 2 'Structure model' '_struct_conn.pdbx_dist_value'                
19 2 'Structure model' '_struct_conn.ptnr1_auth_comp_id'             
20 2 'Structure model' '_struct_conn.ptnr1_auth_seq_id'              
21 2 'Structure model' '_struct_conn.ptnr1_label_asym_id'            
22 2 'Structure model' '_struct_conn.ptnr1_label_atom_id'            
23 2 'Structure model' '_struct_conn.ptnr1_label_comp_id'            
24 2 'Structure model' '_struct_conn.ptnr1_label_seq_id'             
25 2 'Structure model' '_struct_conn.ptnr1_symmetry'                 
26 2 'Structure model' '_struct_conn.ptnr2_auth_comp_id'             
27 2 'Structure model' '_struct_conn.ptnr2_auth_seq_id'              
28 2 'Structure model' '_struct_conn.ptnr2_label_asym_id'            
29 2 'Structure model' '_struct_conn.ptnr2_label_atom_id'            
30 2 'Structure model' '_struct_conn.ptnr2_label_comp_id'            
31 2 'Structure model' '_struct_conn.ptnr2_label_seq_id'             
32 2 'Structure model' '_struct_conn.ptnr2_symmetry'                 
# 
_pdbx_database_status.status_code                     REL 
_pdbx_database_status.status_code_sf                  REL 
_pdbx_database_status.status_code_mr                  ? 
_pdbx_database_status.entry_id                        5E4X 
_pdbx_database_status.recvd_initial_deposition_date   2015-10-07 
_pdbx_database_status.SG_entry                        N 
_pdbx_database_status.deposit_site                    RCSB 
_pdbx_database_status.process_site                    PDBE 
_pdbx_database_status.status_code_cs                  ? 
_pdbx_database_status.methods_development_category    ? 
_pdbx_database_status.pdb_format_compatible           Y 
_pdbx_database_status.status_code_nmr_data            ? 
# 
loop_
_audit_author.name 
_audit_author.pdbx_ordinal 
'Horn, A.'    1 
'Ahmed, Y.L.' 2 
'Wild, K.'    3 
'Sinning, I.' 4 
# 
_citation.abstract                  ? 
_citation.abstract_id_CAS           ? 
_citation.book_id_ISBN              ? 
_citation.book_publisher            ? 
_citation.book_publisher_city       ? 
_citation.book_title                ? 
_citation.coordinate_linkage        ? 
_citation.country                   UK 
_citation.database_id_Medline       ? 
_citation.details                   ? 
_citation.id                        primary 
_citation.journal_abbrev            'Nat Commun' 
_citation.journal_id_ASTM           ? 
_citation.journal_id_CSD            ? 
_citation.journal_id_ISSN           2041-1723 
_citation.journal_full              ? 
_citation.journal_issue             ? 
_citation.journal_volume            6 
_citation.language                  ? 
_citation.page_first                8875 
_citation.page_last                 8875 
_citation.title                     
'Structural basis for cpSRP43 chromodomain selectivity and dynamics in Alb3 insertase interaction.' 
_citation.year                      2015 
_citation.database_id_CSD           ? 
_citation.pdbx_database_id_DOI      10.1038/ncomms9875 
_citation.pdbx_database_id_PubMed   26568381 
_citation.unpublished_flag          ? 
# 
loop_
_citation_author.citation_id 
_citation_author.name 
_citation_author.ordinal 
_citation_author.identifier_ORCID 
primary 'Horn, A.'    1 ? 
primary 'Hennig, J.'  2 ? 
primary 'Ahmed, Y.L.' 3 ? 
primary 'Stier, G.'   4 ? 
primary 'Wild, K.'    5 ? 
primary 'Sattler, M.' 6 ? 
primary 'Sinning, I.' 7 ? 
# 
loop_
_entity.id 
_entity.type 
_entity.src_method 
_entity.pdbx_description 
_entity.formula_weight 
_entity.pdbx_number_of_molecules 
_entity.pdbx_ec 
_entity.pdbx_mutation 
_entity.pdbx_fragment 
_entity.details 
1 polymer     man 'Signal recognition particle 43 kDa protein, chloroplastic' 5681.255 1  ? ? 'UNP residues 319-368' ? 
2 non-polymer syn 'MAGNESIUM ION'                                             24.305   1  ? ? ?                      ? 
3 water       nat water                                                       18.015   16 ? ? ?                      ? 
# 
_entity_name_com.entity_id   1 
_entity_name_com.name        'Chromo protein SRP43,CpSRP43' 
# 
_entity_poly.entity_id                      1 
_entity_poly.type                           'polypeptide(L)' 
_entity_poly.nstd_linkage                   no 
_entity_poly.nstd_monomer                   no 
_entity_poly.pdbx_seq_one_letter_code       YAVAESVIGKRVGDDGKTIEYLVKWTDMSDATWEPQDNVDSTLVLLYQQQ 
_entity_poly.pdbx_seq_one_letter_code_can   YAVAESVIGKRVGDDGKTIEYLVKWTDMSDATWEPQDNVDSTLVLLYQQQ 
_entity_poly.pdbx_strand_id                 A 
_entity_poly.pdbx_target_identifier         ? 
# 
loop_
_pdbx_entity_nonpoly.entity_id 
_pdbx_entity_nonpoly.name 
_pdbx_entity_nonpoly.comp_id 
2 'MAGNESIUM ION' MG  
3 water           HOH 
# 
loop_
_entity_poly_seq.entity_id 
_entity_poly_seq.num 
_entity_poly_seq.mon_id 
_entity_poly_seq.hetero 
1 1  TYR n 
1 2  ALA n 
1 3  VAL n 
1 4  ALA n 
1 5  GLU n 
1 6  SER n 
1 7  VAL n 
1 8  ILE n 
1 9  GLY n 
1 10 LYS n 
1 11 ARG n 
1 12 VAL n 
1 13 GLY n 
1 14 ASP n 
1 15 ASP n 
1 16 GLY n 
1 17 LYS n 
1 18 THR n 
1 19 ILE n 
1 20 GLU n 
1 21 TYR n 
1 22 LEU n 
1 23 VAL n 
1 24 LYS n 
1 25 TRP n 
1 26 THR n 
1 27 ASP n 
1 28 MET n 
1 29 SER n 
1 30 ASP n 
1 31 ALA n 
1 32 THR n 
1 33 TRP n 
1 34 GLU n 
1 35 PRO n 
1 36 GLN n 
1 37 ASP n 
1 38 ASN n 
1 39 VAL n 
1 40 ASP n 
1 41 SER n 
1 42 THR n 
1 43 LEU n 
1 44 VAL n 
1 45 LEU n 
1 46 LEU n 
1 47 TYR n 
1 48 GLN n 
1 49 GLN n 
1 50 GLN n 
# 
_entity_src_gen.entity_id                          1 
_entity_src_gen.pdbx_src_id                        1 
_entity_src_gen.pdbx_alt_source_flag               sample 
_entity_src_gen.pdbx_seq_type                      'Biological sequence' 
_entity_src_gen.pdbx_beg_seq_num                   1 
_entity_src_gen.pdbx_end_seq_num                   50 
_entity_src_gen.gene_src_common_name               'Mouse-ear cress' 
_entity_src_gen.gene_src_genus                     ? 
_entity_src_gen.pdbx_gene_src_gene                 'CAO, CPSRP43, At2g47450, T30B22.25' 
_entity_src_gen.gene_src_species                   ? 
_entity_src_gen.gene_src_strain                    ? 
_entity_src_gen.gene_src_tissue                    ? 
_entity_src_gen.gene_src_tissue_fraction           ? 
_entity_src_gen.gene_src_details                   ? 
_entity_src_gen.pdbx_gene_src_fragment             ? 
_entity_src_gen.pdbx_gene_src_scientific_name      'Arabidopsis thaliana' 
_entity_src_gen.pdbx_gene_src_ncbi_taxonomy_id     3702 
_entity_src_gen.pdbx_gene_src_variant              ? 
_entity_src_gen.pdbx_gene_src_cell_line            ? 
_entity_src_gen.pdbx_gene_src_atcc                 ? 
_entity_src_gen.pdbx_gene_src_organ                ? 
_entity_src_gen.pdbx_gene_src_organelle            ? 
_entity_src_gen.pdbx_gene_src_cell                 ? 
_entity_src_gen.pdbx_gene_src_cellular_location    ? 
_entity_src_gen.host_org_common_name               ? 
_entity_src_gen.pdbx_host_org_scientific_name      'Escherichia coli' 
_entity_src_gen.pdbx_host_org_ncbi_taxonomy_id     562 
_entity_src_gen.host_org_genus                     ? 
_entity_src_gen.pdbx_host_org_gene                 ? 
_entity_src_gen.pdbx_host_org_organ                ? 
_entity_src_gen.host_org_species                   ? 
_entity_src_gen.pdbx_host_org_tissue               ? 
_entity_src_gen.pdbx_host_org_tissue_fraction      ? 
_entity_src_gen.pdbx_host_org_strain               ? 
_entity_src_gen.pdbx_host_org_variant              ? 
_entity_src_gen.pdbx_host_org_cell_line            ? 
_entity_src_gen.pdbx_host_org_atcc                 ? 
_entity_src_gen.pdbx_host_org_culture_collection   ? 
_entity_src_gen.pdbx_host_org_cell                 ? 
_entity_src_gen.pdbx_host_org_organelle            ? 
_entity_src_gen.pdbx_host_org_cellular_location    ? 
_entity_src_gen.pdbx_host_org_vector_type          ? 
_entity_src_gen.pdbx_host_org_vector               ? 
_entity_src_gen.host_org_details                   ? 
_entity_src_gen.expression_system_id               ? 
_entity_src_gen.plasmid_name                       ? 
_entity_src_gen.plasmid_details                    ? 
_entity_src_gen.pdbx_description                   ? 
# 
loop_
_chem_comp.id 
_chem_comp.type 
_chem_comp.mon_nstd_flag 
_chem_comp.name 
_chem_comp.pdbx_synonyms 
_chem_comp.formula 
_chem_comp.formula_weight 
ALA 'L-peptide linking' y ALANINE         ? 'C3 H7 N O2'     89.093  
ARG 'L-peptide linking' y ARGININE        ? 'C6 H15 N4 O2 1' 175.209 
ASN 'L-peptide linking' y ASPARAGINE      ? 'C4 H8 N2 O3'    132.118 
ASP 'L-peptide linking' y 'ASPARTIC ACID' ? 'C4 H7 N O4'     133.103 
GLN 'L-peptide linking' y GLUTAMINE       ? 'C5 H10 N2 O3'   146.144 
GLU 'L-peptide linking' y 'GLUTAMIC ACID' ? 'C5 H9 N O4'     147.129 
GLY 'peptide linking'   y GLYCINE         ? 'C2 H5 N O2'     75.067  
HOH non-polymer         . WATER           ? 'H2 O'           18.015  
ILE 'L-peptide linking' y ISOLEUCINE      ? 'C6 H13 N O2'    131.173 
LEU 'L-peptide linking' y LEUCINE         ? 'C6 H13 N O2'    131.173 
LYS 'L-peptide linking' y LYSINE          ? 'C6 H15 N2 O2 1' 147.195 
MET 'L-peptide linking' y METHIONINE      ? 'C5 H11 N O2 S'  149.211 
MG  non-polymer         . 'MAGNESIUM ION' ? 'Mg 2'           24.305  
PRO 'L-peptide linking' y PROLINE         ? 'C5 H9 N O2'     115.130 
SER 'L-peptide linking' y SERINE          ? 'C3 H7 N O3'     105.093 
THR 'L-peptide linking' y THREONINE       ? 'C4 H9 N O3'     119.119 
TRP 'L-peptide linking' y TRYPTOPHAN      ? 'C11 H12 N2 O2'  204.225 
TYR 'L-peptide linking' y TYROSINE        ? 'C9 H11 N O3'    181.189 
VAL 'L-peptide linking' y VALINE          ? 'C5 H11 N O2'    117.146 
# 
loop_
_pdbx_poly_seq_scheme.asym_id 
_pdbx_poly_seq_scheme.entity_id 
_pdbx_poly_seq_scheme.seq_id 
_pdbx_poly_seq_scheme.mon_id 
_pdbx_poly_seq_scheme.ndb_seq_num 
_pdbx_poly_seq_scheme.pdb_seq_num 
_pdbx_poly_seq_scheme.auth_seq_num 
_pdbx_poly_seq_scheme.pdb_mon_id 
_pdbx_poly_seq_scheme.auth_mon_id 
_pdbx_poly_seq_scheme.pdb_strand_id 
_pdbx_poly_seq_scheme.pdb_ins_code 
_pdbx_poly_seq_scheme.hetero 
A 1 1  TYR 1  319 1  TYR TYR A . n 
A 1 2  ALA 2  320 2  ALA ALA A . n 
A 1 3  VAL 3  321 3  VAL VAL A . n 
A 1 4  ALA 4  322 4  ALA ALA A . n 
A 1 5  GLU 5  323 5  GLU GLU A . n 
A 1 6  SER 6  324 6  SER SER A . n 
A 1 7  VAL 7  325 7  VAL VAL A . n 
A 1 8  ILE 8  326 8  ILE ILE A . n 
A 1 9  GLY 9  327 9  GLY GLY A . n 
A 1 10 LYS 10 328 10 LYS LYS A . n 
A 1 11 ARG 11 329 11 ARG ARG A . n 
A 1 12 VAL 12 330 12 VAL VAL A . n 
A 1 13 GLY 13 331 13 GLY GLY A . n 
A 1 14 ASP 14 332 14 ASP ASP A . n 
A 1 15 ASP 15 333 15 ASP ASP A . n 
A 1 16 GLY 16 334 16 GLY GLY A . n 
A 1 17 LYS 17 335 17 LYS LYS A . n 
A 1 18 THR 18 336 18 THR THR A . n 
A 1 19 ILE 19 337 19 ILE ILE A . n 
A 1 20 GLU 20 338 20 GLU GLU A . n 
A 1 21 TYR 21 339 21 TYR TYR A . n 
A 1 22 LEU 22 340 22 LEU LEU A . n 
A 1 23 VAL 23 341 23 VAL VAL A . n 
A 1 24 LYS 24 342 24 LYS LYS A . n 
A 1 25 TRP 25 343 25 TRP TRP A . n 
A 1 26 THR 26 344 26 THR THR A . n 
A 1 27 ASP 27 345 27 ASP ASP A . n 
A 1 28 MET 28 346 28 MET MET A . n 
A 1 29 SER 29 347 29 SER SER A . n 
A 1 30 ASP 30 348 30 ASP ASP A . n 
A 1 31 ALA 31 349 31 ALA ALA A . n 
A 1 32 THR 32 350 32 THR THR A . n 
A 1 33 TRP 33 351 33 TRP TRP A . n 
A 1 34 GLU 34 352 34 GLU GLU A . n 
A 1 35 PRO 35 353 35 PRO PRO A . n 
A 1 36 GLN 36 354 36 GLN GLN A . n 
A 1 37 ASP 37 355 37 ASP ASP A . n 
A 1 38 ASN 38 356 38 ASN ASN A . n 
A 1 39 VAL 39 357 39 VAL VAL A . n 
A 1 40 ASP 40 358 40 ASP ASP A . n 
A 1 41 SER 41 359 41 SER SER A . n 
A 1 42 THR 42 360 42 THR THR A . n 
A 1 43 LEU 43 361 43 LEU LEU A . n 
A 1 44 VAL 44 362 44 VAL VAL A . n 
A 1 45 LEU 45 363 45 LEU LEU A . n 
A 1 46 LEU 46 364 46 LEU LEU A . n 
A 1 47 TYR 47 365 47 TYR TYR A . n 
A 1 48 GLN 48 366 48 GLN GLN A . n 
A 1 49 GLN 49 367 49 GLN GLN A . n 
A 1 50 GLN 50 368 50 GLN GLN A . n 
# 
loop_
_pdbx_nonpoly_scheme.asym_id 
_pdbx_nonpoly_scheme.entity_id 
_pdbx_nonpoly_scheme.mon_id 
_pdbx_nonpoly_scheme.ndb_seq_num 
_pdbx_nonpoly_scheme.pdb_seq_num 
_pdbx_nonpoly_scheme.auth_seq_num 
_pdbx_nonpoly_scheme.pdb_mon_id 
_pdbx_nonpoly_scheme.auth_mon_id 
_pdbx_nonpoly_scheme.pdb_strand_id 
_pdbx_nonpoly_scheme.pdb_ins_code 
B 2 MG  1  101 1  MG  MG  A . 
C 3 HOH 1  201 14 HOH HOH A . 
C 3 HOH 2  202 12 HOH HOH A . 
C 3 HOH 3  203 9  HOH HOH A . 
C 3 HOH 4  204 11 HOH HOH A . 
C 3 HOH 5  205 7  HOH HOH A . 
C 3 HOH 6  206 3  HOH HOH A . 
C 3 HOH 7  207 16 HOH HOH A . 
C 3 HOH 8  208 1  HOH HOH A . 
C 3 HOH 9  209 2  HOH HOH A . 
C 3 HOH 10 210 8  HOH HOH A . 
C 3 HOH 11 211 15 HOH HOH A . 
C 3 HOH 12 212 6  HOH HOH A . 
C 3 HOH 13 213 10 HOH HOH A . 
C 3 HOH 14 214 4  HOH HOH A . 
C 3 HOH 15 215 5  HOH HOH A . 
C 3 HOH 16 216 13 HOH HOH A . 
# 
loop_
_software.citation_id 
_software.classification 
_software.compiler_name 
_software.compiler_version 
_software.contact_author 
_software.contact_author_email 
_software.date 
_software.description 
_software.dependencies 
_software.hardware 
_software.language 
_software.location 
_software.mods 
_software.name 
_software.os 
_software.os_version 
_software.type 
_software.version 
_software.pdbx_ordinal 
? refinement        ? ? ? ? ? ? ? ? ? ? ? PHENIX      ? ? ? .    1 
? 'data extraction' ? ? ? ? ? ? ? ? ? ? ? PDB_EXTRACT ? ? ? 3.15 2 
? 'data reduction'  ? ? ? ? ? ? ? ? ? ? ? XDS         ? ? ? .    3 
? 'data scaling'    ? ? ? ? ? ? ? ? ? ? ? Aimless     ? ? ? .    4 
? phasing           ? ? ? ? ? ? ? ? ? ? ? MOLREP      ? ? ? .    5 
# 
_cell.angle_alpha                  90.000 
_cell.angle_alpha_esd              ? 
_cell.angle_beta                   90.000 
_cell.angle_beta_esd               ? 
_cell.angle_gamma                  90.000 
_cell.angle_gamma_esd              ? 
_cell.entry_id                     5E4X 
_cell.details                      ? 
_cell.formula_units_Z              ? 
_cell.length_a                     103.860 
_cell.length_a_esd                 ? 
_cell.length_b                     103.860 
_cell.length_b_esd                 ? 
_cell.length_c                     103.860 
_cell.length_c_esd                 ? 
_cell.volume                       ? 
_cell.volume_esd                   ? 
_cell.Z_PDB                        48 
_cell.reciprocal_angle_alpha       ? 
_cell.reciprocal_angle_beta        ? 
_cell.reciprocal_angle_gamma       ? 
_cell.reciprocal_angle_alpha_esd   ? 
_cell.reciprocal_angle_beta_esd    ? 
_cell.reciprocal_angle_gamma_esd   ? 
_cell.reciprocal_length_a          ? 
_cell.reciprocal_length_b          ? 
_cell.reciprocal_length_c          ? 
_cell.reciprocal_length_a_esd      ? 
_cell.reciprocal_length_b_esd      ? 
_cell.reciprocal_length_c_esd      ? 
_cell.pdbx_unique_axis             ? 
# 
_symmetry.entry_id                         5E4X 
_symmetry.cell_setting                     ? 
_symmetry.Int_Tables_number                211 
_symmetry.space_group_name_Hall            ? 
_symmetry.space_group_name_H-M             'I 4 3 2' 
_symmetry.pdbx_full_space_group_name_H-M   ? 
# 
_exptl.absorpt_coefficient_mu     ? 
_exptl.absorpt_correction_T_max   ? 
_exptl.absorpt_correction_T_min   ? 
_exptl.absorpt_correction_type    ? 
_exptl.absorpt_process_details    ? 
_exptl.entry_id                   5E4X 
_exptl.crystals_number            1 
_exptl.details                    ? 
_exptl.method                     'X-RAY DIFFRACTION' 
_exptl.method_details             ? 
# 
_exptl_crystal.colour                      ? 
_exptl_crystal.density_diffrn              ? 
_exptl_crystal.density_Matthews            4.11 
_exptl_crystal.density_method              ? 
_exptl_crystal.density_percent_sol         70.06 
_exptl_crystal.description                 ? 
_exptl_crystal.F_000                       ? 
_exptl_crystal.id                          1 
_exptl_crystal.preparation                 ? 
_exptl_crystal.size_max                    ? 
_exptl_crystal.size_mid                    ? 
_exptl_crystal.size_min                    ? 
_exptl_crystal.size_rad                    ? 
_exptl_crystal.colour_lustre               ? 
_exptl_crystal.colour_modifier             ? 
_exptl_crystal.colour_primary              ? 
_exptl_crystal.density_meas                ? 
_exptl_crystal.density_meas_esd            ? 
_exptl_crystal.density_meas_gt             ? 
_exptl_crystal.density_meas_lt             ? 
_exptl_crystal.density_meas_temp           ? 
_exptl_crystal.density_meas_temp_esd       ? 
_exptl_crystal.density_meas_temp_gt        ? 
_exptl_crystal.density_meas_temp_lt        ? 
_exptl_crystal.pdbx_crystal_image_url      ? 
_exptl_crystal.pdbx_crystal_image_format   ? 
_exptl_crystal.pdbx_mosaicity              ? 
_exptl_crystal.pdbx_mosaicity_esd          ? 
# 
_exptl_crystal_grow.apparatus       ? 
_exptl_crystal_grow.atmosphere      ? 
_exptl_crystal_grow.crystal_id      1 
_exptl_crystal_grow.details         ? 
_exptl_crystal_grow.method          'VAPOR DIFFUSION, SITTING DROP' 
_exptl_crystal_grow.method_ref      ? 
_exptl_crystal_grow.pH              7.5 
_exptl_crystal_grow.pressure        ? 
_exptl_crystal_grow.pressure_esd    ? 
_exptl_crystal_grow.seeding         ? 
_exptl_crystal_grow.seeding_ref     ? 
_exptl_crystal_grow.temp            277.15 
_exptl_crystal_grow.temp_details    ? 
_exptl_crystal_grow.temp_esd        ? 
_exptl_crystal_grow.time            ? 
_exptl_crystal_grow.pdbx_details    '25% PEG 3350, 0.1 M Hepes pH 7.5, 0.2 M MgCl2' 
_exptl_crystal_grow.pdbx_pH_range   ? 
# 
_diffrn.ambient_environment    ? 
_diffrn.ambient_temp           100 
_diffrn.ambient_temp_details   ? 
_diffrn.ambient_temp_esd       ? 
_diffrn.crystal_id             1 
_diffrn.crystal_support        ? 
_diffrn.crystal_treatment      ? 
_diffrn.details                ? 
_diffrn.id                     1 
_diffrn.ambient_pressure       ? 
_diffrn.ambient_pressure_esd   ? 
_diffrn.ambient_pressure_gt    ? 
_diffrn.ambient_pressure_lt    ? 
_diffrn.ambient_temp_gt        ? 
_diffrn.ambient_temp_lt        ? 
# 
_diffrn_detector.details                      ? 
_diffrn_detector.detector                     PIXEL 
_diffrn_detector.diffrn_id                    1 
_diffrn_detector.type                         'DECTRIS PILATUS 6M' 
_diffrn_detector.area_resol_mean              ? 
_diffrn_detector.dtime                        ? 
_diffrn_detector.pdbx_frames_total            ? 
_diffrn_detector.pdbx_collection_time_total   ? 
_diffrn_detector.pdbx_collection_date         2013-12-09 
# 
_diffrn_radiation.collimation                      ? 
_diffrn_radiation.diffrn_id                        1 
_diffrn_radiation.filter_edge                      ? 
_diffrn_radiation.inhomogeneity                    ? 
_diffrn_radiation.monochromator                    ? 
_diffrn_radiation.polarisn_norm                    ? 
_diffrn_radiation.polarisn_ratio                   ? 
_diffrn_radiation.probe                            ? 
_diffrn_radiation.type                             ? 
_diffrn_radiation.xray_symbol                      ? 
_diffrn_radiation.wavelength_id                    1 
_diffrn_radiation.pdbx_monochromatic_or_laue_m_l   M 
_diffrn_radiation.pdbx_wavelength_list             ? 
_diffrn_radiation.pdbx_wavelength                  ? 
_diffrn_radiation.pdbx_diffrn_protocol             'SINGLE WAVELENGTH' 
_diffrn_radiation.pdbx_analyzer                    ? 
_diffrn_radiation.pdbx_scattering_type             x-ray 
# 
_diffrn_radiation_wavelength.id           1 
_diffrn_radiation_wavelength.wavelength   1.033 
_diffrn_radiation_wavelength.wt           1.0 
# 
_diffrn_source.current                     ? 
_diffrn_source.details                     ? 
_diffrn_source.diffrn_id                   1 
_diffrn_source.power                       ? 
_diffrn_source.size                        ? 
_diffrn_source.source                      SYNCHROTRON 
_diffrn_source.target                      ? 
_diffrn_source.type                        'ESRF BEAMLINE ID29' 
_diffrn_source.voltage                     ? 
_diffrn_source.take-off_angle              ? 
_diffrn_source.pdbx_wavelength_list        1.033 
_diffrn_source.pdbx_wavelength             ? 
_diffrn_source.pdbx_synchrotron_beamline   ID29 
_diffrn_source.pdbx_synchrotron_site       ESRF 
# 
_reflns.B_iso_Wilson_estimate            ? 
_reflns.entry_id                         5E4X 
_reflns.data_reduction_details           ? 
_reflns.data_reduction_method            ? 
_reflns.d_resolution_high                2.75 
_reflns.d_resolution_low                 42.4 
_reflns.details                          ? 
_reflns.limit_h_max                      ? 
_reflns.limit_h_min                      ? 
_reflns.limit_k_max                      ? 
_reflns.limit_k_min                      ? 
_reflns.limit_l_max                      ? 
_reflns.limit_l_min                      ? 
_reflns.number_all                       ? 
_reflns.number_obs                       2708 
_reflns.observed_criterion               ? 
_reflns.observed_criterion_F_max         ? 
_reflns.observed_criterion_F_min         ? 
_reflns.observed_criterion_I_max         ? 
_reflns.observed_criterion_I_min         ? 
_reflns.observed_criterion_sigma_F       ? 
_reflns.observed_criterion_sigma_I       ? 
_reflns.percent_possible_obs             100.0 
_reflns.R_free_details                   ? 
_reflns.Rmerge_F_all                     ? 
_reflns.Rmerge_F_obs                     ? 
_reflns.Friedel_coverage                 ? 
_reflns.number_gt                        ? 
_reflns.threshold_expression             ? 
_reflns.pdbx_redundancy                  48.8 
_reflns.pdbx_Rmerge_I_obs                0.257 
_reflns.pdbx_Rmerge_I_all                ? 
_reflns.pdbx_Rsym_value                  ? 
_reflns.pdbx_netI_over_av_sigmaI         ? 
_reflns.pdbx_netI_over_sigmaI            23.7 
_reflns.pdbx_res_netI_over_av_sigmaI_2   ? 
_reflns.pdbx_res_netI_over_sigmaI_2      ? 
_reflns.pdbx_chi_squared                 ? 
_reflns.pdbx_scaling_rejects             ? 
_reflns.pdbx_d_res_high_opt              ? 
_reflns.pdbx_d_res_low_opt               ? 
_reflns.pdbx_d_res_opt_method            ? 
_reflns.phase_calculation_details        ? 
_reflns.pdbx_Rrim_I_all                  ? 
_reflns.pdbx_Rpim_I_all                  ? 
_reflns.pdbx_d_opt                       ? 
_reflns.pdbx_number_measured_all         ? 
_reflns.pdbx_diffrn_id                   1 
_reflns.pdbx_ordinal                     1 
_reflns.pdbx_CC_half                     ? 
_reflns.pdbx_R_split                     ? 
# 
_reflns_shell.Rmerge_F_all                ? 
_reflns_shell.Rmerge_F_gt                 ? 
_reflns_shell.Rmerge_F_obs                ? 
_reflns_shell.Rmerge_I_all                ? 
_reflns_shell.Rmerge_I_gt                 ? 
_reflns_shell.Rmerge_I_obs                2.462 
_reflns_shell.d_res_high                  2.75 
_reflns_shell.d_res_low                   2.9 
_reflns_shell.meanI_over_sigI_all         ? 
_reflns_shell.meanI_over_sigI_gt          ? 
_reflns_shell.meanI_over_sigI_obs         ? 
_reflns_shell.meanI_over_uI_all           ? 
_reflns_shell.meanI_over_uI_gt            ? 
_reflns_shell.number_measured_all         ? 
_reflns_shell.number_measured_gt          ? 
_reflns_shell.number_measured_obs         ? 
_reflns_shell.number_possible             ? 
_reflns_shell.number_unique_all           ? 
_reflns_shell.number_unique_gt            ? 
_reflns_shell.number_unique_obs           ? 
_reflns_shell.pdbx_CC_half                ? 
_reflns_shell.pdbx_R_split                ? 
_reflns_shell.pdbx_Rpim_I_all             ? 
_reflns_shell.pdbx_Rrim_I_all             ? 
_reflns_shell.pdbx_Rsym_value             ? 
_reflns_shell.pdbx_chi_squared            ? 
_reflns_shell.pdbx_diffrn_id              1 
_reflns_shell.pdbx_netI_over_sigmaI_all   ? 
_reflns_shell.pdbx_netI_over_sigmaI_obs   ? 
_reflns_shell.pdbx_ordinal                1 
_reflns_shell.pdbx_redundancy             ? 
_reflns_shell.pdbx_rejects                ? 
_reflns_shell.percent_possible_all        ? 
_reflns_shell.percent_possible_gt         ? 
_reflns_shell.percent_possible_obs        ? 
# 
_refine.aniso_B[1][1]                            ? 
_refine.aniso_B[1][2]                            ? 
_refine.aniso_B[1][3]                            ? 
_refine.aniso_B[2][2]                            ? 
_refine.aniso_B[2][3]                            ? 
_refine.aniso_B[3][3]                            ? 
_refine.B_iso_max                                215.110 
_refine.B_iso_mean                               109.61 
_refine.B_iso_min                                53.450 
_refine.correlation_coeff_Fo_to_Fc               ? 
_refine.correlation_coeff_Fo_to_Fc_free          ? 
_refine.details                                  ? 
_refine.diff_density_max                         ? 
_refine.diff_density_max_esd                     ? 
_refine.diff_density_min                         ? 
_refine.diff_density_min_esd                     ? 
_refine.diff_density_rms                         ? 
_refine.diff_density_rms_esd                     ? 
_refine.entry_id                                 5E4X 
_refine.pdbx_refine_id                           'X-RAY DIFFRACTION' 
_refine.ls_abs_structure_details                 ? 
_refine.ls_abs_structure_Flack                   ? 
_refine.ls_abs_structure_Flack_esd               ? 
_refine.ls_abs_structure_Rogers                  ? 
_refine.ls_abs_structure_Rogers_esd              ? 
_refine.ls_d_res_high                            2.75 
_refine.ls_d_res_low                             42.4 
_refine.ls_extinction_coef                       ? 
_refine.ls_extinction_coef_esd                   ? 
_refine.ls_extinction_expression                 ? 
_refine.ls_extinction_method                     ? 
_refine.ls_goodness_of_fit_all                   ? 
_refine.ls_goodness_of_fit_all_esd               ? 
_refine.ls_goodness_of_fit_obs                   ? 
_refine.ls_goodness_of_fit_obs_esd               ? 
_refine.ls_hydrogen_treatment                    ? 
_refine.ls_matrix_type                           ? 
_refine.ls_number_constraints                    ? 
_refine.ls_number_parameters                     ? 
_refine.ls_number_reflns_all                     ? 
_refine.ls_number_reflns_obs                     2703 
_refine.ls_number_reflns_R_free                  246 
_refine.ls_number_reflns_R_work                  4488 
_refine.ls_number_restraints                     ? 
_refine.ls_percent_reflns_obs                    99.8100 
_refine.ls_percent_reflns_R_free                 5.2000 
_refine.ls_R_factor_all                          ? 
_refine.ls_R_factor_obs                          0.2484 
_refine.ls_R_factor_R_free                       0.2795 
_refine.ls_R_factor_R_free_error                 ? 
_refine.ls_R_factor_R_free_error_details         ? 
_refine.ls_R_factor_R_work                       0.2466 
_refine.ls_R_Fsqd_factor_obs                     ? 
_refine.ls_R_I_factor_obs                        ? 
_refine.ls_redundancy_reflns_all                 ? 
_refine.ls_redundancy_reflns_obs                 ? 
_refine.ls_restrained_S_all                      ? 
_refine.ls_restrained_S_obs                      ? 
_refine.ls_shift_over_esd_max                    ? 
_refine.ls_shift_over_esd_mean                   ? 
_refine.ls_structure_factor_coef                 ? 
_refine.ls_weighting_details                     ? 
_refine.ls_weighting_scheme                      ? 
_refine.ls_wR_factor_all                         ? 
_refine.ls_wR_factor_obs                         ? 
_refine.ls_wR_factor_R_free                      ? 
_refine.ls_wR_factor_R_work                      ? 
_refine.occupancy_max                            ? 
_refine.occupancy_min                            ? 
_refine.solvent_model_details                    'FLAT BULK SOLVENT MODEL' 
_refine.solvent_model_param_bsol                 ? 
_refine.solvent_model_param_ksol                 ? 
_refine.ls_R_factor_gt                           ? 
_refine.ls_goodness_of_fit_gt                    ? 
_refine.ls_goodness_of_fit_ref                   ? 
_refine.ls_shift_over_su_max                     ? 
_refine.ls_shift_over_su_max_lt                  ? 
_refine.ls_shift_over_su_mean                    ? 
_refine.ls_shift_over_su_mean_lt                 ? 
_refine.pdbx_ls_sigma_I                          ? 
_refine.pdbx_ls_sigma_F                          0.810 
_refine.pdbx_ls_sigma_Fsqd                       ? 
_refine.pdbx_data_cutoff_high_absF               ? 
_refine.pdbx_data_cutoff_high_rms_absF           ? 
_refine.pdbx_data_cutoff_low_absF                ? 
_refine.pdbx_isotropic_thermal_model             ? 
_refine.pdbx_ls_cross_valid_method               'FREE R-VALUE' 
_refine.pdbx_method_to_determine_struct          'MOLECULAR REPLACEMENT' 
_refine.pdbx_starting_model                      2n88 
_refine.pdbx_stereochemistry_target_values       ML 
_refine.pdbx_R_Free_selection_details            ? 
_refine.pdbx_stereochem_target_val_spec_case     ? 
_refine.pdbx_overall_ESU_R                       ? 
_refine.pdbx_overall_ESU_R_Free                  ? 
_refine.pdbx_solvent_vdw_probe_radii             1.1100 
_refine.pdbx_solvent_ion_probe_radii             ? 
_refine.pdbx_solvent_shrinkage_radii             0.9000 
_refine.pdbx_real_space_R                        ? 
_refine.pdbx_density_correlation                 ? 
_refine.pdbx_pd_number_of_powder_patterns        ? 
_refine.pdbx_pd_number_of_points                 ? 
_refine.pdbx_pd_meas_number_of_points            ? 
_refine.pdbx_pd_proc_ls_prof_R_factor            ? 
_refine.pdbx_pd_proc_ls_prof_wR_factor           ? 
_refine.pdbx_pd_Marquardt_correlation_coeff      ? 
_refine.pdbx_pd_Fsqrd_R_factor                   ? 
_refine.pdbx_pd_ls_matrix_band_width             ? 
_refine.pdbx_overall_phase_error                 33.6300 
_refine.pdbx_overall_SU_R_free_Cruickshank_DPI   ? 
_refine.pdbx_overall_SU_R_free_Blow_DPI          ? 
_refine.pdbx_overall_SU_R_Blow_DPI               ? 
_refine.pdbx_TLS_residual_ADP_flag               ? 
_refine.pdbx_diffrn_id                           1 
_refine.overall_SU_B                             ? 
_refine.overall_SU_ML                            0.4800 
_refine.overall_SU_R_Cruickshank_DPI             ? 
_refine.overall_SU_R_free                        ? 
_refine.overall_FOM_free_R_set                   ? 
_refine.overall_FOM_work_R_set                   0.7103 
_refine.pdbx_average_fsc_overall                 ? 
_refine.pdbx_average_fsc_work                    ? 
_refine.pdbx_average_fsc_free                    ? 
# 
_refine_hist.cycle_id                         final 
_refine_hist.pdbx_refine_id                   'X-RAY DIFFRACTION' 
_refine_hist.d_res_high                       2.75 
_refine_hist.d_res_low                        42.4 
_refine_hist.pdbx_number_atoms_ligand         1 
_refine_hist.number_atoms_solvent             16 
_refine_hist.number_atoms_total               416 
_refine_hist.pdbx_number_residues_total       50 
_refine_hist.pdbx_B_iso_mean_ligand           70.38 
_refine_hist.pdbx_B_iso_mean_solvent          90.34 
_refine_hist.pdbx_number_atoms_protein        399 
_refine_hist.pdbx_number_atoms_nucleic_acid   0 
# 
loop_
_refine_ls_restr.pdbx_refine_id 
_refine_ls_restr.criterion 
_refine_ls_restr.dev_ideal 
_refine_ls_restr.dev_ideal_target 
_refine_ls_restr.number 
_refine_ls_restr.rejects 
_refine_ls_restr.type 
_refine_ls_restr.weight 
_refine_ls_restr.pdbx_restraint_function 
'X-RAY DIFFRACTION' ? 0.004  ? 406 ? f_bond_d           ? ? 
'X-RAY DIFFRACTION' ? 0.779  ? 553 ? f_angle_d          ? ? 
'X-RAY DIFFRACTION' ? 0.028  ? 63  ? f_chiral_restr     ? ? 
'X-RAY DIFFRACTION' ? 0.002  ? 70  ? f_plane_restr      ? ? 
'X-RAY DIFFRACTION' ? 14.417 ? 145 ? f_dihedral_angle_d ? ? 
# 
loop_
_refine_ls_shell.pdbx_refine_id 
_refine_ls_shell.d_res_high 
_refine_ls_shell.d_res_low 
_refine_ls_shell.number_reflns_all 
_refine_ls_shell.number_reflns_obs 
_refine_ls_shell.number_reflns_R_free 
_refine_ls_shell.number_reflns_R_work 
_refine_ls_shell.percent_reflns_obs 
_refine_ls_shell.percent_reflns_R_free 
_refine_ls_shell.R_factor_all 
_refine_ls_shell.R_factor_obs 
_refine_ls_shell.R_factor_R_free 
_refine_ls_shell.R_factor_R_free_error 
_refine_ls_shell.R_factor_R_work 
_refine_ls_shell.redundancy_reflns_all 
_refine_ls_shell.redundancy_reflns_obs 
_refine_ls_shell.wR_factor_all 
_refine_ls_shell.wR_factor_obs 
_refine_ls_shell.wR_factor_R_free 
_refine_ls_shell.wR_factor_R_work 
_refine_ls_shell.pdbx_total_number_of_bins_used 
_refine_ls_shell.pdbx_phase_error 
_refine_ls_shell.pdbx_fsc_work 
_refine_ls_shell.pdbx_fsc_free 
'X-RAY DIFFRACTION' 2.7504 3.4649 . . 115 2248 100.0000 . . . 0.3883 . 0.2866 . . . . . . . . . . 
'X-RAY DIFFRACTION' 3.4649 42.4   . . 131 2240 100.0000 . . . 0.2561 . 0.2352 . . . . . . . . . . 
# 
_struct.entry_id                     5E4X 
_struct.title                        'Crystal structure of cpSRP43 chromodomain 3' 
_struct.pdbx_model_details           ? 
_struct.pdbx_formula_weight          ? 
_struct.pdbx_formula_weight_method   ? 
_struct.pdbx_model_type_details      ? 
_struct.pdbx_CASP_flag               ? 
# 
_struct_keywords.entry_id        5E4X 
_struct_keywords.text            'Signal recognition particle, cpSRP43, chromodomain 3, chloroplast, transport protein' 
_struct_keywords.pdbx_keywords   'TRANSPORT PROTEIN' 
# 
loop_
_struct_asym.id 
_struct_asym.pdbx_blank_PDB_chainid_flag 
_struct_asym.pdbx_modified 
_struct_asym.entity_id 
_struct_asym.details 
A N N 1 ? 
B N N 2 ? 
C N N 3 ? 
# 
_struct_ref.id                         1 
_struct_ref.db_name                    UNP 
_struct_ref.db_code                    SR43C_ARATH 
_struct_ref.pdbx_db_accession          O22265 
_struct_ref.pdbx_db_isoform            ? 
_struct_ref.entity_id                  1 
_struct_ref.pdbx_seq_one_letter_code   YAVAESVIGKRVGDDGKTIEYLVKWTDMSDATWEPQDNVDSTLVLLYQQQ 
_struct_ref.pdbx_align_begin           319 
# 
_struct_ref_seq.align_id                      1 
_struct_ref_seq.ref_id                        1 
_struct_ref_seq.pdbx_PDB_id_code              5E4X 
_struct_ref_seq.pdbx_strand_id                A 
_struct_ref_seq.seq_align_beg                 1 
_struct_ref_seq.pdbx_seq_align_beg_ins_code   ? 
_struct_ref_seq.seq_align_end                 50 
_struct_ref_seq.pdbx_seq_align_end_ins_code   ? 
_struct_ref_seq.pdbx_db_accession             O22265 
_struct_ref_seq.db_align_beg                  319 
_struct_ref_seq.pdbx_db_align_beg_ins_code    ? 
_struct_ref_seq.db_align_end                  368 
_struct_ref_seq.pdbx_db_align_end_ins_code    ? 
_struct_ref_seq.pdbx_auth_seq_align_beg       319 
_struct_ref_seq.pdbx_auth_seq_align_end       368 
# 
_pdbx_struct_assembly.id                   1 
_pdbx_struct_assembly.details              author_and_software_defined_assembly 
_pdbx_struct_assembly.method_details       PISA 
_pdbx_struct_assembly.oligomeric_details   octameric 
_pdbx_struct_assembly.oligomeric_count     8 
# 
loop_
_pdbx_struct_assembly_prop.biol_id 
_pdbx_struct_assembly_prop.type 
_pdbx_struct_assembly_prop.value 
_pdbx_struct_assembly_prop.details 
1 'ABSA (A^2)' 16000 ? 
1 MORE         -169  ? 
1 'SSA (A^2)'  25760 ? 
# 
_pdbx_struct_assembly_gen.assembly_id       1 
_pdbx_struct_assembly_gen.oper_expression   1,2,3,4,5,6,7,8 
_pdbx_struct_assembly_gen.asym_id_list      A,B,C 
# 
loop_
_pdbx_struct_oper_list.id 
_pdbx_struct_oper_list.type 
_pdbx_struct_oper_list.name 
_pdbx_struct_oper_list.symmetry_operation 
_pdbx_struct_oper_list.matrix[1][1] 
_pdbx_struct_oper_list.matrix[1][2] 
_pdbx_struct_oper_list.matrix[1][3] 
_pdbx_struct_oper_list.vector[1] 
_pdbx_struct_oper_list.matrix[2][1] 
_pdbx_struct_oper_list.matrix[2][2] 
_pdbx_struct_oper_list.matrix[2][3] 
_pdbx_struct_oper_list.vector[2] 
_pdbx_struct_oper_list.matrix[3][1] 
_pdbx_struct_oper_list.matrix[3][2] 
_pdbx_struct_oper_list.matrix[3][3] 
_pdbx_struct_oper_list.vector[3] 
1 'identity operation'         1_555  x,y,z      1.0000000000  0.0000000000  0.0000000000  0.0000000000   0.0000000000  1.0000000000  0.0000000000  0.0000000000   0.0000000000  0.0000000000  1.0000000000  0.0000000000   
2 'crystal symmetry operation' 2_555  -x,-y,z    -0.1704958540 0.9563098043  0.2374925725  18.3204893399  0.9563098043  0.1025001456  0.2737978787  -16.7578842023 0.2374925725  0.2737978787  -0.9320042916 3.4898232338   
3 'crystal symmetry operation' 3_556  -x,y,-z+1  -0.9903364735 0.0254734122  -0.1363259862 5.5496562680   0.0254734122  -0.9328511459 -0.3593603274 -30.9428962219 -0.1363259862 -0.3593603274 0.9231876194  -5.3884950420  
4 'crystal symmetry operation' 4_556  x,-y,-z+1  0.1608323275  -0.9817832165 -0.1011665863 -13.4964266244 -0.9817832165 -0.1696489997 0.0855624487  -16.0977033835 -0.1011665863 0.0855624487  -0.9911833277 1.3578265365   
5 'crystal symmetry operation' 13_556 y,x,-z+1   -0.5206658774 -0.5729625262 0.6329462755  -5.1092134920  -0.5729625262 -0.3151206207 -0.7565797632 -19.5920354937 0.6329462755  -0.7565797632 -0.1642135020 -13.8660769830 
6 'crystal symmetry operation' 14_556 -y,-x,-z+1 -0.3088382686 -0.3833472781 -0.8704388480 -2.8375568644  -0.3833472781 -0.7873795250 0.4827818845  -27.4485641116 -0.8704388480 0.4827818845  0.0962177936  9.8354084775   
7 'crystal symmetry operation' 15_555 y,-x,z     0.4147520730  0.2937698318  0.8612084555  6.3197619767   0.6625399725  0.5512500728  -0.5071135396 -8.9442096034  -0.6237158830 0.7809114183  0.0339978542  13.9421900190  
8 'crystal symmetry operation' 16_555 -y,x,z     0.4147520730  0.6625399725  -0.6237158830 12.0007273632  0.2937698318  0.5512500728  0.7809114183  -7.8136745989  0.8612084555  -0.5071135396 0.0339978542  -10.4523667852   
# 
_struct_conf.conf_type_id            HELX_P 
_struct_conf.id                      HELX_P1 
_struct_conf.pdbx_PDB_helix_id       AA1 
_struct_conf.beg_label_comp_id       ASP 
_struct_conf.beg_label_asym_id       A 
_struct_conf.beg_label_seq_id        40 
_struct_conf.pdbx_beg_PDB_ins_code   ? 
_struct_conf.end_label_comp_id       GLN 
_struct_conf.end_label_asym_id       A 
_struct_conf.end_label_seq_id        50 
_struct_conf.pdbx_end_PDB_ins_code   ? 
_struct_conf.beg_auth_comp_id        ASP 
_struct_conf.beg_auth_asym_id        A 
_struct_conf.beg_auth_seq_id         358 
_struct_conf.end_auth_comp_id        GLN 
_struct_conf.end_auth_asym_id        A 
_struct_conf.end_auth_seq_id         368 
_struct_conf.pdbx_PDB_helix_class    1 
_struct_conf.details                 ? 
_struct_conf.pdbx_PDB_helix_length   11 
# 
_struct_conf_type.id          HELX_P 
_struct_conf_type.criteria    ? 
_struct_conf_type.reference   ? 
# 
loop_
_struct_conn.id 
_struct_conn.conn_type_id 
_struct_conn.pdbx_leaving_atom_flag 
_struct_conn.pdbx_PDB_id 
_struct_conn.ptnr1_label_asym_id 
_struct_conn.ptnr1_label_comp_id 
_struct_conn.ptnr1_label_seq_id 
_struct_conn.ptnr1_label_atom_id 
_struct_conn.pdbx_ptnr1_label_alt_id 
_struct_conn.pdbx_ptnr1_PDB_ins_code 
_struct_conn.pdbx_ptnr1_standard_comp_id 
_struct_conn.ptnr1_symmetry 
_struct_conn.ptnr2_label_asym_id 
_struct_conn.ptnr2_label_comp_id 
_struct_conn.ptnr2_label_seq_id 
_struct_conn.ptnr2_label_atom_id 
_struct_conn.pdbx_ptnr2_label_alt_id 
_struct_conn.pdbx_ptnr2_PDB_ins_code 
_struct_conn.ptnr1_auth_asym_id 
_struct_conn.ptnr1_auth_comp_id 
_struct_conn.ptnr1_auth_seq_id 
_struct_conn.ptnr2_auth_asym_id 
_struct_conn.ptnr2_auth_comp_id 
_struct_conn.ptnr2_auth_seq_id 
_struct_conn.ptnr2_symmetry 
_struct_conn.pdbx_ptnr3_label_atom_id 
_struct_conn.pdbx_ptnr3_label_seq_id 
_struct_conn.pdbx_ptnr3_label_comp_id 
_struct_conn.pdbx_ptnr3_label_asym_id 
_struct_conn.pdbx_ptnr3_label_alt_id 
_struct_conn.pdbx_ptnr3_PDB_ins_code 
_struct_conn.details 
_struct_conn.pdbx_dist_value 
_struct_conn.pdbx_value_order 
_struct_conn.pdbx_role 
metalc1 metalc ? ? B MG . MG ? ? ? 1_555 C HOH .  O   ? ? A MG 101 A HOH 205 1_555 ? ? ? ? ? ? ? 2.481 ? ? 
metalc2 metalc ? ? B MG . MG ? ? ? 1_555 C HOH .  O   ? ? A MG 101 A HOH 205 4_556 ? ? ? ? ? ? ? 2.481 ? ? 
metalc3 metalc ? ? B MG . MG ? ? ? 1_555 A ASP 27 OD1 ? ? A MG 101 A ASP 345 1_555 ? ? ? ? ? ? ? 1.970 ? ? 
metalc4 metalc ? ? B MG . MG ? ? ? 1_555 A ASP 27 OD2 ? ? A MG 101 A ASP 345 1_555 ? ? ? ? ? ? ? 2.416 ? ? 
metalc5 metalc ? ? B MG . MG ? ? ? 4_556 A ASP 27 OD1 ? ? A MG 101 A ASP 345 1_555 ? ? ? ? ? ? ? 1.970 ? ? 
metalc6 metalc ? ? B MG . MG ? ? ? 4_556 A ASP 27 OD2 ? ? A MG 101 A ASP 345 1_555 ? ? ? ? ? ? ? 2.416 ? ? 
metalc7 metalc ? ? B MG . MG ? ? ? 1_555 A SER 29 OG  ? ? A MG 101 A SER 347 1_555 ? ? ? ? ? ? ? 2.496 ? ? 
metalc8 metalc ? ? B MG . MG ? ? ? 4_556 A SER 29 OG  ? ? A MG 101 A SER 347 1_555 ? ? ? ? ? ? ? 2.496 ? ? 
# 
_struct_conn_type.id          metalc 
_struct_conn_type.criteria    ? 
_struct_conn_type.reference   ? 
# 
loop_
_pdbx_struct_conn_angle.id 
_pdbx_struct_conn_angle.ptnr1_label_atom_id 
_pdbx_struct_conn_angle.ptnr1_label_alt_id 
_pdbx_struct_conn_angle.ptnr1_label_asym_id 
_pdbx_struct_conn_angle.ptnr1_label_comp_id 
_pdbx_struct_conn_angle.ptnr1_label_seq_id 
_pdbx_struct_conn_angle.ptnr1_auth_atom_id 
_pdbx_struct_conn_angle.ptnr1_auth_asym_id 
_pdbx_struct_conn_angle.ptnr1_auth_comp_id 
_pdbx_struct_conn_angle.ptnr1_auth_seq_id 
_pdbx_struct_conn_angle.ptnr1_PDB_ins_code 
_pdbx_struct_conn_angle.ptnr1_symmetry 
_pdbx_struct_conn_angle.ptnr2_label_atom_id 
_pdbx_struct_conn_angle.ptnr2_label_alt_id 
_pdbx_struct_conn_angle.ptnr2_label_asym_id 
_pdbx_struct_conn_angle.ptnr2_label_comp_id 
_pdbx_struct_conn_angle.ptnr2_label_seq_id 
_pdbx_struct_conn_angle.ptnr2_auth_atom_id 
_pdbx_struct_conn_angle.ptnr2_auth_asym_id 
_pdbx_struct_conn_angle.ptnr2_auth_comp_id 
_pdbx_struct_conn_angle.ptnr2_auth_seq_id 
_pdbx_struct_conn_angle.ptnr2_PDB_ins_code 
_pdbx_struct_conn_angle.ptnr2_symmetry 
_pdbx_struct_conn_angle.ptnr3_label_atom_id 
_pdbx_struct_conn_angle.ptnr3_label_alt_id 
_pdbx_struct_conn_angle.ptnr3_label_asym_id 
_pdbx_struct_conn_angle.ptnr3_label_comp_id 
_pdbx_struct_conn_angle.ptnr3_label_seq_id 
_pdbx_struct_conn_angle.ptnr3_auth_atom_id 
_pdbx_struct_conn_angle.ptnr3_auth_asym_id 
_pdbx_struct_conn_angle.ptnr3_auth_comp_id 
_pdbx_struct_conn_angle.ptnr3_auth_seq_id 
_pdbx_struct_conn_angle.ptnr3_PDB_ins_code 
_pdbx_struct_conn_angle.ptnr3_symmetry 
_pdbx_struct_conn_angle.value 
_pdbx_struct_conn_angle.value_esd 
1  O   ? C HOH .  ? A HOH 205 ? 1_555 MG ? B MG . ? A MG 101 ? 1_555 O   ? C HOH .  ? A HOH 205 ? 4_556 0.0   ? 
2  O   ? C HOH .  ? A HOH 205 ? 1_555 MG ? B MG . ? A MG 101 ? 1_555 OD1 ? A ASP 27 ? A ASP 345 ? 1_555 63.0  ? 
3  O   ? C HOH .  ? A HOH 205 ? 4_556 MG ? B MG . ? A MG 101 ? 1_555 OD1 ? A ASP 27 ? A ASP 345 ? 1_555 63.0  ? 
4  O   ? C HOH .  ? A HOH 205 ? 1_555 MG ? B MG . ? A MG 101 ? 1_555 OD2 ? A ASP 27 ? A ASP 345 ? 1_555 121.9 ? 
5  O   ? C HOH .  ? A HOH 205 ? 4_556 MG ? B MG . ? A MG 101 ? 1_555 OD2 ? A ASP 27 ? A ASP 345 ? 1_555 121.9 ? 
6  OD1 ? A ASP 27 ? A ASP 345 ? 1_555 MG ? B MG . ? A MG 101 ? 1_555 OD2 ? A ASP 27 ? A ASP 345 ? 1_555 59.3  ? 
7  O   ? C HOH .  ? A HOH 205 ? 1_555 MG ? B MG . ? A MG 101 ? 1_555 OD1 ? A ASP 27 ? A ASP 345 ? 1_555 63.0  ? 
8  O   ? C HOH .  ? A HOH 205 ? 4_556 MG ? B MG . ? A MG 101 ? 1_555 OD1 ? A ASP 27 ? A ASP 345 ? 1_555 63.0  ? 
9  OD1 ? A ASP 27 ? A ASP 345 ? 1_555 MG ? B MG . ? A MG 101 ? 1_555 OD1 ? A ASP 27 ? A ASP 345 ? 1_555 0.0   ? 
10 OD2 ? A ASP 27 ? A ASP 345 ? 1_555 MG ? B MG . ? A MG 101 ? 1_555 OD1 ? A ASP 27 ? A ASP 345 ? 1_555 59.3  ? 
11 O   ? C HOH .  ? A HOH 205 ? 1_555 MG ? B MG . ? A MG 101 ? 1_555 OD2 ? A ASP 27 ? A ASP 345 ? 1_555 121.9 ? 
12 O   ? C HOH .  ? A HOH 205 ? 4_556 MG ? B MG . ? A MG 101 ? 1_555 OD2 ? A ASP 27 ? A ASP 345 ? 1_555 121.9 ? 
13 OD1 ? A ASP 27 ? A ASP 345 ? 1_555 MG ? B MG . ? A MG 101 ? 1_555 OD2 ? A ASP 27 ? A ASP 345 ? 1_555 59.3  ? 
14 OD2 ? A ASP 27 ? A ASP 345 ? 1_555 MG ? B MG . ? A MG 101 ? 1_555 OD2 ? A ASP 27 ? A ASP 345 ? 1_555 0.0   ? 
15 OD1 ? A ASP 27 ? A ASP 345 ? 1_555 MG ? B MG . ? A MG 101 ? 1_555 OD2 ? A ASP 27 ? A ASP 345 ? 1_555 59.3  ? 
16 O   ? C HOH .  ? A HOH 205 ? 1_555 MG ? B MG . ? A MG 101 ? 1_555 OG  ? A SER 29 ? A SER 347 ? 1_555 76.2  ? 
17 O   ? C HOH .  ? A HOH 205 ? 4_556 MG ? B MG . ? A MG 101 ? 1_555 OG  ? A SER 29 ? A SER 347 ? 1_555 76.2  ? 
18 OD1 ? A ASP 27 ? A ASP 345 ? 1_555 MG ? B MG . ? A MG 101 ? 1_555 OG  ? A SER 29 ? A SER 347 ? 1_555 88.2  ? 
19 OD2 ? A ASP 27 ? A ASP 345 ? 1_555 MG ? B MG . ? A MG 101 ? 1_555 OG  ? A SER 29 ? A SER 347 ? 1_555 107.2 ? 
20 OD1 ? A ASP 27 ? A ASP 345 ? 1_555 MG ? B MG . ? A MG 101 ? 1_555 OG  ? A SER 29 ? A SER 347 ? 1_555 88.2  ? 
21 OD2 ? A ASP 27 ? A ASP 345 ? 1_555 MG ? B MG . ? A MG 101 ? 1_555 OG  ? A SER 29 ? A SER 347 ? 1_555 107.2 ? 
22 O   ? C HOH .  ? A HOH 205 ? 1_555 MG ? B MG . ? A MG 101 ? 1_555 OG  ? A SER 29 ? A SER 347 ? 1_555 76.2  ? 
23 O   ? C HOH .  ? A HOH 205 ? 4_556 MG ? B MG . ? A MG 101 ? 1_555 OG  ? A SER 29 ? A SER 347 ? 1_555 76.2  ? 
24 OD1 ? A ASP 27 ? A ASP 345 ? 1_555 MG ? B MG . ? A MG 101 ? 1_555 OG  ? A SER 29 ? A SER 347 ? 1_555 88.2  ? 
25 OD2 ? A ASP 27 ? A ASP 345 ? 1_555 MG ? B MG . ? A MG 101 ? 1_555 OG  ? A SER 29 ? A SER 347 ? 1_555 107.2 ? 
26 OD1 ? A ASP 27 ? A ASP 345 ? 1_555 MG ? B MG . ? A MG 101 ? 1_555 OG  ? A SER 29 ? A SER 347 ? 1_555 88.2  ? 
27 OD2 ? A ASP 27 ? A ASP 345 ? 1_555 MG ? B MG . ? A MG 101 ? 1_555 OG  ? A SER 29 ? A SER 347 ? 1_555 107.2 ? 
28 OG  ? A SER 29 ? A SER 347 ? 1_555 MG ? B MG . ? A MG 101 ? 1_555 OG  ? A SER 29 ? A SER 347 ? 1_555 0.0   ? 
# 
_struct_sheet.id               AA1 
_struct_sheet.type             ? 
_struct_sheet.number_strands   2 
_struct_sheet.details          ? 
# 
_struct_sheet_order.sheet_id     AA1 
_struct_sheet_order.range_id_1   1 
_struct_sheet_order.range_id_2   2 
_struct_sheet_order.offset       ? 
_struct_sheet_order.sense        anti-parallel 
# 
loop_
_struct_sheet_range.sheet_id 
_struct_sheet_range.id 
_struct_sheet_range.beg_label_comp_id 
_struct_sheet_range.beg_label_asym_id 
_struct_sheet_range.beg_label_seq_id 
_struct_sheet_range.pdbx_beg_PDB_ins_code 
_struct_sheet_range.end_label_comp_id 
_struct_sheet_range.end_label_asym_id 
_struct_sheet_range.end_label_seq_id 
_struct_sheet_range.pdbx_end_PDB_ins_code 
_struct_sheet_range.beg_auth_comp_id 
_struct_sheet_range.beg_auth_asym_id 
_struct_sheet_range.beg_auth_seq_id 
_struct_sheet_range.end_auth_comp_id 
_struct_sheet_range.end_auth_asym_id 
_struct_sheet_range.end_auth_seq_id 
AA1 1 ALA A 4  ? VAL A 12 ? ALA A 322 VAL A 330 
AA1 2 ILE A 19 ? TRP A 25 ? ILE A 337 TRP A 343 
# 
_pdbx_struct_sheet_hbond.sheet_id                AA1 
_pdbx_struct_sheet_hbond.range_id_1              1 
_pdbx_struct_sheet_hbond.range_id_2              2 
_pdbx_struct_sheet_hbond.range_1_label_atom_id   N 
_pdbx_struct_sheet_hbond.range_1_label_comp_id   ARG 
_pdbx_struct_sheet_hbond.range_1_label_asym_id   A 
_pdbx_struct_sheet_hbond.range_1_label_seq_id    11 
_pdbx_struct_sheet_hbond.range_1_PDB_ins_code    ? 
_pdbx_struct_sheet_hbond.range_1_auth_atom_id    N 
_pdbx_struct_sheet_hbond.range_1_auth_comp_id    ARG 
_pdbx_struct_sheet_hbond.range_1_auth_asym_id    A 
_pdbx_struct_sheet_hbond.range_1_auth_seq_id     329 
_pdbx_struct_sheet_hbond.range_2_label_atom_id   O 
_pdbx_struct_sheet_hbond.range_2_label_comp_id   GLU 
_pdbx_struct_sheet_hbond.range_2_label_asym_id   A 
_pdbx_struct_sheet_hbond.range_2_label_seq_id    20 
_pdbx_struct_sheet_hbond.range_2_PDB_ins_code    ? 
_pdbx_struct_sheet_hbond.range_2_auth_atom_id    O 
_pdbx_struct_sheet_hbond.range_2_auth_comp_id    GLU 
_pdbx_struct_sheet_hbond.range_2_auth_asym_id    A 
_pdbx_struct_sheet_hbond.range_2_auth_seq_id     338 
# 
_struct_site.id                   AC1 
_struct_site.pdbx_evidence_code   Software 
_struct_site.pdbx_auth_asym_id    A 
_struct_site.pdbx_auth_comp_id    MG 
_struct_site.pdbx_auth_seq_id     101 
_struct_site.pdbx_auth_ins_code   ? 
_struct_site.pdbx_num_residues    6 
_struct_site.details              'binding site for residue MG A 101' 
# 
loop_
_struct_site_gen.id 
_struct_site_gen.site_id 
_struct_site_gen.pdbx_num_res 
_struct_site_gen.label_comp_id 
_struct_site_gen.label_asym_id 
_struct_site_gen.label_seq_id 
_struct_site_gen.pdbx_auth_ins_code 
_struct_site_gen.auth_comp_id 
_struct_site_gen.auth_asym_id 
_struct_site_gen.auth_seq_id 
_struct_site_gen.label_atom_id 
_struct_site_gen.label_alt_id 
_struct_site_gen.symmetry 
_struct_site_gen.details 
1 AC1 6 ASP A 27 ? ASP A 345 . ? 1_555 ? 
2 AC1 6 ASP A 27 ? ASP A 345 . ? 4_556 ? 
3 AC1 6 SER A 29 ? SER A 347 . ? 1_555 ? 
4 AC1 6 SER A 29 ? SER A 347 . ? 4_556 ? 
5 AC1 6 HOH C .  ? HOH A 205 . ? 4_556 ? 
6 AC1 6 HOH C .  ? HOH A 205 . ? 1_555 ? 
# 
loop_
_pdbx_struct_special_symmetry.id 
_pdbx_struct_special_symmetry.PDB_model_num 
_pdbx_struct_special_symmetry.auth_asym_id 
_pdbx_struct_special_symmetry.auth_comp_id 
_pdbx_struct_special_symmetry.auth_seq_id 
_pdbx_struct_special_symmetry.PDB_ins_code 
_pdbx_struct_special_symmetry.label_asym_id 
_pdbx_struct_special_symmetry.label_comp_id 
_pdbx_struct_special_symmetry.label_seq_id 
1 1 A MG  101 ? B MG  . 
2 1 A HOH 203 ? C HOH . 
3 1 A HOH 204 ? C HOH . 
4 1 A HOH 205 ? C HOH . 
5 1 A HOH 212 ? C HOH . 
6 1 A HOH 214 ? C HOH . 
7 1 A HOH 216 ? C HOH . 
# 
loop_
_pdbx_refine_tls.id 
_pdbx_refine_tls.pdbx_refine_id 
_pdbx_refine_tls.details 
_pdbx_refine_tls.method 
_pdbx_refine_tls.origin_x 
_pdbx_refine_tls.origin_y 
_pdbx_refine_tls.origin_z 
_pdbx_refine_tls.T[1][1] 
_pdbx_refine_tls.T[1][1]_esd 
_pdbx_refine_tls.T[1][2] 
_pdbx_refine_tls.T[1][2]_esd 
_pdbx_refine_tls.T[1][3] 
_pdbx_refine_tls.T[1][3]_esd 
_pdbx_refine_tls.T[2][2] 
_pdbx_refine_tls.T[2][2]_esd 
_pdbx_refine_tls.T[2][3] 
_pdbx_refine_tls.T[2][3]_esd 
_pdbx_refine_tls.T[3][3] 
_pdbx_refine_tls.T[3][3]_esd 
_pdbx_refine_tls.L[1][1] 
_pdbx_refine_tls.L[1][1]_esd 
_pdbx_refine_tls.L[1][2] 
_pdbx_refine_tls.L[1][2]_esd 
_pdbx_refine_tls.L[1][3] 
_pdbx_refine_tls.L[1][3]_esd 
_pdbx_refine_tls.L[2][2] 
_pdbx_refine_tls.L[2][2]_esd 
_pdbx_refine_tls.L[2][3] 
_pdbx_refine_tls.L[2][3]_esd 
_pdbx_refine_tls.L[3][3] 
_pdbx_refine_tls.L[3][3]_esd 
_pdbx_refine_tls.S[1][1] 
_pdbx_refine_tls.S[1][1]_esd 
_pdbx_refine_tls.S[1][2] 
_pdbx_refine_tls.S[1][2]_esd 
_pdbx_refine_tls.S[1][3] 
_pdbx_refine_tls.S[1][3]_esd 
_pdbx_refine_tls.S[2][1] 
_pdbx_refine_tls.S[2][1]_esd 
_pdbx_refine_tls.S[2][2] 
_pdbx_refine_tls.S[2][2]_esd 
_pdbx_refine_tls.S[2][3] 
_pdbx_refine_tls.S[2][3]_esd 
_pdbx_refine_tls.S[3][1] 
_pdbx_refine_tls.S[3][1]_esd 
_pdbx_refine_tls.S[3][2] 
_pdbx_refine_tls.S[3][2]_esd 
_pdbx_refine_tls.S[3][3] 
_pdbx_refine_tls.S[3][3]_esd 
1 'X-RAY DIFFRACTION' ? refined -0.1421 0.5330  -12.8658 0.7324 ? 0.1996 ? 0.0945  ? 1.4055 ? 0.0793 ? 0.5935 ? 3.0196 ? -0.2791 ? -2.2793 ? 6.6269 ? 2.4300 ? 2.5554 ? -0.3866 ? -1.7119 ? 0.0686 ? 0.5812 ? 0.8111 ? 0.3249  ? -1.5346 ? -0.3014 ? -0.4236 ? 
2 'X-RAY DIFFRACTION' ? refined -0.3365 -0.2313 13.1418  0.6463 ? 0.3426 ? -0.0503 ? 1.3757 ? 0.1953 ? 1.1226 ? 2.5618 ? 0.8123  ? -0.7622 ? 8.6180 ? 3.9011 ? 8.6848 ? -0.4128 ? -0.0510 ? 0.9172 ? 0.9187 ? 0.7426 ? -1.4785 ? 0.7088  ? 1.7703  ? -0.3206 ? 
# 
loop_
_pdbx_refine_tls_group.id 
_pdbx_refine_tls_group.pdbx_refine_id 
_pdbx_refine_tls_group.refine_tls_id 
_pdbx_refine_tls_group.beg_label_asym_id 
_pdbx_refine_tls_group.beg_label_seq_id 
_pdbx_refine_tls_group.beg_auth_asym_id 
_pdbx_refine_tls_group.beg_auth_seq_id 
_pdbx_refine_tls_group.end_label_asym_id 
_pdbx_refine_tls_group.end_label_seq_id 
_pdbx_refine_tls_group.end_auth_asym_id 
_pdbx_refine_tls_group.end_auth_seq_id 
_pdbx_refine_tls_group.selection 
_pdbx_refine_tls_group.selection_details 
1 'X-RAY DIFFRACTION' 1 ? ? A 0 ? ? A 0 ? 
;chain 'A' and (resid 1 through 25 )
;
2 'X-RAY DIFFRACTION' 2 ? ? A 0 ? ? A 0 ? 
;chain 'A' and (resid 26 through 50 )
;
# 
loop_
_chem_comp_atom.comp_id 
_chem_comp_atom.atom_id 
_chem_comp_atom.type_symbol 
_chem_comp_atom.pdbx_aromatic_flag 
_chem_comp_atom.pdbx_stereo_config 
_chem_comp_atom.pdbx_ordinal 
ALA N    N  N N 1   
ALA CA   C  N S 2   
ALA C    C  N N 3   
ALA O    O  N N 4   
ALA CB   C  N N 5   
ALA OXT  O  N N 6   
ALA H    H  N N 7   
ALA H2   H  N N 8   
ALA HA   H  N N 9   
ALA HB1  H  N N 10  
ALA HB2  H  N N 11  
ALA HB3  H  N N 12  
ALA HXT  H  N N 13  
ARG N    N  N N 14  
ARG CA   C  N S 15  
ARG C    C  N N 16  
ARG O    O  N N 17  
ARG CB   C  N N 18  
ARG CG   C  N N 19  
ARG CD   C  N N 20  
ARG NE   N  N N 21  
ARG CZ   C  N N 22  
ARG NH1  N  N N 23  
ARG NH2  N  N N 24  
ARG OXT  O  N N 25  
ARG H    H  N N 26  
ARG H2   H  N N 27  
ARG HA   H  N N 28  
ARG HB2  H  N N 29  
ARG HB3  H  N N 30  
ARG HG2  H  N N 31  
ARG HG3  H  N N 32  
ARG HD2  H  N N 33  
ARG HD3  H  N N 34  
ARG HE   H  N N 35  
ARG HH11 H  N N 36  
ARG HH12 H  N N 37  
ARG HH21 H  N N 38  
ARG HH22 H  N N 39  
ARG HXT  H  N N 40  
ASN N    N  N N 41  
ASN CA   C  N S 42  
ASN C    C  N N 43  
ASN O    O  N N 44  
ASN CB   C  N N 45  
ASN CG   C  N N 46  
ASN OD1  O  N N 47  
ASN ND2  N  N N 48  
ASN OXT  O  N N 49  
ASN H    H  N N 50  
ASN H2   H  N N 51  
ASN HA   H  N N 52  
ASN HB2  H  N N 53  
ASN HB3  H  N N 54  
ASN HD21 H  N N 55  
ASN HD22 H  N N 56  
ASN HXT  H  N N 57  
ASP N    N  N N 58  
ASP CA   C  N S 59  
ASP C    C  N N 60  
ASP O    O  N N 61  
ASP CB   C  N N 62  
ASP CG   C  N N 63  
ASP OD1  O  N N 64  
ASP OD2  O  N N 65  
ASP OXT  O  N N 66  
ASP H    H  N N 67  
ASP H2   H  N N 68  
ASP HA   H  N N 69  
ASP HB2  H  N N 70  
ASP HB3  H  N N 71  
ASP HD2  H  N N 72  
ASP HXT  H  N N 73  
GLN N    N  N N 74  
GLN CA   C  N S 75  
GLN C    C  N N 76  
GLN O    O  N N 77  
GLN CB   C  N N 78  
GLN CG   C  N N 79  
GLN CD   C  N N 80  
GLN OE1  O  N N 81  
GLN NE2  N  N N 82  
GLN OXT  O  N N 83  
GLN H    H  N N 84  
GLN H2   H  N N 85  
GLN HA   H  N N 86  
GLN HB2  H  N N 87  
GLN HB3  H  N N 88  
GLN HG2  H  N N 89  
GLN HG3  H  N N 90  
GLN HE21 H  N N 91  
GLN HE22 H  N N 92  
GLN HXT  H  N N 93  
GLU N    N  N N 94  
GLU CA   C  N S 95  
GLU C    C  N N 96  
GLU O    O  N N 97  
GLU CB   C  N N 98  
GLU CG   C  N N 99  
GLU CD   C  N N 100 
GLU OE1  O  N N 101 
GLU OE2  O  N N 102 
GLU OXT  O  N N 103 
GLU H    H  N N 104 
GLU H2   H  N N 105 
GLU HA   H  N N 106 
GLU HB2  H  N N 107 
GLU HB3  H  N N 108 
GLU HG2  H  N N 109 
GLU HG3  H  N N 110 
GLU HE2  H  N N 111 
GLU HXT  H  N N 112 
GLY N    N  N N 113 
GLY CA   C  N N 114 
GLY C    C  N N 115 
GLY O    O  N N 116 
GLY OXT  O  N N 117 
GLY H    H  N N 118 
GLY H2   H  N N 119 
GLY HA2  H  N N 120 
GLY HA3  H  N N 121 
GLY HXT  H  N N 122 
HOH O    O  N N 123 
HOH H1   H  N N 124 
HOH H2   H  N N 125 
ILE N    N  N N 126 
ILE CA   C  N S 127 
ILE C    C  N N 128 
ILE O    O  N N 129 
ILE CB   C  N S 130 
ILE CG1  C  N N 131 
ILE CG2  C  N N 132 
ILE CD1  C  N N 133 
ILE OXT  O  N N 134 
ILE H    H  N N 135 
ILE H2   H  N N 136 
ILE HA   H  N N 137 
ILE HB   H  N N 138 
ILE HG12 H  N N 139 
ILE HG13 H  N N 140 
ILE HG21 H  N N 141 
ILE HG22 H  N N 142 
ILE HG23 H  N N 143 
ILE HD11 H  N N 144 
ILE HD12 H  N N 145 
ILE HD13 H  N N 146 
ILE HXT  H  N N 147 
LEU N    N  N N 148 
LEU CA   C  N S 149 
LEU C    C  N N 150 
LEU O    O  N N 151 
LEU CB   C  N N 152 
LEU CG   C  N N 153 
LEU CD1  C  N N 154 
LEU CD2  C  N N 155 
LEU OXT  O  N N 156 
LEU H    H  N N 157 
LEU H2   H  N N 158 
LEU HA   H  N N 159 
LEU HB2  H  N N 160 
LEU HB3  H  N N 161 
LEU HG   H  N N 162 
LEU HD11 H  N N 163 
LEU HD12 H  N N 164 
LEU HD13 H  N N 165 
LEU HD21 H  N N 166 
LEU HD22 H  N N 167 
LEU HD23 H  N N 168 
LEU HXT  H  N N 169 
LYS N    N  N N 170 
LYS CA   C  N S 171 
LYS C    C  N N 172 
LYS O    O  N N 173 
LYS CB   C  N N 174 
LYS CG   C  N N 175 
LYS CD   C  N N 176 
LYS CE   C  N N 177 
LYS NZ   N  N N 178 
LYS OXT  O  N N 179 
LYS H    H  N N 180 
LYS H2   H  N N 181 
LYS HA   H  N N 182 
LYS HB2  H  N N 183 
LYS HB3  H  N N 184 
LYS HG2  H  N N 185 
LYS HG3  H  N N 186 
LYS HD2  H  N N 187 
LYS HD3  H  N N 188 
LYS HE2  H  N N 189 
LYS HE3  H  N N 190 
LYS HZ1  H  N N 191 
LYS HZ2  H  N N 192 
LYS HZ3  H  N N 193 
LYS HXT  H  N N 194 
MET N    N  N N 195 
MET CA   C  N S 196 
MET C    C  N N 197 
MET O    O  N N 198 
MET CB   C  N N 199 
MET CG   C  N N 200 
MET SD   S  N N 201 
MET CE   C  N N 202 
MET OXT  O  N N 203 
MET H    H  N N 204 
MET H2   H  N N 205 
MET HA   H  N N 206 
MET HB2  H  N N 207 
MET HB3  H  N N 208 
MET HG2  H  N N 209 
MET HG3  H  N N 210 
MET HE1  H  N N 211 
MET HE2  H  N N 212 
MET HE3  H  N N 213 
MET HXT  H  N N 214 
MG  MG   MG N N 215 
PRO N    N  N N 216 
PRO CA   C  N S 217 
PRO C    C  N N 218 
PRO O    O  N N 219 
PRO CB   C  N N 220 
PRO CG   C  N N 221 
PRO CD   C  N N 222 
PRO OXT  O  N N 223 
PRO H    H  N N 224 
PRO HA   H  N N 225 
PRO HB2  H  N N 226 
PRO HB3  H  N N 227 
PRO HG2  H  N N 228 
PRO HG3  H  N N 229 
PRO HD2  H  N N 230 
PRO HD3  H  N N 231 
PRO HXT  H  N N 232 
SER N    N  N N 233 
SER CA   C  N S 234 
SER C    C  N N 235 
SER O    O  N N 236 
SER CB   C  N N 237 
SER OG   O  N N 238 
SER OXT  O  N N 239 
SER H    H  N N 240 
SER H2   H  N N 241 
SER HA   H  N N 242 
SER HB2  H  N N 243 
SER HB3  H  N N 244 
SER HG   H  N N 245 
SER HXT  H  N N 246 
THR N    N  N N 247 
THR CA   C  N S 248 
THR C    C  N N 249 
THR O    O  N N 250 
THR CB   C  N R 251 
THR OG1  O  N N 252 
THR CG2  C  N N 253 
THR OXT  O  N N 254 
THR H    H  N N 255 
THR H2   H  N N 256 
THR HA   H  N N 257 
THR HB   H  N N 258 
THR HG1  H  N N 259 
THR HG21 H  N N 260 
THR HG22 H  N N 261 
THR HG23 H  N N 262 
THR HXT  H  N N 263 
TRP N    N  N N 264 
TRP CA   C  N S 265 
TRP C    C  N N 266 
TRP O    O  N N 267 
TRP CB   C  N N 268 
TRP CG   C  Y N 269 
TRP CD1  C  Y N 270 
TRP CD2  C  Y N 271 
TRP NE1  N  Y N 272 
TRP CE2  C  Y N 273 
TRP CE3  C  Y N 274 
TRP CZ2  C  Y N 275 
TRP CZ3  C  Y N 276 
TRP CH2  C  Y N 277 
TRP OXT  O  N N 278 
TRP H    H  N N 279 
TRP H2   H  N N 280 
TRP HA   H  N N 281 
TRP HB2  H  N N 282 
TRP HB3  H  N N 283 
TRP HD1  H  N N 284 
TRP HE1  H  N N 285 
TRP HE3  H  N N 286 
TRP HZ2  H  N N 287 
TRP HZ3  H  N N 288 
TRP HH2  H  N N 289 
TRP HXT  H  N N 290 
TYR N    N  N N 291 
TYR CA   C  N S 292 
TYR C    C  N N 293 
TYR O    O  N N 294 
TYR CB   C  N N 295 
TYR CG   C  Y N 296 
TYR CD1  C  Y N 297 
TYR CD2  C  Y N 298 
TYR CE1  C  Y N 299 
TYR CE2  C  Y N 300 
TYR CZ   C  Y N 301 
TYR OH   O  N N 302 
TYR OXT  O  N N 303 
TYR H    H  N N 304 
TYR H2   H  N N 305 
TYR HA   H  N N 306 
TYR HB2  H  N N 307 
TYR HB3  H  N N 308 
TYR HD1  H  N N 309 
TYR HD2  H  N N 310 
TYR HE1  H  N N 311 
TYR HE2  H  N N 312 
TYR HH   H  N N 313 
TYR HXT  H  N N 314 
VAL N    N  N N 315 
VAL CA   C  N S 316 
VAL C    C  N N 317 
VAL O    O  N N 318 
VAL CB   C  N N 319 
VAL CG1  C  N N 320 
VAL CG2  C  N N 321 
VAL OXT  O  N N 322 
VAL H    H  N N 323 
VAL H2   H  N N 324 
VAL HA   H  N N 325 
VAL HB   H  N N 326 
VAL HG11 H  N N 327 
VAL HG12 H  N N 328 
VAL HG13 H  N N 329 
VAL HG21 H  N N 330 
VAL HG22 H  N N 331 
VAL HG23 H  N N 332 
VAL HXT  H  N N 333 
# 
loop_
_chem_comp_bond.comp_id 
_chem_comp_bond.atom_id_1 
_chem_comp_bond.atom_id_2 
_chem_comp_bond.value_order 
_chem_comp_bond.pdbx_aromatic_flag 
_chem_comp_bond.pdbx_stereo_config 
_chem_comp_bond.pdbx_ordinal 
ALA N   CA   sing N N 1   
ALA N   H    sing N N 2   
ALA N   H2   sing N N 3   
ALA CA  C    sing N N 4   
ALA CA  CB   sing N N 5   
ALA CA  HA   sing N N 6   
ALA C   O    doub N N 7   
ALA C   OXT  sing N N 8   
ALA CB  HB1  sing N N 9   
ALA CB  HB2  sing N N 10  
ALA CB  HB3  sing N N 11  
ALA OXT HXT  sing N N 12  
ARG N   CA   sing N N 13  
ARG N   H    sing N N 14  
ARG N   H2   sing N N 15  
ARG CA  C    sing N N 16  
ARG CA  CB   sing N N 17  
ARG CA  HA   sing N N 18  
ARG C   O    doub N N 19  
ARG C   OXT  sing N N 20  
ARG CB  CG   sing N N 21  
ARG CB  HB2  sing N N 22  
ARG CB  HB3  sing N N 23  
ARG CG  CD   sing N N 24  
ARG CG  HG2  sing N N 25  
ARG CG  HG3  sing N N 26  
ARG CD  NE   sing N N 27  
ARG CD  HD2  sing N N 28  
ARG CD  HD3  sing N N 29  
ARG NE  CZ   sing N N 30  
ARG NE  HE   sing N N 31  
ARG CZ  NH1  sing N N 32  
ARG CZ  NH2  doub N N 33  
ARG NH1 HH11 sing N N 34  
ARG NH1 HH12 sing N N 35  
ARG NH2 HH21 sing N N 36  
ARG NH2 HH22 sing N N 37  
ARG OXT HXT  sing N N 38  
ASN N   CA   sing N N 39  
ASN N   H    sing N N 40  
ASN N   H2   sing N N 41  
ASN CA  C    sing N N 42  
ASN CA  CB   sing N N 43  
ASN CA  HA   sing N N 44  
ASN C   O    doub N N 45  
ASN C   OXT  sing N N 46  
ASN CB  CG   sing N N 47  
ASN CB  HB2  sing N N 48  
ASN CB  HB3  sing N N 49  
ASN CG  OD1  doub N N 50  
ASN CG  ND2  sing N N 51  
ASN ND2 HD21 sing N N 52  
ASN ND2 HD22 sing N N 53  
ASN OXT HXT  sing N N 54  
ASP N   CA   sing N N 55  
ASP N   H    sing N N 56  
ASP N   H2   sing N N 57  
ASP CA  C    sing N N 58  
ASP CA  CB   sing N N 59  
ASP CA  HA   sing N N 60  
ASP C   O    doub N N 61  
ASP C   OXT  sing N N 62  
ASP CB  CG   sing N N 63  
ASP CB  HB2  sing N N 64  
ASP CB  HB3  sing N N 65  
ASP CG  OD1  doub N N 66  
ASP CG  OD2  sing N N 67  
ASP OD2 HD2  sing N N 68  
ASP OXT HXT  sing N N 69  
GLN N   CA   sing N N 70  
GLN N   H    sing N N 71  
GLN N   H2   sing N N 72  
GLN CA  C    sing N N 73  
GLN CA  CB   sing N N 74  
GLN CA  HA   sing N N 75  
GLN C   O    doub N N 76  
GLN C   OXT  sing N N 77  
GLN CB  CG   sing N N 78  
GLN CB  HB2  sing N N 79  
GLN CB  HB3  sing N N 80  
GLN CG  CD   sing N N 81  
GLN CG  HG2  sing N N 82  
GLN CG  HG3  sing N N 83  
GLN CD  OE1  doub N N 84  
GLN CD  NE2  sing N N 85  
GLN NE2 HE21 sing N N 86  
GLN NE2 HE22 sing N N 87  
GLN OXT HXT  sing N N 88  
GLU N   CA   sing N N 89  
GLU N   H    sing N N 90  
GLU N   H2   sing N N 91  
GLU CA  C    sing N N 92  
GLU CA  CB   sing N N 93  
GLU CA  HA   sing N N 94  
GLU C   O    doub N N 95  
GLU C   OXT  sing N N 96  
GLU CB  CG   sing N N 97  
GLU CB  HB2  sing N N 98  
GLU CB  HB3  sing N N 99  
GLU CG  CD   sing N N 100 
GLU CG  HG2  sing N N 101 
GLU CG  HG3  sing N N 102 
GLU CD  OE1  doub N N 103 
GLU CD  OE2  sing N N 104 
GLU OE2 HE2  sing N N 105 
GLU OXT HXT  sing N N 106 
GLY N   CA   sing N N 107 
GLY N   H    sing N N 108 
GLY N   H2   sing N N 109 
GLY CA  C    sing N N 110 
GLY CA  HA2  sing N N 111 
GLY CA  HA3  sing N N 112 
GLY C   O    doub N N 113 
GLY C   OXT  sing N N 114 
GLY OXT HXT  sing N N 115 
HOH O   H1   sing N N 116 
HOH O   H2   sing N N 117 
ILE N   CA   sing N N 118 
ILE N   H    sing N N 119 
ILE N   H2   sing N N 120 
ILE CA  C    sing N N 121 
ILE CA  CB   sing N N 122 
ILE CA  HA   sing N N 123 
ILE C   O    doub N N 124 
ILE C   OXT  sing N N 125 
ILE CB  CG1  sing N N 126 
ILE CB  CG2  sing N N 127 
ILE CB  HB   sing N N 128 
ILE CG1 CD1  sing N N 129 
ILE CG1 HG12 sing N N 130 
ILE CG1 HG13 sing N N 131 
ILE CG2 HG21 sing N N 132 
ILE CG2 HG22 sing N N 133 
ILE CG2 HG23 sing N N 134 
ILE CD1 HD11 sing N N 135 
ILE CD1 HD12 sing N N 136 
ILE CD1 HD13 sing N N 137 
ILE OXT HXT  sing N N 138 
LEU N   CA   sing N N 139 
LEU N   H    sing N N 140 
LEU N   H2   sing N N 141 
LEU CA  C    sing N N 142 
LEU CA  CB   sing N N 143 
LEU CA  HA   sing N N 144 
LEU C   O    doub N N 145 
LEU C   OXT  sing N N 146 
LEU CB  CG   sing N N 147 
LEU CB  HB2  sing N N 148 
LEU CB  HB3  sing N N 149 
LEU CG  CD1  sing N N 150 
LEU CG  CD2  sing N N 151 
LEU CG  HG   sing N N 152 
LEU CD1 HD11 sing N N 153 
LEU CD1 HD12 sing N N 154 
LEU CD1 HD13 sing N N 155 
LEU CD2 HD21 sing N N 156 
LEU CD2 HD22 sing N N 157 
LEU CD2 HD23 sing N N 158 
LEU OXT HXT  sing N N 159 
LYS N   CA   sing N N 160 
LYS N   H    sing N N 161 
LYS N   H2   sing N N 162 
LYS CA  C    sing N N 163 
LYS CA  CB   sing N N 164 
LYS CA  HA   sing N N 165 
LYS C   O    doub N N 166 
LYS C   OXT  sing N N 167 
LYS CB  CG   sing N N 168 
LYS CB  HB2  sing N N 169 
LYS CB  HB3  sing N N 170 
LYS CG  CD   sing N N 171 
LYS CG  HG2  sing N N 172 
LYS CG  HG3  sing N N 173 
LYS CD  CE   sing N N 174 
LYS CD  HD2  sing N N 175 
LYS CD  HD3  sing N N 176 
LYS CE  NZ   sing N N 177 
LYS CE  HE2  sing N N 178 
LYS CE  HE3  sing N N 179 
LYS NZ  HZ1  sing N N 180 
LYS NZ  HZ2  sing N N 181 
LYS NZ  HZ3  sing N N 182 
LYS OXT HXT  sing N N 183 
MET N   CA   sing N N 184 
MET N   H    sing N N 185 
MET N   H2   sing N N 186 
MET CA  C    sing N N 187 
MET CA  CB   sing N N 188 
MET CA  HA   sing N N 189 
MET C   O    doub N N 190 
MET C   OXT  sing N N 191 
MET CB  CG   sing N N 192 
MET CB  HB2  sing N N 193 
MET CB  HB3  sing N N 194 
MET CG  SD   sing N N 195 
MET CG  HG2  sing N N 196 
MET CG  HG3  sing N N 197 
MET SD  CE   sing N N 198 
MET CE  HE1  sing N N 199 
MET CE  HE2  sing N N 200 
MET CE  HE3  sing N N 201 
MET OXT HXT  sing N N 202 
PRO N   CA   sing N N 203 
PRO N   CD   sing N N 204 
PRO N   H    sing N N 205 
PRO CA  C    sing N N 206 
PRO CA  CB   sing N N 207 
PRO CA  HA   sing N N 208 
PRO C   O    doub N N 209 
PRO C   OXT  sing N N 210 
PRO CB  CG   sing N N 211 
PRO CB  HB2  sing N N 212 
PRO CB  HB3  sing N N 213 
PRO CG  CD   sing N N 214 
PRO CG  HG2  sing N N 215 
PRO CG  HG3  sing N N 216 
PRO CD  HD2  sing N N 217 
PRO CD  HD3  sing N N 218 
PRO OXT HXT  sing N N 219 
SER N   CA   sing N N 220 
SER N   H    sing N N 221 
SER N   H2   sing N N 222 
SER CA  C    sing N N 223 
SER CA  CB   sing N N 224 
SER CA  HA   sing N N 225 
SER C   O    doub N N 226 
SER C   OXT  sing N N 227 
SER CB  OG   sing N N 228 
SER CB  HB2  sing N N 229 
SER CB  HB3  sing N N 230 
SER OG  HG   sing N N 231 
SER OXT HXT  sing N N 232 
THR N   CA   sing N N 233 
THR N   H    sing N N 234 
THR N   H2   sing N N 235 
THR CA  C    sing N N 236 
THR CA  CB   sing N N 237 
THR CA  HA   sing N N 238 
THR C   O    doub N N 239 
THR C   OXT  sing N N 240 
THR CB  OG1  sing N N 241 
THR CB  CG2  sing N N 242 
THR CB  HB   sing N N 243 
THR OG1 HG1  sing N N 244 
THR CG2 HG21 sing N N 245 
THR CG2 HG22 sing N N 246 
THR CG2 HG23 sing N N 247 
THR OXT HXT  sing N N 248 
TRP N   CA   sing N N 249 
TRP N   H    sing N N 250 
TRP N   H2   sing N N 251 
TRP CA  C    sing N N 252 
TRP CA  CB   sing N N 253 
TRP CA  HA   sing N N 254 
TRP C   O    doub N N 255 
TRP C   OXT  sing N N 256 
TRP CB  CG   sing N N 257 
TRP CB  HB2  sing N N 258 
TRP CB  HB3  sing N N 259 
TRP CG  CD1  doub Y N 260 
TRP CG  CD2  sing Y N 261 
TRP CD1 NE1  sing Y N 262 
TRP CD1 HD1  sing N N 263 
TRP CD2 CE2  doub Y N 264 
TRP CD2 CE3  sing Y N 265 
TRP NE1 CE2  sing Y N 266 
TRP NE1 HE1  sing N N 267 
TRP CE2 CZ2  sing Y N 268 
TRP CE3 CZ3  doub Y N 269 
TRP CE3 HE3  sing N N 270 
TRP CZ2 CH2  doub Y N 271 
TRP CZ2 HZ2  sing N N 272 
TRP CZ3 CH2  sing Y N 273 
TRP CZ3 HZ3  sing N N 274 
TRP CH2 HH2  sing N N 275 
TRP OXT HXT  sing N N 276 
TYR N   CA   sing N N 277 
TYR N   H    sing N N 278 
TYR N   H2   sing N N 279 
TYR CA  C    sing N N 280 
TYR CA  CB   sing N N 281 
TYR CA  HA   sing N N 282 
TYR C   O    doub N N 283 
TYR C   OXT  sing N N 284 
TYR CB  CG   sing N N 285 
TYR CB  HB2  sing N N 286 
TYR CB  HB3  sing N N 287 
TYR CG  CD1  doub Y N 288 
TYR CG  CD2  sing Y N 289 
TYR CD1 CE1  sing Y N 290 
TYR CD1 HD1  sing N N 291 
TYR CD2 CE2  doub Y N 292 
TYR CD2 HD2  sing N N 293 
TYR CE1 CZ   doub Y N 294 
TYR CE1 HE1  sing N N 295 
TYR CE2 CZ   sing Y N 296 
TYR CE2 HE2  sing N N 297 
TYR CZ  OH   sing N N 298 
TYR OH  HH   sing N N 299 
TYR OXT HXT  sing N N 300 
VAL N   CA   sing N N 301 
VAL N   H    sing N N 302 
VAL N   H2   sing N N 303 
VAL CA  C    sing N N 304 
VAL CA  CB   sing N N 305 
VAL CA  HA   sing N N 306 
VAL C   O    doub N N 307 
VAL C   OXT  sing N N 308 
VAL CB  CG1  sing N N 309 
VAL CB  CG2  sing N N 310 
VAL CB  HB   sing N N 311 
VAL CG1 HG11 sing N N 312 
VAL CG1 HG12 sing N N 313 
VAL CG1 HG13 sing N N 314 
VAL CG2 HG21 sing N N 315 
VAL CG2 HG22 sing N N 316 
VAL CG2 HG23 sing N N 317 
VAL OXT HXT  sing N N 318 
# 
_pdbx_initial_refinement_model.id               1 
_pdbx_initial_refinement_model.entity_id_list   ? 
_pdbx_initial_refinement_model.type             'experimental model' 
_pdbx_initial_refinement_model.source_name      PDB 
_pdbx_initial_refinement_model.accession_code   2N88 
_pdbx_initial_refinement_model.details          ? 
# 
_atom_sites.entry_id                    5E4X 
_atom_sites.fract_transf_matrix[1][1]   -0.00733510 
_atom_sites.fract_transf_matrix[1][2]   0.00620372 
_atom_sites.fract_transf_matrix[1][3]   0.00063925 
_atom_sites.fract_transf_matrix[2][1]   0.00066925 
_atom_sites.fract_transf_matrix[2][2]   0.00176417 
_atom_sites.fract_transf_matrix[2][3]   -0.00944130 
_atom_sites.fract_transf_matrix[3][1]   -0.00620055 
_atom_sites.fract_transf_matrix[3][2]   -0.00714843 
_atom_sites.fract_transf_matrix[3][3]   -0.00177526 
_atom_sites.fract_transf_vector[1]      0.118056 
_atom_sites.fract_transf_vector[2]      0.025126 
_atom_sites.fract_transf_vector[3]      0.401808 
# 
loop_
_atom_type.symbol 
C  
MG 
N  
O  
S  
# 
loop_
_atom_site.group_PDB 
_atom_site.id 
_atom_site.type_symbol 
_atom_site.label_atom_id 
_atom_site.label_alt_id 
_atom_site.label_comp_id 
_atom_site.label_asym_id 
_atom_site.label_entity_id 
_atom_site.label_seq_id 
_atom_site.pdbx_PDB_ins_code 
_atom_site.Cartn_x 
_atom_site.Cartn_y 
_atom_site.Cartn_z 
_atom_site.occupancy 
_atom_site.B_iso_or_equiv 
_atom_site.pdbx_formal_charge 
_atom_site.auth_seq_id 
_atom_site.auth_comp_id 
_atom_site.auth_asym_id 
_atom_site.auth_atom_id 
_atom_site.pdbx_PDB_model_num 
ATOM   1   N  N   . TYR A 1 1  ? -9.648  -2.636  1.410   1.00 164.57 ? 319 TYR A N   1 
ATOM   2   C  CA  . TYR A 1 1  ? -8.873  -1.448  1.070   1.00 165.00 ? 319 TYR A CA  1 
ATOM   3   C  C   . TYR A 1 1  ? -7.379  -1.774  1.099   1.00 147.97 ? 319 TYR A C   1 
ATOM   4   O  O   . TYR A 1 1  ? -6.962  -2.720  1.764   1.00 144.15 ? 319 TYR A O   1 
ATOM   5   C  CB  . TYR A 1 1  ? -9.202  -0.300  2.029   1.00 172.89 ? 319 TYR A CB  1 
ATOM   6   C  CG  . TYR A 1 1  ? -9.014  1.069   1.421   1.00 187.98 ? 319 TYR A CG  1 
ATOM   7   C  CD1 . TYR A 1 1  ? -9.777  1.473   0.332   1.00 196.23 ? 319 TYR A CD1 1 
ATOM   8   C  CD2 . TYR A 1 1  ? -8.084  1.961   1.940   1.00 199.16 ? 319 TYR A CD2 1 
ATOM   9   C  CE1 . TYR A 1 1  ? -9.612  2.723   -0.230  1.00 202.37 ? 319 TYR A CE1 1 
ATOM   10  C  CE2 . TYR A 1 1  ? -7.914  3.214   1.385   1.00 210.73 ? 319 TYR A CE2 1 
ATOM   11  C  CZ  . TYR A 1 1  ? -8.679  3.590   0.302   1.00 212.49 ? 319 TYR A CZ  1 
ATOM   12  O  OH  . TYR A 1 1  ? -8.511  4.837   -0.250  1.00 215.11 ? 319 TYR A OH  1 
ATOM   13  N  N   . ALA A 1 2  ? -6.575  -0.999  0.378   1.00 131.33 ? 320 ALA A N   1 
ATOM   14  C  CA  . ALA A 1 2  ? -5.157  -1.309  0.252   1.00 137.65 ? 320 ALA A CA  1 
ATOM   15  C  C   . ALA A 1 2  ? -4.272  -0.070  0.145   1.00 140.08 ? 320 ALA A C   1 
ATOM   16  O  O   . ALA A 1 2  ? -4.742  1.024   -0.139  1.00 132.47 ? 320 ALA A O   1 
ATOM   17  C  CB  . ALA A 1 2  ? -4.933  -2.213  -0.950  1.00 130.03 ? 320 ALA A CB  1 
ATOM   18  N  N   . VAL A 1 3  ? -2.978  -0.268  0.370   1.00 139.29 ? 321 VAL A N   1 
ATOM   19  C  CA  . VAL A 1 3  ? -2.008  0.816   0.334   1.00 135.92 ? 321 VAL A CA  1 
ATOM   20  C  C   . VAL A 1 3  ? -0.844  0.461   -0.589  1.00 128.61 ? 321 VAL A C   1 
ATOM   21  O  O   . VAL A 1 3  ? -0.362  -0.673  -0.597  1.00 140.11 ? 321 VAL A O   1 
ATOM   22  C  CB  . VAL A 1 3  ? -1.487  1.145   1.752   1.00 150.02 ? 321 VAL A CB  1 
ATOM   23  C  CG1 . VAL A 1 3  ? -0.995  -0.102  2.466   1.00 139.25 ? 321 VAL A CG1 1 
ATOM   24  C  CG2 . VAL A 1 3  ? -0.389  2.206   1.704   1.00 159.08 ? 321 VAL A CG2 1 
ATOM   25  N  N   . ALA A 1 4  ? -0.412  1.435   -1.382  1.00 118.34 ? 322 ALA A N   1 
ATOM   26  C  CA  . ALA A 1 4  ? 0.577   1.196   -2.426  1.00 109.19 ? 322 ALA A CA  1 
ATOM   27  C  C   . ALA A 1 4  ? 2.003   1.305   -1.907  1.00 123.27 ? 322 ALA A C   1 
ATOM   28  O  O   . ALA A 1 4  ? 2.339   2.238   -1.174  1.00 130.98 ? 322 ALA A O   1 
ATOM   29  C  CB  . ALA A 1 4  ? 0.370   2.167   -3.571  1.00 104.22 ? 322 ALA A CB  1 
ATOM   30  N  N   . GLU A 1 5  ? 2.844   0.355   -2.310  1.00 130.45 ? 323 GLU A N   1 
ATOM   31  C  CA  . GLU A 1 5  ? 4.258   0.391   -1.968  1.00 133.43 ? 323 GLU A CA  1 
ATOM   32  C  C   . GLU A 1 5  ? 5.040   1.243   -2.963  1.00 124.06 ? 323 GLU A C   1 
ATOM   33  O  O   . GLU A 1 5  ? 5.523   2.320   -2.625  1.00 128.71 ? 323 GLU A O   1 
ATOM   34  C  CB  . GLU A 1 5  ? 4.838   -1.023  -1.923  1.00 143.25 ? 323 GLU A CB  1 
ATOM   35  C  CG  . GLU A 1 5  ? 4.065   -1.973  -1.029  1.00 150.55 ? 323 GLU A CG  1 
ATOM   36  C  CD  . GLU A 1 5  ? 4.827   -3.251  -0.736  1.00 150.10 ? 323 GLU A CD  1 
ATOM   37  O  OE1 . GLU A 1 5  ? 4.538   -4.280  -1.383  1.00 137.30 ? 323 GLU A OE1 1 
ATOM   38  O  OE2 . GLU A 1 5  ? 5.707   -3.230  0.151   1.00 155.04 ? 323 GLU A OE2 1 
ATOM   39  N  N   . SER A 1 6  ? 5.160   0.752   -4.191  1.00 112.07 ? 324 SER A N   1 
ATOM   40  C  CA  . SER A 1 6  ? 5.901   1.461   -5.227  1.00 96.00  ? 324 SER A CA  1 
ATOM   41  C  C   . SER A 1 6  ? 5.386   1.145   -6.620  1.00 93.05  ? 324 SER A C   1 
ATOM   42  O  O   . SER A 1 6  ? 4.436   0.386   -6.790  1.00 93.20  ? 324 SER A O   1 
ATOM   43  C  CB  . SER A 1 6  ? 7.384   1.115   -5.156  1.00 104.25 ? 324 SER A CB  1 
ATOM   44  O  OG  . SER A 1 6  ? 7.598   -0.222  -5.575  1.00 92.48  ? 324 SER A OG  1 
ATOM   45  N  N   . VAL A 1 7  ? 6.033   1.740   -7.616  1.00 94.96  ? 325 VAL A N   1 
ATOM   46  C  CA  . VAL A 1 7  ? 5.732   1.470   -9.017  1.00 82.43  ? 325 VAL A CA  1 
ATOM   47  C  C   . VAL A 1 7  ? 6.888   0.703   -9.645  1.00 80.13  ? 325 VAL A C   1 
ATOM   48  O  O   . VAL A 1 7  ? 8.038   1.116   -9.544  1.00 95.56  ? 325 VAL A O   1 
ATOM   49  C  CB  . VAL A 1 7  ? 5.479   2.770   -9.805  1.00 86.93  ? 325 VAL A CB  1 
ATOM   50  C  CG1 . VAL A 1 7  ? 5.522   2.506   -11.303 1.00 82.88  ? 325 VAL A CG1 1 
ATOM   51  C  CG2 . VAL A 1 7  ? 4.149   3.379   -9.403  1.00 87.62  ? 325 VAL A CG2 1 
ATOM   52  N  N   . ILE A 1 8  ? 6.583   -0.418  -10.288 1.00 80.28  ? 326 ILE A N   1 
ATOM   53  C  CA  . ILE A 1 8  ? 7.627   -1.256  -10.863 1.00 87.46  ? 326 ILE A CA  1 
ATOM   54  C  C   . ILE A 1 8  ? 7.410   -1.571  -12.336 1.00 79.37  ? 326 ILE A C   1 
ATOM   55  O  O   . ILE A 1 8  ? 8.014   -2.497  -12.866 1.00 74.43  ? 326 ILE A O   1 
ATOM   56  C  CB  . ILE A 1 8  ? 7.753   -2.593  -10.113 1.00 75.17  ? 326 ILE A CB  1 
ATOM   57  C  CG1 . ILE A 1 8  ? 6.416   -3.340  -10.124 1.00 77.49  ? 326 ILE A CG1 1 
ATOM   58  C  CG2 . ILE A 1 8  ? 8.227   -2.365  -8.691  1.00 80.11  ? 326 ILE A CG2 1 
ATOM   59  C  CD1 . ILE A 1 8  ? 6.496   -4.730  -9.524  1.00 74.43  ? 326 ILE A CD1 1 
ATOM   60  N  N   . GLY A 1 9  ? 6.561   -0.803  -13.006 1.00 86.27  ? 327 GLY A N   1 
ATOM   61  C  CA  . GLY A 1 9  ? 6.302   -1.058  -14.409 1.00 72.43  ? 327 GLY A CA  1 
ATOM   62  C  C   . GLY A 1 9  ? 5.527   0.035   -15.105 1.00 81.00  ? 327 GLY A C   1 
ATOM   63  O  O   . GLY A 1 9  ? 4.882   0.862   -14.463 1.00 93.31  ? 327 GLY A O   1 
ATOM   64  N  N   . LYS A 1 10 ? 5.590   0.029   -16.431 1.00 77.05  ? 328 LYS A N   1 
ATOM   65  C  CA  . LYS A 1 10 ? 4.900   1.020   -17.242 1.00 71.14  ? 328 LYS A CA  1 
ATOM   66  C  C   . LYS A 1 10 ? 4.540   0.417   -18.592 1.00 63.22  ? 328 LYS A C   1 
ATOM   67  O  O   . LYS A 1 10 ? 5.369   -0.210  -19.241 1.00 76.47  ? 328 LYS A O   1 
ATOM   68  C  CB  . LYS A 1 10 ? 5.761   2.267   -17.425 1.00 80.58  ? 328 LYS A CB  1 
ATOM   69  C  CG  . LYS A 1 10 ? 5.068   3.394   -18.165 1.00 66.12  ? 328 LYS A CG  1 
ATOM   70  C  CD  . LYS A 1 10 ? 5.998   4.576   -18.355 1.00 68.32  ? 328 LYS A CD  1 
ATOM   71  C  CE  . LYS A 1 10 ? 5.257   5.776   -18.900 1.00 78.51  ? 328 LYS A CE  1 
ATOM   72  N  NZ  . LYS A 1 10 ? 6.130   6.981   -18.904 1.00 95.28  ? 328 LYS A NZ  1 
ATOM   73  N  N   . ARG A 1 11 ? 3.293   0.593   -19.007 1.00 61.08  ? 329 ARG A N   1 
ATOM   74  C  CA  . ARG A 1 11 ? 2.832   0.023   -20.264 1.00 72.33  ? 329 ARG A CA  1 
ATOM   75  C  C   . ARG A 1 11 ? 1.710   0.860   -20.865 1.00 76.50  ? 329 ARG A C   1 
ATOM   76  O  O   . ARG A 1 11 ? 1.296   1.865   -20.292 1.00 78.82  ? 329 ARG A O   1 
ATOM   77  C  CB  . ARG A 1 11 ? 2.354   -1.415  -20.066 1.00 55.82  ? 329 ARG A CB  1 
ATOM   78  C  CG  . ARG A 1 11 ? 0.980   -1.536  -19.429 1.00 57.17  ? 329 ARG A CG  1 
ATOM   79  C  CD  . ARG A 1 11 ? 0.523   -2.987  -19.420 1.00 66.71  ? 329 ARG A CD  1 
ATOM   80  N  NE  . ARG A 1 11 ? -0.831  -3.153  -18.898 1.00 66.08  ? 329 ARG A NE  1 
ATOM   81  C  CZ  . ARG A 1 11 ? -1.466  -4.318  -18.832 1.00 72.71  ? 329 ARG A CZ  1 
ATOM   82  N  NH1 . ARG A 1 11 ? -0.869  -5.421  -19.260 1.00 82.60  ? 329 ARG A NH1 1 
ATOM   83  N  NH2 . ARG A 1 11 ? -2.697  -4.384  -18.336 1.00 83.53  ? 329 ARG A NH2 1 
ATOM   84  N  N   . VAL A 1 12 ? 1.242   0.445   -22.038 1.00 71.08  ? 330 VAL A N   1 
ATOM   85  C  CA  . VAL A 1 12 ? 0.073   1.050   -22.665 1.00 73.81  ? 330 VAL A CA  1 
ATOM   86  C  C   . VAL A 1 12 ? -1.097  0.082   -22.565 1.00 75.48  ? 330 VAL A C   1 
ATOM   87  O  O   . VAL A 1 12 ? -0.942  -1.116  -22.815 1.00 69.15  ? 330 VAL A O   1 
ATOM   88  C  CB  . VAL A 1 12 ? 0.333   1.407   -24.145 1.00 59.22  ? 330 VAL A CB  1 
ATOM   89  C  CG1 . VAL A 1 12 ? -0.909  1.996   -24.780 1.00 61.51  ? 330 VAL A CG1 1 
ATOM   90  C  CG2 . VAL A 1 12 ? 1.485   2.381   -24.248 1.00 61.85  ? 330 VAL A CG2 1 
ATOM   91  N  N   . GLY A 1 13 ? -2.263  0.602   -22.197 1.00 63.97  ? 331 GLY A N   1 
ATOM   92  C  CA  . GLY A 1 13 ? -3.445  -0.222  -22.014 1.00 77.68  ? 331 GLY A CA  1 
ATOM   93  C  C   . GLY A 1 13 ? -4.031  -0.806  -23.291 1.00 95.58  ? 331 GLY A C   1 
ATOM   94  O  O   . GLY A 1 13 ? -3.463  -0.676  -24.376 1.00 88.99  ? 331 GLY A O   1 
ATOM   95  N  N   . ASP A 1 14 ? -5.186  -1.449  -23.150 1.00 112.71 ? 332 ASP A N   1 
ATOM   96  C  CA  . ASP A 1 14 ? -5.843  -2.143  -24.255 1.00 104.66 ? 332 ASP A CA  1 
ATOM   97  C  C   . ASP A 1 14 ? -6.465  -1.192  -25.271 1.00 106.11 ? 332 ASP A C   1 
ATOM   98  O  O   . ASP A 1 14 ? -6.659  -1.550  -26.434 1.00 103.98 ? 332 ASP A O   1 
ATOM   99  C  CB  . ASP A 1 14 ? -6.924  -3.081  -23.715 1.00 115.99 ? 332 ASP A CB  1 
ATOM   100 C  CG  . ASP A 1 14 ? -6.369  -4.120  -22.768 1.00 137.11 ? 332 ASP A CG  1 
ATOM   101 O  OD1 . ASP A 1 14 ? -5.172  -4.453  -22.891 1.00 136.51 ? 332 ASP A OD1 1 
ATOM   102 O  OD2 . ASP A 1 14 ? -7.126  -4.604  -21.899 1.00 157.80 ? 332 ASP A OD2 1 
ATOM   103 N  N   . ASP A 1 15 ? -6.786  0.017   -24.824 1.00 98.68  ? 333 ASP A N   1 
ATOM   104 C  CA  . ASP A 1 15 ? -7.345  1.035   -25.704 1.00 87.97  ? 333 ASP A CA  1 
ATOM   105 C  C   . ASP A 1 15 ? -6.297  1.562   -26.678 1.00 87.59  ? 333 ASP A C   1 
ATOM   106 O  O   . ASP A 1 15 ? -6.629  2.201   -27.674 1.00 96.71  ? 333 ASP A O   1 
ATOM   107 C  CB  . ASP A 1 15 ? -7.920  2.189   -24.882 1.00 91.16  ? 333 ASP A CB  1 
ATOM   108 C  CG  . ASP A 1 15 ? -6.918  2.762   -23.896 1.00 92.71  ? 333 ASP A CG  1 
ATOM   109 O  OD1 . ASP A 1 15 ? -6.955  3.986   -23.659 1.00 96.24  ? 333 ASP A OD1 1 
ATOM   110 O  OD2 . ASP A 1 15 ? -6.099  1.990   -23.353 1.00 93.44  ? 333 ASP A OD2 1 
ATOM   111 N  N   . GLY A 1 16 ? -5.030  1.296   -26.383 1.00 83.32  ? 334 GLY A N   1 
ATOM   112 C  CA  . GLY A 1 16 ? -3.940  1.739   -27.232 1.00 74.88  ? 334 GLY A CA  1 
ATOM   113 C  C   . GLY A 1 16 ? -3.547  3.179   -26.978 1.00 84.80  ? 334 GLY A C   1 
ATOM   114 O  O   . GLY A 1 16 ? -2.689  3.722   -27.668 1.00 99.70  ? 334 GLY A O   1 
ATOM   115 N  N   . LYS A 1 17 ? -4.169  3.799   -25.979 1.00 89.20  ? 335 LYS A N   1 
ATOM   116 C  CA  . LYS A 1 17 ? -3.877  5.190   -25.656 1.00 101.20 ? 335 LYS A CA  1 
ATOM   117 C  C   . LYS A 1 17 ? -3.351  5.375   -24.235 1.00 90.81  ? 335 LYS A C   1 
ATOM   118 O  O   . LYS A 1 17 ? -2.242  5.878   -24.037 1.00 89.57  ? 335 LYS A O   1 
ATOM   119 C  CB  . LYS A 1 17 ? -5.124  6.058   -25.842 1.00 114.52 ? 335 LYS A CB  1 
ATOM   120 C  CG  . LYS A 1 17 ? -5.695  6.054   -27.241 1.00 126.21 ? 335 LYS A CG  1 
ATOM   121 C  CD  . LYS A 1 17 ? -6.524  7.313   -27.496 1.00 160.72 ? 335 LYS A CD  1 
ATOM   122 C  CE  . LYS A 1 17 ? -7.639  7.476   -26.472 1.00 151.65 ? 335 LYS A CE  1 
ATOM   123 N  NZ  . LYS A 1 17 ? -8.420  8.726   -26.701 1.00 140.66 ? 335 LYS A NZ  1 
ATOM   124 N  N   . THR A 1 18 ? -4.159  4.979   -23.255 1.00 87.92  ? 336 THR A N   1 
ATOM   125 C  CA  . THR A 1 18 ? -3.880  5.290   -21.857 1.00 90.42  ? 336 THR A CA  1 
ATOM   126 C  C   . THR A 1 18 ? -2.608  4.638   -21.330 1.00 79.26  ? 336 THR A C   1 
ATOM   127 O  O   . THR A 1 18 ? -2.255  3.512   -21.689 1.00 70.59  ? 336 THR A O   1 
ATOM   128 C  CB  . THR A 1 18 ? -5.050  4.882   -20.936 1.00 83.66  ? 336 THR A CB  1 
ATOM   129 O  OG1 . THR A 1 18 ? -5.405  3.512   -21.171 1.00 93.71  ? 336 THR A OG1 1 
ATOM   130 C  CG2 . THR A 1 18 ? -6.259  5.778   -21.177 1.00 85.08  ? 336 THR A CG2 1 
ATOM   131 N  N   . ILE A 1 19 ? -1.927  5.370   -20.460 1.00 96.11  ? 337 ILE A N   1 
ATOM   132 C  CA  . ILE A 1 19 ? -0.719  4.883   -19.823 1.00 90.08  ? 337 ILE A CA  1 
ATOM   133 C  C   . ILE A 1 19 ? -1.044  4.204   -18.508 1.00 89.52  ? 337 ILE A C   1 
ATOM   134 O  O   . ILE A 1 19 ? -1.707  4.779   -17.650 1.00 96.73  ? 337 ILE A O   1 
ATOM   135 C  CB  . ILE A 1 19 ? 0.278   6.023   -19.571 1.00 95.73  ? 337 ILE A CB  1 
ATOM   136 C  CG1 . ILE A 1 19 ? 0.765   6.608   -20.898 1.00 97.51  ? 337 ILE A CG1 1 
ATOM   137 C  CG2 . ILE A 1 19 ? 1.448   5.528   -18.743 1.00 99.73  ? 337 ILE A CG2 1 
ATOM   138 C  CD1 . ILE A 1 19 ? 1.592   7.863   -20.735 1.00 109.02 ? 337 ILE A CD1 1 
ATOM   139 N  N   . GLU A 1 20 ? -0.577  2.971   -18.359 1.00 83.06  ? 338 GLU A N   1 
ATOM   140 C  CA  . GLU A 1 20 ? -0.770  2.228   -17.128 1.00 78.13  ? 338 GLU A CA  1 
ATOM   141 C  C   . GLU A 1 20 ? 0.551   1.948   -16.420 1.00 71.97  ? 338 GLU A C   1 
ATOM   142 O  O   . GLU A 1 20 ? 1.553   1.625   -17.048 1.00 74.11  ? 338 GLU A O   1 
ATOM   143 C  CB  . GLU A 1 20 ? -1.496  0.916   -17.408 1.00 77.63  ? 338 GLU A CB  1 
ATOM   144 C  CG  . GLU A 1 20 ? -2.930  1.080   -17.864 1.00 92.21  ? 338 GLU A CG  1 
ATOM   145 C  CD  . GLU A 1 20 ? -3.578  -0.245  -18.176 1.00 87.76  ? 338 GLU A CD  1 
ATOM   146 O  OE1 . GLU A 1 20 ? -2.846  -1.255  -18.245 1.00 90.44  ? 338 GLU A OE1 1 
ATOM   147 O  OE2 . GLU A 1 20 ? -4.812  -0.281  -18.352 1.00 103.07 ? 338 GLU A OE2 1 
ATOM   148 N  N   . TYR A 1 21 ? 0.539   2.084   -15.100 1.00 93.49  ? 339 TYR A N   1 
ATOM   149 C  CA  . TYR A 1 21 ? 1.693   1.745   -14.281 1.00 95.83  ? 339 TYR A CA  1 
ATOM   150 C  C   . TYR A 1 21 ? 1.420   0.481   -13.477 1.00 78.90  ? 339 TYR A C   1 
ATOM   151 O  O   . TYR A 1 21 ? 0.280   0.198   -13.102 1.00 79.03  ? 339 TYR A O   1 
ATOM   152 C  CB  . TYR A 1 21 ? 2.058   2.894   -13.341 1.00 101.40 ? 339 TYR A CB  1 
ATOM   153 C  CG  . TYR A 1 21 ? 2.803   4.031   -14.003 1.00 98.38  ? 339 TYR A CG  1 
ATOM   154 C  CD1 . TYR A 1 21 ? 4.165   3.934   -14.271 1.00 98.33  ? 339 TYR A CD1 1 
ATOM   155 C  CD2 . TYR A 1 21 ? 2.151   5.205   -14.353 1.00 86.79  ? 339 TYR A CD2 1 
ATOM   156 C  CE1 . TYR A 1 21 ? 4.853   4.970   -14.873 1.00 105.11 ? 339 TYR A CE1 1 
ATOM   157 C  CE2 . TYR A 1 21 ? 2.833   6.252   -14.956 1.00 94.66  ? 339 TYR A CE2 1 
ATOM   158 C  CZ  . TYR A 1 21 ? 4.183   6.127   -15.213 1.00 111.39 ? 339 TYR A CZ  1 
ATOM   159 O  OH  . TYR A 1 21 ? 4.869   7.162   -15.813 1.00 115.40 ? 339 TYR A OH  1 
ATOM   160 N  N   . LEU A 1 22 ? 2.470   -0.290  -13.230 1.00 70.15  ? 340 LEU A N   1 
ATOM   161 C  CA  . LEU A 1 22 ? 2.330   -1.523  -12.486 1.00 68.93  ? 340 LEU A CA  1 
ATOM   162 C  C   . LEU A 1 22 ? 2.608   -1.267  -11.017 1.00 72.81  ? 340 LEU A C   1 
ATOM   163 O  O   . LEU A 1 22 ? 3.745   -1.000  -10.621 1.00 82.78  ? 340 LEU A O   1 
ATOM   164 C  CB  . LEU A 1 22 ? 3.266   -2.591  -13.034 1.00 71.47  ? 340 LEU A CB  1 
ATOM   165 C  CG  . LEU A 1 22 ? 3.115   -3.976  -12.414 1.00 67.03  ? 340 LEU A CG  1 
ATOM   166 C  CD1 . LEU A 1 22 ? 1.705   -4.496  -12.619 1.00 65.34  ? 340 LEU A CD1 1 
ATOM   167 C  CD2 . LEU A 1 22 ? 4.137   -4.919  -13.031 1.00 63.56  ? 340 LEU A CD2 1 
ATOM   168 N  N   . VAL A 1 23 ? 1.551   -1.365  -10.219 1.00 74.95  ? 341 VAL A N   1 
ATOM   169 C  CA  . VAL A 1 23 ? 1.587   -1.006  -8.813  1.00 79.24  ? 341 VAL A CA  1 
ATOM   170 C  C   . VAL A 1 23 ? 1.782   -2.222  -7.913  1.00 80.52  ? 341 VAL A C   1 
ATOM   171 O  O   . VAL A 1 23 ? 1.014   -3.181  -7.962  1.00 86.08  ? 341 VAL A O   1 
ATOM   172 C  CB  . VAL A 1 23 ? 0.292   -0.281  -8.409  1.00 81.62  ? 341 VAL A CB  1 
ATOM   173 C  CG1 . VAL A 1 23 ? 0.313   0.068   -6.935  1.00 94.54  ? 341 VAL A CG1 1 
ATOM   174 C  CG2 . VAL A 1 23 ? 0.102   0.964   -9.258  1.00 83.12  ? 341 VAL A CG2 1 
ATOM   175 N  N   . LYS A 1 24 ? 2.812   -2.174  -7.077  1.00 83.68  ? 342 LYS A N   1 
ATOM   176 C  CA  . LYS A 1 24 ? 3.003   -3.212  -6.076  1.00 106.64 ? 342 LYS A CA  1 
ATOM   177 C  C   . LYS A 1 24 ? 2.192   -2.848  -4.844  1.00 96.52  ? 342 LYS A C   1 
ATOM   178 O  O   . LYS A 1 24 ? 2.278   -1.725  -4.356  1.00 97.28  ? 342 LYS A O   1 
ATOM   179 C  CB  . LYS A 1 24 ? 4.481   -3.379  -5.725  1.00 97.43  ? 342 LYS A CB  1 
ATOM   180 C  CG  . LYS A 1 24 ? 4.767   -4.533  -4.777  1.00 99.15  ? 342 LYS A CG  1 
ATOM   181 C  CD  . LYS A 1 24 ? 4.340   -5.875  -5.368  1.00 86.30  ? 342 LYS A CD  1 
ATOM   182 C  CE  . LYS A 1 24 ? 4.894   -7.036  -4.544  1.00 93.34  ? 342 LYS A CE  1 
ATOM   183 N  NZ  . LYS A 1 24 ? 4.504   -7.004  -3.093  1.00 109.09 ? 342 LYS A NZ  1 
ATOM   184 N  N   . TRP A 1 25 ? 1.393   -3.790  -4.354  1.00 112.21 ? 343 TRP A N   1 
ATOM   185 C  CA  . TRP A 1 25 ? 0.569   -3.550  -3.176  1.00 107.31 ? 343 TRP A CA  1 
ATOM   186 C  C   . TRP A 1 25 ? 1.086   -4.317  -1.971  1.00 103.48 ? 343 TRP A C   1 
ATOM   187 O  O   . TRP A 1 25 ? 1.626   -5.415  -2.106  1.00 101.94 ? 343 TRP A O   1 
ATOM   188 C  CB  . TRP A 1 25 ? -0.884  -3.940  -3.451  1.00 108.23 ? 343 TRP A CB  1 
ATOM   189 C  CG  . TRP A 1 25 ? -1.506  -3.179  -4.577  1.00 104.71 ? 343 TRP A CG  1 
ATOM   190 C  CD1 . TRP A 1 25 ? -1.651  -3.594  -5.873  1.00 111.98 ? 343 TRP A CD1 1 
ATOM   191 C  CD2 . TRP A 1 25 ? -2.063  -1.867  -4.510  1.00 95.72  ? 343 TRP A CD2 1 
ATOM   192 N  NE1 . TRP A 1 25 ? -2.268  -2.616  -6.616  1.00 85.75  ? 343 TRP A NE1 1 
ATOM   193 C  CE2 . TRP A 1 25 ? -2.534  -1.544  -5.803  1.00 94.82  ? 343 TRP A CE2 1 
ATOM   194 C  CE3 . TRP A 1 25 ? -2.215  -0.927  -3.488  1.00 100.12 ? 343 TRP A CE3 1 
ATOM   195 C  CZ2 . TRP A 1 25 ? -3.143  -0.329  -6.092  1.00 98.93  ? 343 TRP A CZ2 1 
ATOM   196 C  CZ3 . TRP A 1 25 ? -2.820  0.278   -3.776  1.00 101.34 ? 343 TRP A CZ3 1 
ATOM   197 C  CH2 . TRP A 1 25 ? -3.277  0.568   -5.068  1.00 100.06 ? 343 TRP A CH2 1 
ATOM   198 N  N   . THR A 1 26 ? 0.923   -3.730  -0.790  1.00 99.75  ? 344 THR A N   1 
ATOM   199 C  CA  . THR A 1 26 ? 1.174   -4.457  0.444   1.00 92.13  ? 344 THR A CA  1 
ATOM   200 C  C   . THR A 1 26 ? 0.170   -5.587  0.530   1.00 84.63  ? 344 THR A C   1 
ATOM   201 O  O   . THR A 1 26 ? -1.014  -5.389  0.277   1.00 88.66  ? 344 THR A O   1 
ATOM   202 C  CB  . THR A 1 26 ? 1.036   -3.581  1.700   1.00 87.69  ? 344 THR A CB  1 
ATOM   203 O  OG1 . THR A 1 26 ? -0.347  -3.304  1.923   1.00 122.64 ? 344 THR A OG1 1 
ATOM   204 C  CG2 . THR A 1 26 ? 1.794   -2.280  1.553   1.00 97.51  ? 344 THR A CG2 1 
ATOM   205 N  N   . ASP A 1 27 ? 0.648   -6.776  0.866   1.00 94.14  ? 345 ASP A N   1 
ATOM   206 C  CA  . ASP A 1 27 ? -0.243  -7.903  1.074   1.00 103.99 ? 345 ASP A CA  1 
ATOM   207 C  C   . ASP A 1 27 ? -1.149  -7.618  2.269   1.00 103.38 ? 345 ASP A C   1 
ATOM   208 O  O   . ASP A 1 27 ? -0.685  -7.157  3.311   1.00 113.84 ? 345 ASP A O   1 
ATOM   209 C  CB  . ASP A 1 27 ? 0.558   -9.187  1.291   1.00 91.66  ? 345 ASP A CB  1 
ATOM   210 C  CG  . ASP A 1 27 ? -0.242  -10.437 0.966   1.00 87.73  ? 345 ASP A CG  1 
ATOM   211 O  OD1 . ASP A 1 27 ? -1.492  -10.364 0.974   1.00 81.55  ? 345 ASP A OD1 1 
ATOM   212 O  OD2 . ASP A 1 27 ? 0.385   -11.491 0.711   1.00 88.28  ? 345 ASP A OD2 1 
ATOM   213 N  N   . MET A 1 28 ? -2.442  -7.874  2.105   1.00 95.76  ? 346 MET A N   1 
ATOM   214 C  CA  . MET A 1 28 ? -3.402  -7.693  3.188   1.00 87.94  ? 346 MET A CA  1 
ATOM   215 C  C   . MET A 1 28 ? -3.502  -8.991  3.972   1.00 85.70  ? 346 MET A C   1 
ATOM   216 O  O   . MET A 1 28 ? -4.153  -9.064  5.011   1.00 94.31  ? 346 MET A O   1 
ATOM   217 C  CB  . MET A 1 28 ? -4.761  -7.244  2.646   1.00 92.11  ? 346 MET A CB  1 
ATOM   218 C  CG  . MET A 1 28 ? -4.738  -5.795  2.186   1.00 105.82 ? 346 MET A CG  1 
ATOM   219 S  SD  . MET A 1 28 ? -4.146  -4.752  3.534   1.00 86.45  ? 346 MET A SD  1 
ATOM   220 C  CE  . MET A 1 28 ? -3.447  -3.339  2.709   1.00 73.80  ? 346 MET A CE  1 
ATOM   221 N  N   . SER A 1 29 ? -2.840  -10.020 3.453   1.00 108.32 ? 347 SER A N   1 
ATOM   222 C  CA  . SER A 1 29 ? -2.479  -11.172 4.264   1.00 96.71  ? 347 SER A CA  1 
ATOM   223 C  C   . SER A 1 29 ? -1.393  -10.708 5.215   1.00 96.14  ? 347 SER A C   1 
ATOM   224 O  O   . SER A 1 29 ? -0.639  -9.794  4.881   1.00 102.34 ? 347 SER A O   1 
ATOM   225 C  CB  . SER A 1 29 ? -1.987  -12.336 3.406   1.00 92.87  ? 347 SER A CB  1 
ATOM   226 O  OG  . SER A 1 29 ? -2.952  -12.711 2.447   1.00 95.80  ? 347 SER A OG  1 
ATOM   227 N  N   . ASP A 1 30 ? -1.323  -11.327 6.389   1.00 82.25  ? 348 ASP A N   1 
ATOM   228 C  CA  . ASP A 1 30 ? -0.396  -10.910 7.438   1.00 84.85  ? 348 ASP A CA  1 
ATOM   229 C  C   . ASP A 1 30 ? -0.712  -9.509  7.936   1.00 84.26  ? 348 ASP A C   1 
ATOM   230 O  O   . ASP A 1 30 ? 0.189   -8.771  8.343   1.00 84.69  ? 348 ASP A O   1 
ATOM   231 C  CB  . ASP A 1 30 ? 1.060   -10.964 6.961   1.00 109.16 ? 348 ASP A CB  1 
ATOM   232 C  CG  . ASP A 1 30 ? 1.539   -12.371 6.709   1.00 129.63 ? 348 ASP A CG  1 
ATOM   233 O  OD1 . ASP A 1 30 ? 1.290   -13.236 7.571   1.00 121.08 ? 348 ASP A OD1 1 
ATOM   234 O  OD2 . ASP A 1 30 ? 2.151   -12.615 5.647   1.00 144.58 ? 348 ASP A OD2 1 
ATOM   235 N  N   . ALA A 1 31 ? -1.994  -9.156  7.919   1.00 106.60 ? 349 ALA A N   1 
ATOM   236 C  CA  . ALA A 1 31 ? -2.429  -7.847  8.374   1.00 84.02  ? 349 ALA A CA  1 
ATOM   237 C  C   . ALA A 1 31 ? -3.749  -7.956  9.114   1.00 82.98  ? 349 ALA A C   1 
ATOM   238 O  O   . ALA A 1 31 ? -4.724  -8.467  8.575   1.00 102.39 ? 349 ALA A O   1 
ATOM   239 C  CB  . ALA A 1 31 ? -2.551  -6.893  7.197   1.00 85.52  ? 349 ALA A CB  1 
ATOM   240 N  N   . THR A 1 32 ? -3.775  -7.482  10.356  1.00 74.24  ? 350 THR A N   1 
ATOM   241 C  CA  . THR A 1 32 ? -5.013  -7.449  11.124  1.00 72.89  ? 350 THR A CA  1 
ATOM   242 C  C   . THR A 1 32 ? -5.282  -6.093  11.761  1.00 80.86  ? 350 THR A C   1 
ATOM   243 O  O   . THR A 1 32 ? -4.365  -5.327  12.047  1.00 85.45  ? 350 THR A O   1 
ATOM   244 C  CB  . THR A 1 32 ? -5.030  -8.514  12.252  1.00 87.12  ? 350 THR A CB  1 
ATOM   245 O  OG1 . THR A 1 32 ? -4.116  -8.153  13.298  1.00 82.58  ? 350 THR A OG1 1 
ATOM   246 C  CG2 . THR A 1 32 ? -4.675  -9.886  11.712  1.00 76.56  ? 350 THR A CG2 1 
ATOM   247 N  N   . TRP A 1 33 ? -6.561  -5.807  11.980  1.00 88.27  ? 351 TRP A N   1 
ATOM   248 C  CA  . TRP A 1 33 ? -6.967  -4.638  12.750  1.00 70.22  ? 351 TRP A CA  1 
ATOM   249 C  C   . TRP A 1 33 ? -6.972  -4.958  14.240  1.00 71.09  ? 351 TRP A C   1 
ATOM   250 O  O   . TRP A 1 33 ? -7.581  -5.934  14.677  1.00 100.56 ? 351 TRP A O   1 
ATOM   251 C  CB  . TRP A 1 33 ? -8.349  -4.156  12.320  1.00 67.19  ? 351 TRP A CB  1 
ATOM   252 C  CG  . TRP A 1 33 ? -8.407  -3.531  10.967  1.00 65.97  ? 351 TRP A CG  1 
ATOM   253 C  CD1 . TRP A 1 33 ? -8.884  -4.096  9.820   1.00 68.61  ? 351 TRP A CD1 1 
ATOM   254 C  CD2 . TRP A 1 33 ? -7.998  -2.206  10.618  1.00 70.03  ? 351 TRP A CD2 1 
ATOM   255 N  NE1 . TRP A 1 33 ? -8.795  -3.203  8.775   1.00 64.80  ? 351 TRP A NE1 1 
ATOM   256 C  CE2 . TRP A 1 33 ? -8.252  -2.033  9.243   1.00 69.81  ? 351 TRP A CE2 1 
ATOM   257 C  CE3 . TRP A 1 33 ? -7.440  -1.146  11.343  1.00 73.67  ? 351 TRP A CE3 1 
ATOM   258 C  CZ2 . TRP A 1 33 ? -7.963  -0.847  8.573   1.00 65.97  ? 351 TRP A CZ2 1 
ATOM   259 C  CZ3 . TRP A 1 33 ? -7.153  0.027   10.679  1.00 79.25  ? 351 TRP A CZ3 1 
ATOM   260 C  CH2 . TRP A 1 33 ? -7.416  0.170   9.307   1.00 70.67  ? 351 TRP A CH2 1 
ATOM   261 N  N   . GLU A 1 34 ? -6.272  -4.139  15.011  1.00 72.56  ? 352 GLU A N   1 
ATOM   262 C  CA  . GLU A 1 34 ? -6.164  -4.341  16.449  1.00 84.27  ? 352 GLU A CA  1 
ATOM   263 C  C   . GLU A 1 34 ? -6.407  -3.031  17.188  1.00 91.02  ? 352 GLU A C   1 
ATOM   264 O  O   . GLU A 1 34 ? -6.006  -1.968  16.715  1.00 89.98  ? 352 GLU A O   1 
ATOM   265 C  CB  . GLU A 1 34 ? -4.788  -4.903  16.813  1.00 99.80  ? 352 GLU A CB  1 
ATOM   266 C  CG  . GLU A 1 34 ? -4.459  -6.247  16.173  1.00 109.00 ? 352 GLU A CG  1 
ATOM   267 C  CD  . GLU A 1 34 ? -5.305  -7.380  16.714  1.00 126.58 ? 352 GLU A CD  1 
ATOM   268 O  OE1 . GLU A 1 34 ? -5.462  -7.474  17.951  1.00 133.76 ? 352 GLU A OE1 1 
ATOM   269 O  OE2 . GLU A 1 34 ? -5.817  -8.179  15.899  1.00 123.68 ? 352 GLU A OE2 1 
ATOM   270 N  N   . PRO A 1 35 ? -7.079  -3.109  18.348  1.00 86.24  ? 353 PRO A N   1 
ATOM   271 C  CA  . PRO A 1 35 ? -7.338  -1.961  19.223  1.00 80.14  ? 353 PRO A CA  1 
ATOM   272 C  C   . PRO A 1 35 ? -6.067  -1.218  19.615  1.00 94.54  ? 353 PRO A C   1 
ATOM   273 O  O   . PRO A 1 35 ? -4.994  -1.809  19.707  1.00 110.29 ? 353 PRO A O   1 
ATOM   274 C  CB  . PRO A 1 35 ? -7.993  -2.602  20.449  1.00 89.41  ? 353 PRO A CB  1 
ATOM   275 C  CG  . PRO A 1 35 ? -8.655  -3.810  19.910  1.00 90.66  ? 353 PRO A CG  1 
ATOM   276 C  CD  . PRO A 1 35 ? -7.725  -4.333  18.851  1.00 94.69  ? 353 PRO A CD  1 
ATOM   277 N  N   . GLN A 1 36 ? -6.218  0.077   19.864  1.00 103.84 ? 354 GLN A N   1 
ATOM   278 C  CA  . GLN A 1 36 ? -5.110  0.988   20.131  1.00 108.52 ? 354 GLN A CA  1 
ATOM   279 C  C   . GLN A 1 36 ? -4.209  0.568   21.302  1.00 114.72 ? 354 GLN A C   1 
ATOM   280 O  O   . GLN A 1 36 ? -3.058  0.998   21.395  1.00 113.81 ? 354 GLN A O   1 
ATOM   281 C  CB  . GLN A 1 36 ? -5.672  2.389   20.386  1.00 107.98 ? 354 GLN A CB  1 
ATOM   282 C  CG  . GLN A 1 36 ? -4.665  3.506   20.255  1.00 114.80 ? 354 GLN A CG  1 
ATOM   283 C  CD  . GLN A 1 36 ? -5.298  4.872   20.388  1.00 117.14 ? 354 GLN A CD  1 
ATOM   284 O  OE1 . GLN A 1 36 ? -6.424  5.005   20.872  1.00 122.82 ? 354 GLN A OE1 1 
ATOM   285 N  NE2 . GLN A 1 36 ? -4.578  5.900   19.952  1.00 112.97 ? 354 GLN A NE2 1 
ATOM   286 N  N   . ASP A 1 37 ? -4.725  -0.267  22.196  1.00 112.71 ? 355 ASP A N   1 
ATOM   287 C  CA  . ASP A 1 37 ? -3.953  -0.676  23.363  1.00 134.10 ? 355 ASP A CA  1 
ATOM   288 C  C   . ASP A 1 37 ? -2.987  -1.817  23.049  1.00 134.36 ? 355 ASP A C   1 
ATOM   289 O  O   . ASP A 1 37 ? -1.934  -1.937  23.677  1.00 141.13 ? 355 ASP A O   1 
ATOM   290 C  CB  . ASP A 1 37 ? -4.887  -1.080  24.503  1.00 153.75 ? 355 ASP A CB  1 
ATOM   291 C  CG  . ASP A 1 37 ? -5.650  0.101   25.076  1.00 170.65 ? 355 ASP A CG  1 
ATOM   292 O  OD1 . ASP A 1 37 ? -5.263  1.256   24.795  1.00 164.61 ? 355 ASP A OD1 1 
ATOM   293 O  OD2 . ASP A 1 37 ? -6.634  -0.126  25.812  1.00 182.65 ? 355 ASP A OD2 1 
ATOM   294 N  N   . ASN A 1 38 ? -3.344  -2.649  22.077  1.00 125.96 ? 356 ASN A N   1 
ATOM   295 C  CA  . ASN A 1 38 ? -2.515  -3.795  21.718  1.00 117.28 ? 356 ASN A CA  1 
ATOM   296 C  C   . ASN A 1 38 ? -1.263  -3.394  20.952  1.00 126.47 ? 356 ASN A C   1 
ATOM   297 O  O   . ASN A 1 38 ? -0.316  -4.171  20.847  1.00 147.94 ? 356 ASN A O   1 
ATOM   298 C  CB  . ASN A 1 38 ? -3.317  -4.799  20.888  1.00 107.84 ? 356 ASN A CB  1 
ATOM   299 C  CG  . ASN A 1 38 ? -4.558  -5.284  21.601  1.00 117.69 ? 356 ASN A CG  1 
ATOM   300 O  OD1 . ASN A 1 38 ? -4.729  -5.057  22.797  1.00 124.19 ? 356 ASN A OD1 1 
ATOM   301 N  ND2 . ASN A 1 38 ? -5.431  -5.965  20.872  1.00 113.47 ? 356 ASN A ND2 1 
ATOM   302 N  N   . VAL A 1 39 ? -1.260  -2.184  20.410  1.00 97.59  ? 357 VAL A N   1 
ATOM   303 C  CA  . VAL A 1 39 ? -0.133  -1.723  19.615  1.00 104.51 ? 357 VAL A CA  1 
ATOM   304 C  C   . VAL A 1 39 ? 0.823   -0.885  20.459  1.00 118.03 ? 357 VAL A C   1 
ATOM   305 O  O   . VAL A 1 39 ? 0.410   -0.212  21.402  1.00 123.80 ? 357 VAL A O   1 
ATOM   306 C  CB  . VAL A 1 39 ? -0.604  -0.908  18.397  1.00 100.81 ? 357 VAL A CB  1 
ATOM   307 C  CG1 . VAL A 1 39 ? -1.502  -1.756  17.511  1.00 85.59  ? 357 VAL A CG1 1 
ATOM   308 C  CG2 . VAL A 1 39 ? -1.333  0.338   18.842  1.00 109.66 ? 357 VAL A CG2 1 
ATOM   309 N  N   . ASP A 1 40 ? 2.106   -0.947  20.126  1.00 121.96 ? 358 ASP A N   1 
ATOM   310 C  CA  . ASP A 1 40 ? 3.107   -0.137  20.804  1.00 133.28 ? 358 ASP A CA  1 
ATOM   311 C  C   . ASP A 1 40 ? 3.074   1.283   20.263  1.00 136.79 ? 358 ASP A C   1 
ATOM   312 O  O   . ASP A 1 40 ? 2.948   1.486   19.054  1.00 129.42 ? 358 ASP A O   1 
ATOM   313 C  CB  . ASP A 1 40 ? 4.506   -0.731  20.632  1.00 150.07 ? 358 ASP A CB  1 
ATOM   314 C  CG  . ASP A 1 40 ? 4.708   -1.997  21.444  1.00 175.76 ? 358 ASP A CG  1 
ATOM   315 O  OD1 . ASP A 1 40 ? 3.953   -2.215  22.412  1.00 181.40 ? 358 ASP A OD1 1 
ATOM   316 O  OD2 . ASP A 1 40 ? 5.624   -2.778  21.109  1.00 189.57 ? 358 ASP A OD2 1 
ATOM   317 N  N   . SER A 1 41 ? 3.176   2.254   21.167  1.00 158.91 ? 359 SER A N   1 
ATOM   318 C  CA  . SER A 1 41 ? 3.132   3.671   20.814  1.00 168.22 ? 359 SER A CA  1 
ATOM   319 C  C   . SER A 1 41 ? 4.085   3.995   19.669  1.00 171.03 ? 359 SER A C   1 
ATOM   320 O  O   . SER A 1 41 ? 3.750   4.760   18.766  1.00 171.48 ? 359 SER A O   1 
ATOM   321 C  CB  . SER A 1 41 ? 3.472   4.537   22.029  1.00 175.95 ? 359 SER A CB  1 
ATOM   322 O  OG  . SER A 1 41 ? 2.543   4.334   23.080  1.00 178.69 ? 359 SER A OG  1 
ATOM   323 N  N   . THR A 1 42 ? 5.264   3.383   19.718  1.00 159.61 ? 360 THR A N   1 
ATOM   324 C  CA  . THR A 1 42 ? 6.311   3.575   18.719  1.00 162.69 ? 360 THR A CA  1 
ATOM   325 C  C   . THR A 1 42 ? 5.836   3.413   17.280  1.00 167.47 ? 360 THR A C   1 
ATOM   326 O  O   . THR A 1 42 ? 5.932   4.346   16.483  1.00 178.91 ? 360 THR A O   1 
ATOM   327 C  CB  . THR A 1 42 ? 7.457   2.585   18.941  1.00 170.25 ? 360 THR A CB  1 
ATOM   328 O  OG1 . THR A 1 42 ? 6.938   1.249   18.903  1.00 172.21 ? 360 THR A OG1 1 
ATOM   329 C  CG2 . THR A 1 42 ? 8.123   2.834   20.288  1.00 168.02 ? 360 THR A CG2 1 
ATOM   330 N  N   . LEU A 1 43 ? 5.339   2.222   16.955  1.00 151.58 ? 361 LEU A N   1 
ATOM   331 C  CA  . LEU A 1 43 ? 4.879   1.921   15.601  1.00 130.58 ? 361 LEU A CA  1 
ATOM   332 C  C   . LEU A 1 43 ? 3.799   2.895   15.159  1.00 116.37 ? 361 LEU A C   1 
ATOM   333 O  O   . LEU A 1 43 ? 3.741   3.281   13.993  1.00 102.29 ? 361 LEU A O   1 
ATOM   334 C  CB  . LEU A 1 43 ? 4.362   0.485   15.511  1.00 116.90 ? 361 LEU A CB  1 
ATOM   335 C  CG  . LEU A 1 43 ? 5.417   -0.615  15.628  1.00 130.52 ? 361 LEU A CG  1 
ATOM   336 C  CD1 . LEU A 1 43 ? 4.766   -1.983  15.546  1.00 133.83 ? 361 LEU A CD1 1 
ATOM   337 C  CD2 . LEU A 1 43 ? 6.481   -0.457  14.553  1.00 126.80 ? 361 LEU A CD2 1 
ATOM   338 N  N   . VAL A 1 44 ? 2.948   3.293   16.097  1.00 117.45 ? 362 VAL A N   1 
ATOM   339 C  CA  . VAL A 1 44 ? 1.930   4.290   15.807  1.00 112.40 ? 362 VAL A CA  1 
ATOM   340 C  C   . VAL A 1 44 ? 2.580   5.632   15.492  1.00 124.32 ? 362 VAL A C   1 
ATOM   341 O  O   . VAL A 1 44 ? 2.244   6.269   14.494  1.00 117.48 ? 362 VAL A O   1 
ATOM   342 C  CB  . VAL A 1 44 ? 0.946   4.459   16.976  1.00 103.20 ? 362 VAL A CB  1 
ATOM   343 C  CG1 . VAL A 1 44 ? 0.114   5.720   16.790  1.00 107.75 ? 362 VAL A CG1 1 
ATOM   344 C  CG2 . VAL A 1 44 ? 0.046   3.246   17.081  1.00 93.50  ? 362 VAL A CG2 1 
ATOM   345 N  N   . LEU A 1 45 ? 3.516   6.053   16.337  1.00 132.61 ? 363 LEU A N   1 
ATOM   346 C  CA  . LEU A 1 45 ? 4.182   7.337   16.144  1.00 136.13 ? 363 LEU A CA  1 
ATOM   347 C  C   . LEU A 1 45 ? 4.929   7.369   14.812  1.00 141.87 ? 363 LEU A C   1 
ATOM   348 O  O   . LEU A 1 45 ? 5.111   8.433   14.220  1.00 152.73 ? 363 LEU A O   1 
ATOM   349 C  CB  . LEU A 1 45 ? 5.139   7.636   17.303  1.00 139.58 ? 363 LEU A CB  1 
ATOM   350 C  CG  . LEU A 1 45 ? 4.524   7.752   18.704  1.00 143.81 ? 363 LEU A CG  1 
ATOM   351 C  CD1 . LEU A 1 45 ? 5.567   8.185   19.731  1.00 157.07 ? 363 LEU A CD1 1 
ATOM   352 C  CD2 . LEU A 1 45 ? 3.326   8.690   18.720  1.00 145.25 ? 363 LEU A CD2 1 
ATOM   353 N  N   . LEU A 1 46 ? 5.351   6.200   14.340  1.00 135.58 ? 364 LEU A N   1 
ATOM   354 C  CA  . LEU A 1 46 ? 6.002   6.095   13.037  1.00 141.31 ? 364 LEU A CA  1 
ATOM   355 C  C   . LEU A 1 46 ? 4.979   6.185   11.915  1.00 132.67 ? 364 LEU A C   1 
ATOM   356 O  O   . LEU A 1 46 ? 5.268   6.710   10.840  1.00 139.12 ? 364 LEU A O   1 
ATOM   357 C  CB  . LEU A 1 46 ? 6.786   4.788   12.926  1.00 152.86 ? 364 LEU A CB  1 
ATOM   358 C  CG  . LEU A 1 46 ? 8.034   4.685   13.799  1.00 154.75 ? 364 LEU A CG  1 
ATOM   359 C  CD1 . LEU A 1 46 ? 8.670   3.312   13.647  1.00 154.22 ? 364 LEU A CD1 1 
ATOM   360 C  CD2 . LEU A 1 46 ? 9.026   5.783   13.447  1.00 163.58 ? 364 LEU A CD2 1 
ATOM   361 N  N   . TYR A 1 47 ? 3.782   5.662   12.168  1.00 117.36 ? 365 TYR A N   1 
ATOM   362 C  CA  . TYR A 1 47 ? 2.698   5.744   11.197  1.00 110.00 ? 365 TYR A CA  1 
ATOM   363 C  C   . TYR A 1 47 ? 2.246   7.182   11.007  1.00 118.98 ? 365 TYR A C   1 
ATOM   364 O  O   . TYR A 1 47 ? 1.917   7.595   9.903   1.00 120.77 ? 365 TYR A O   1 
ATOM   365 C  CB  . TYR A 1 47 ? 1.504   4.891   11.626  1.00 98.09  ? 365 TYR A CB  1 
ATOM   366 C  CG  . TYR A 1 47 ? 0.271   5.136   10.784  1.00 90.33  ? 365 TYR A CG  1 
ATOM   367 C  CD1 . TYR A 1 47 ? 0.222   4.731   9.455   1.00 91.76  ? 365 TYR A CD1 1 
ATOM   368 C  CD2 . TYR A 1 47 ? -0.846  5.774   11.316  1.00 100.20 ? 365 TYR A CD2 1 
ATOM   369 C  CE1 . TYR A 1 47 ? -0.905  4.956   8.681   1.00 102.69 ? 365 TYR A CE1 1 
ATOM   370 C  CE2 . TYR A 1 47 ? -1.976  6.001   10.547  1.00 89.89  ? 365 TYR A CE2 1 
ATOM   371 C  CZ  . TYR A 1 47 ? -1.999  5.590   9.233   1.00 93.34  ? 365 TYR A CZ  1 
ATOM   372 O  OH  . TYR A 1 47 ? -3.118  5.819   8.466   1.00 98.55  ? 365 TYR A OH  1 
ATOM   373 N  N   . GLN A 1 48 ? 2.235   7.941   12.095  1.00 138.47 ? 366 GLN A N   1 
ATOM   374 C  CA  . GLN A 1 48 ? 1.775   9.324   12.061  1.00 147.33 ? 366 GLN A CA  1 
ATOM   375 C  C   . GLN A 1 48 ? 2.692   10.206  11.218  1.00 156.53 ? 366 GLN A C   1 
ATOM   376 O  O   . GLN A 1 48 ? 2.254   11.198  10.636  1.00 160.39 ? 366 GLN A O   1 
ATOM   377 C  CB  . GLN A 1 48 ? 1.672   9.877   13.482  1.00 147.03 ? 366 GLN A CB  1 
ATOM   378 C  CG  . GLN A 1 48 ? 0.731   9.091   14.380  1.00 146.85 ? 366 GLN A CG  1 
ATOM   379 C  CD  . GLN A 1 48 ? 0.720   9.600   15.809  1.00 150.94 ? 366 GLN A CD  1 
ATOM   380 O  OE1 . GLN A 1 48 ? 1.481   10.497  16.166  1.00 157.83 ? 366 GLN A OE1 1 
ATOM   381 N  NE2 . GLN A 1 48 ? -0.148  9.029   16.635  1.00 144.57 ? 366 GLN A NE2 1 
ATOM   382 N  N   . GLN A 1 49 ? 3.965   9.835   11.143  1.00 150.81 ? 367 GLN A N   1 
ATOM   383 C  CA  . GLN A 1 49 ? 4.924   10.587  10.344  1.00 154.07 ? 367 GLN A CA  1 
ATOM   384 C  C   . GLN A 1 49 ? 4.773   10.245  8.865   1.00 155.45 ? 367 GLN A C   1 
ATOM   385 O  O   . GLN A 1 49 ? 4.761   11.141  8.023   1.00 158.25 ? 367 GLN A O   1 
ATOM   386 C  CB  . GLN A 1 49 ? 6.357   10.313  10.816  1.00 149.54 ? 367 GLN A CB  1 
ATOM   387 C  CG  . GLN A 1 49 ? 7.395   11.247  10.208  1.00 161.58 ? 367 GLN A CG  1 
ATOM   388 C  CD  . GLN A 1 49 ? 8.728   11.220  10.943  1.00 184.62 ? 367 GLN A CD  1 
ATOM   389 O  OE1 . GLN A 1 49 ? 9.218   10.160  11.332  1.00 186.72 ? 367 GLN A OE1 1 
ATOM   390 N  NE2 . GLN A 1 49 ? 9.317   12.397  11.140  1.00 191.46 ? 367 GLN A NE2 1 
ATOM   391 N  N   . GLN A 1 50 ? 4.648   8.946   8.585   1.00 159.47 ? 368 GLN A N   1 
ATOM   392 C  CA  . GLN A 1 50 ? 4.501   8.360   7.242   1.00 155.07 ? 368 GLN A CA  1 
ATOM   393 C  C   . GLN A 1 50 ? 4.873   9.265   6.071   1.00 154.39 ? 368 GLN A C   1 
ATOM   394 O  O   . GLN A 1 50 ? 4.045   10.036  5.589   1.00 154.83 ? 368 GLN A O   1 
ATOM   395 C  CB  . GLN A 1 50 ? 3.064   7.866   7.048   1.00 151.21 ? 368 GLN A CB  1 
ATOM   396 C  CG  . GLN A 1 50 ? 2.857   7.063   5.773   1.00 157.87 ? 368 GLN A CG  1 
ATOM   397 C  CD  . GLN A 1 50 ? 1.788   5.997   5.918   1.00 148.54 ? 368 GLN A CD  1 
ATOM   398 O  OE1 . GLN A 1 50 ? 0.608   6.242   5.658   1.00 132.87 ? 368 GLN A OE1 1 
ATOM   399 N  NE2 . GLN A 1 50 ? 2.200   4.803   6.334   1.00 137.34 ? 368 GLN A NE2 1 
HETATM 400 MG MG  . MG  B 2 .  ? -1.893  -12.155 0.256   0.50 70.38  ? 101 MG  A MG  1 
HETATM 401 O  O   . HOH C 3 .  ? -6.898  -8.610  19.282  1.00 110.86 ? 201 HOH A O   1 
HETATM 402 O  O   . HOH C 3 .  ? -1.479  7.075   5.351   1.00 98.60  ? 202 HOH A O   1 
HETATM 403 O  O   . HOH C 3 .  ? -3.042  -12.824 6.961   0.50 99.16  ? 203 HOH A O   1 
HETATM 404 O  O   . HOH C 3 .  ? -11.569 -3.971  1.099   0.50 102.56 ? 204 HOH A O   1 
HETATM 405 O  O   . HOH C 3 .  ? -3.783  -10.556 0.421   0.50 85.93  ? 205 HOH A O   1 
HETATM 406 O  O   . HOH C 3 .  ? -1.896  -2.472  -0.112  1.00 102.92 ? 206 HOH A O   1 
HETATM 407 O  O   . HOH C 3 .  ? 7.398   7.492   -16.605 1.00 77.30  ? 207 HOH A O   1 
HETATM 408 O  O   . HOH C 3 .  ? -1.447  -3.889  -22.719 1.00 90.75  ? 208 HOH A O   1 
HETATM 409 O  O   . HOH C 3 .  ? 2.403   -5.037  20.488  1.00 88.15  ? 209 HOH A O   1 
HETATM 410 O  O   . HOH C 3 .  ? -8.698  -7.743  11.241  1.00 71.85  ? 210 HOH A O   1 
HETATM 411 O  O   . HOH C 3 .  ? -5.759  3.668   -1.473  1.00 110.46 ? 211 HOH A O   1 
HETATM 412 O  O   . HOH C 3 .  ? 3.531   -0.988  -23.751 0.50 53.45  ? 212 HOH A O   1 
HETATM 413 O  O   . HOH C 3 .  ? -5.532  -6.405  -17.465 1.00 88.88  ? 213 HOH A O   1 
HETATM 414 O  O   . HOH C 3 .  ? 0.278   -14.665 2.781   0.50 56.26  ? 214 HOH A O   1 
HETATM 415 O  O   . HOH C 3 .  ? -7.171  -6.186  6.215   1.00 76.43  ? 215 HOH A O   1 
HETATM 416 O  O   . HOH C 3 .  ? 4.253   -14.036 0.340   0.50 131.90 ? 216 HOH A O   1 
# 
loop_
_atom_site_anisotrop.id 
_atom_site_anisotrop.type_symbol 
_atom_site_anisotrop.pdbx_label_atom_id 
_atom_site_anisotrop.pdbx_label_alt_id 
_atom_site_anisotrop.pdbx_label_comp_id 
_atom_site_anisotrop.pdbx_label_asym_id 
_atom_site_anisotrop.pdbx_label_seq_id 
_atom_site_anisotrop.pdbx_PDB_ins_code 
_atom_site_anisotrop.U[1][1] 
_atom_site_anisotrop.U[2][2] 
_atom_site_anisotrop.U[3][3] 
_atom_site_anisotrop.U[1][2] 
_atom_site_anisotrop.U[1][3] 
_atom_site_anisotrop.U[2][3] 
_atom_site_anisotrop.pdbx_auth_seq_id 
_atom_site_anisotrop.pdbx_auth_comp_id 
_atom_site_anisotrop.pdbx_auth_asym_id 
_atom_site_anisotrop.pdbx_auth_atom_id 
1   N N   . TYR A 1  ? 1.8973 2.8268 1.5288 0.5802  0.4640  0.2943  319 TYR A N   
2   C CA  . TYR A 1  ? 1.9220 2.8432 1.5039 0.5775  0.4326  0.2542  319 TYR A CA  
3   C C   . TYR A 1  ? 1.7166 2.6541 1.2514 0.5639  0.3884  0.2529  319 TYR A C   
4   O O   . TYR A 1  ? 1.6722 2.6214 1.1833 0.5664  0.3866  0.2791  319 TYR A O   
5   C CB  . TYR A 1  ? 2.0621 2.9469 1.5599 0.5961  0.4565  0.2188  319 TYR A CB  
6   C CG  . TYR A 1  ? 2.2651 3.1296 1.7476 0.5949  0.4404  0.1744  319 TYR A CG  
7   C CD1 . TYR A 1  ? 2.3415 3.2072 1.9070 0.5970  0.4461  0.1708  319 TYR A CD1 
8   C CD2 . TYR A 1  ? 2.4477 3.2869 1.8328 0.5918  0.4189  0.1340  319 TYR A CD2 
9   C CE1 . TYR A 1  ? 2.4347 3.2732 1.9812 0.5996  0.4340  0.1313  319 TYR A CE1 
10  C CE2 . TYR A 1  ? 2.6087 3.4192 1.9788 0.5887  0.4075  0.0910  319 TYR A CE2 
11  C CZ  . TYR A 1  ? 2.6060 3.4139 2.0538 0.5944  0.4167  0.0914  319 TYR A CZ  
12  O OH  . TYR A 1  ? 2.6588 3.4287 2.0856 0.5947  0.4076  0.0496  319 TYR A OH  
13  N N   . ALA A 2  ? 1.5102 2.4464 1.0333 0.5497  0.3540  0.2207  320 ALA A N   
14  C CA  . ALA A 2  ? 1.5929 2.5481 1.0891 0.5319  0.3107  0.2146  320 ALA A CA  
15  C C   . ALA A 2  ? 1.6530 2.5848 1.0846 0.5213  0.2816  0.1595  320 ALA A C   
16  O O   . ALA A 2  ? 1.5710 2.4703 0.9921 0.5251  0.2931  0.1285  320 ALA A O   
17  C CB  . ALA A 2  ? 1.4535 2.4411 1.0458 0.5098  0.2943  0.2438  320 ALA A CB  
18  N N   . VAL A 3  ? 1.6510 2.5975 1.0439 0.5076  0.2435  0.1457  321 VAL A N   
19  C CA  . VAL A 3  ? 1.6352 2.5588 0.9704 0.4922  0.2124  0.0883  321 VAL A CA  
20  C C   . VAL A 3  ? 1.5215 2.4700 0.8949 0.4622  0.1730  0.0806  321 VAL A C   
21  O O   . VAL A 3  ? 1.6425 2.6323 1.0489 0.4578  0.1586  0.1143  321 VAL A O   
22  C CB  . VAL A 3  ? 1.8507 2.7624 1.0871 0.5039  0.2016  0.0626  321 VAL A CB  
23  C CG1 . VAL A 3  ? 1.7055 2.6540 0.9314 0.5134  0.1877  0.0999  321 VAL A CG1 
24  C CG2 . VAL A 3  ? 1.9884 2.8791 1.1769 0.4828  0.1659  -0.0018 321 VAL A CG2 
25  N N   . ALA A 4  ? 1.4025 2.3215 0.7723 0.4407  0.1591  0.0353  322 ALA A N   
26  C CA  . ALA A 4  ? 1.2681 2.2019 0.6786 0.4077  0.1289  0.0238  322 ALA A CA  
27  C C   . ALA A 4  ? 1.4558 2.4036 0.8242 0.3915  0.0868  -0.0169 322 ALA A C   
28  O O   . ALA A 4  ? 1.5847 2.5043 0.8877 0.3939  0.0780  -0.0650 322 ALA A O   
29  C CB  . ALA A 4  ? 1.2161 2.0955 0.6484 0.3885  0.1347  -0.0068 322 ALA A CB  
30  N N   . GLU A 5  ? 1.5169 2.5097 0.9300 0.3737  0.0600  0.0005  323 GLU A N   
31  C CA  . GLU A 5  ? 1.5540 2.5674 0.9483 0.3560  0.0144  -0.0409 323 GLU A CA  
32  C C   . GLU A 5  ? 1.4385 2.4045 0.8710 0.3101  -0.0026 -0.0986 323 GLU A C   
33  O O   . GLU A 5  ? 1.5245 2.4614 0.9045 0.3026  -0.0127 -0.1610 323 GLU A O   
34  C CB  . GLU A 5  ? 1.6420 2.7143 1.0863 0.3552  -0.0076 0.0034  323 GLU A CB  
35  C CG  . GLU A 5  ? 1.7313 2.8252 1.1637 0.3927  0.0157  0.0651  323 GLU A CG  
36  C CD  . GLU A 5  ? 1.6986 2.8418 1.1627 0.3963  -0.0098 0.0995  323 GLU A CD  
37  O OE1 . GLU A 5  ? 1.5044 2.6713 1.0411 0.3906  0.0057  0.1509  323 GLU A OE1 
38  O OE2 . GLU A 5  ? 1.7719 2.9277 1.1912 0.4051  -0.0447 0.0746  323 GLU A OE2 
39  N N   . SER A 6  ? 1.2608 2.2146 0.7825 0.2783  -0.0020 -0.0791 324 SER A N   
40  C CA  . SER A 6  ? 1.0635 1.9631 0.6211 0.2321  -0.0118 -0.1291 324 SER A CA  
41  C C   . SER A 6  ? 1.0143 1.8772 0.6439 0.2089  0.0070  -0.0970 324 SER A C   
42  O O   . SER A 6  ? 0.9986 1.8842 0.6583 0.2281  0.0259  -0.0388 324 SER A O   
43  C CB  . SER A 6  ? 1.1456 2.0784 0.7369 0.2037  -0.0517 -0.1634 324 SER A CB  
44  O OG  . SER A 6  ? 0.9557 1.9336 0.6244 0.1954  -0.0605 -0.1136 324 SER A OG  
45  N N   . VAL A 7  ? 1.0499 1.8532 0.7049 0.1664  0.0030  -0.1380 325 VAL A N   
46  C CA  . VAL A 7  ? 0.8860 1.6454 0.6005 0.1388  0.0161  -0.1144 325 VAL A CA  
47  C C   . VAL A 7  ? 0.8271 1.6034 0.6141 0.0959  -0.0032 -0.1209 325 VAL A C   
48  O O   . VAL A 7  ? 1.0254 1.7925 0.8130 0.0690  -0.0204 -0.1753 325 VAL A O   
49  C CB  . VAL A 7  ? 0.9884 1.6476 0.6669 0.1238  0.0337  -0.1522 325 VAL A CB  
50  C CG1 . VAL A 7  ? 0.9377 1.5431 0.6686 0.0869  0.0401  -0.1386 325 VAL A CG1 
51  C CG2 . VAL A 7  ? 1.0199 1.6620 0.6471 0.1677  0.0563  -0.1347 325 VAL A CG2 
52  N N   . ILE A 8  ? 0.7978 1.6004 0.6522 0.0884  0.0014  -0.0685 326 ILE A N   
53  C CA  . ILE A 8  ? 0.8566 1.6793 0.7871 0.0491  -0.0132 -0.0700 326 ILE A CA  
54  C C   . ILE A 8  ? 0.7537 1.5252 0.7368 0.0135  0.0029  -0.0517 326 ILE A C   
55  O O   . ILE A 8  ? 0.6597 1.4537 0.7147 -0.0156 -0.0020 -0.0379 326 ILE A O   
56  C CB  . ILE A 8  ? 0.6565 1.5726 0.6271 0.0712  -0.0266 -0.0237 326 ILE A CB  
57  C CG1 . ILE A 8  ? 0.6729 1.6154 0.6559 0.1020  -0.0027 0.0445  326 ILE A CG1 
58  C CG2 . ILE A 8  ? 0.7214 1.6859 0.6366 0.1020  -0.0501 -0.0463 326 ILE A CG2 
59  C CD1 . ILE A 8  ? 0.5933 1.6155 0.6190 0.1207  -0.0072 0.0955  326 ILE A CD1 
60  N N   . GLY A 9  ? 0.8769 1.5779 0.8228 0.0163  0.0214  -0.0521 327 GLY A N   
61  C CA  . GLY A 9  ? 0.7077 1.3547 0.6896 -0.0144 0.0334  -0.0352 327 GLY A CA  
62  C C   . GLY A 9  ? 0.8664 1.4212 0.7898 -0.0091 0.0476  -0.0471 327 GLY A C   
63  O O   . GLY A 9  ? 1.0454 1.5896 0.9102 0.0268  0.0523  -0.0555 327 GLY A O   
64  N N   . LYS A 10 ? 0.8354 1.3198 0.7723 -0.0442 0.0550  -0.0471 328 LYS A N   
65  C CA  . LYS A 10 ? 0.8132 1.1990 0.6908 -0.0395 0.0656  -0.0553 328 LYS A CA  
66  C C   . LYS A 10 ? 0.7150 1.0635 0.6238 -0.0632 0.0682  -0.0255 328 LYS A C   
67  O O   . LYS A 10 ? 0.8714 1.2112 0.8228 -0.1078 0.0699  -0.0306 328 LYS A O   
68  C CB  . LYS A 10 ? 0.9847 1.2754 0.8014 -0.0653 0.0746  -0.1176 328 LYS A CB  
69  C CG  . LYS A 10 ? 0.8638 1.0424 0.6060 -0.0548 0.0872  -0.1262 328 LYS A CG  
70  C CD  . LYS A 10 ? 0.9442 1.0230 0.6288 -0.0846 0.1034  -0.1891 328 LYS A CD  
71  C CE  . LYS A 10 ? 1.1388 1.1048 0.7397 -0.0646 0.1174  -0.1958 328 LYS A CE  
72  N NZ  . LYS A 10 ? 1.4020 1.2730 0.9452 -0.0900 0.1394  -0.2595 328 LYS A NZ  
73  N N   . ARG A 11 ? 0.7005 1.0294 0.5911 -0.0328 0.0677  0.0041  329 ARG A N   
74  C CA  . ARG A 11 ? 0.8446 1.1429 0.7606 -0.0504 0.0652  0.0322  329 ARG A CA  
75  C C   . ARG A 11 ? 0.9398 1.1677 0.7992 -0.0196 0.0612  0.0399  329 ARG A C   
76  O O   . ARG A 11 ? 0.9952 1.1985 0.8010 0.0151  0.0637  0.0245  329 ARG A O   
77  C CB  . ARG A 11 ? 0.5689 0.9764 0.5757 -0.0428 0.0612  0.0798  329 ARG A CB  
78  C CG  . ARG A 11 ? 0.5588 1.0317 0.5819 0.0121  0.0595  0.1136  329 ARG A CG  
79  C CD  . ARG A 11 ? 0.6171 1.1844 0.7333 0.0126  0.0621  0.1584  329 ARG A CD  
80  N NE  . ARG A 11 ? 0.5801 1.2080 0.7227 0.0614  0.0659  0.1886  329 ARG A NE  
81  C CZ  . ARG A 11 ? 0.6098 1.3188 0.8340 0.0687  0.0737  0.2268  329 ARG A CZ  
82  N NH1 . ARG A 11 ? 0.7055 1.4432 0.9897 0.0313  0.0770  0.2417  329 ARG A NH1 
83  N NH2 . ARG A 11 ? 0.7210 1.4808 0.9717 0.1123  0.0817  0.2483  329 ARG A NH2 
84  N N   . VAL A 12 ? 0.8788 1.0722 0.7497 -0.0323 0.0539  0.0621  330 VAL A N   
85  C CA  . VAL A 12 ? 0.9450 1.0849 0.7746 0.0018  0.0420  0.0757  330 VAL A CA  
86  C C   . VAL A 12 ? 0.9057 1.1463 0.8157 0.0316  0.0303  0.1191  330 VAL A C   
87  O O   . VAL A 12 ? 0.7811 1.0828 0.7636 0.0063  0.0305  0.1406  330 VAL A O   
88  C CB  . VAL A 12 ? 0.8226 0.8360 0.5914 -0.0308 0.0388  0.0655  330 VAL A CB  
89  C CG1 . VAL A 12 ? 0.8833 0.8450 0.6087 0.0107  0.0193  0.0820  330 VAL A CG1 
90  C CG2 . VAL A 12 ? 0.9168 0.8241 0.6091 -0.0625 0.0585  0.0195  330 VAL A CG2 
91  N N   . GLY A 13 ? 0.7568 1.0142 0.6598 0.0844  0.0231  0.1297  331 GLY A N   
92  C CA  . GLY A 13 ? 0.8700 1.2251 0.8564 0.1157  0.0163  0.1652  331 GLY A CA  
93  C C   . GLY A 13 ? 1.0906 1.4324 1.1085 0.1044  -0.0040 0.1844  331 GLY A C   
94  O O   . GLY A 13 ? 1.0525 1.3062 1.0227 0.0684  -0.0122 0.1737  331 GLY A O   
95  N N   . ASP A 14 ? 1.2518 1.6805 1.3501 0.1348  -0.0103 0.2106  332 ASP A N   
96  C CA  . ASP A 14 ? 1.1306 1.5696 1.2766 0.1263  -0.0314 0.2275  332 ASP A CA  
97  C C   . ASP A 14 ? 1.2044 1.5465 1.2808 0.1484  -0.0628 0.2184  332 ASP A C   
98  O O   . ASP A 14 ? 1.1887 1.4980 1.2642 0.1306  -0.0856 0.2238  332 ASP A O   
99  C CB  . ASP A 14 ? 1.1930 1.7589 1.4551 0.1536  -0.0253 0.2530  332 ASP A CB  
100 C CG  . ASP A 14 ? 1.4088 2.0649 1.7359 0.1345  0.0066  0.2678  332 ASP A CG  
101 O OD1 . ASP A 14 ? 1.4164 2.0474 1.7229 0.0903  0.0152  0.2622  332 ASP A OD1 
102 O OD2 . ASP A 14 ? 1.6161 2.3649 2.0145 0.1643  0.0243  0.2850  332 ASP A OD2 
103 N N   . ASP A 15 ? 1.1464 1.4411 1.1618 0.1890  -0.0645 0.2046  333 ASP A N   
104 C CA  . ASP A 15 ? 1.0702 1.2629 1.0093 0.2166  -0.0936 0.1970  333 ASP A CA  
105 C C   . ASP A 15 ? 1.1492 1.2022 0.9767 0.1751  -0.0952 0.1799  333 ASP A C   
106 O O   . ASP A 15 ? 1.3225 1.2758 1.0761 0.1880  -0.1205 0.1778  333 ASP A O   
107 C CB  . ASP A 15 ? 1.1260 1.3041 1.0334 0.2709  -0.0884 0.1863  333 ASP A CB  
108 C CG  . ASP A 15 ? 1.1705 1.3253 1.0268 0.2568  -0.0544 0.1646  333 ASP A CG  
109 O OD1 . ASP A 15 ? 1.2653 1.3445 1.0467 0.2833  -0.0499 0.1458  333 ASP A OD1 
110 O OD2 . ASP A 15 ? 1.1484 1.3611 1.0409 0.2207  -0.0334 0.1651  333 ASP A OD2 
111 N N   . GLY A 16 ? 1.1025 1.1460 0.9175 0.1266  -0.0669 0.1667  334 GLY A N   
112 C CA  . GLY A 16 ? 1.0703 0.9847 0.7902 0.0810  -0.0587 0.1460  334 GLY A CA  
113 C C   . GLY A 16 ? 1.2667 1.0726 0.8826 0.0953  -0.0449 0.1184  334 GLY A C   
114 O O   . GLY A 16 ? 1.5258 1.2089 1.0535 0.0609  -0.0326 0.0976  334 GLY A O   
115 N N   . LYS A 17 ? 1.3049 1.1527 0.9318 0.1443  -0.0422 0.1162  335 LYS A N   
116 C CA  . LYS A 17 ? 1.5204 1.2703 1.0545 0.1610  -0.0263 0.0883  335 LYS A CA  
117 C C   . LYS A 17 ? 1.3587 1.1739 0.9178 0.1618  0.0015  0.0680  335 LYS A C   
118 O O   . LYS A 17 ? 1.3796 1.1354 0.8881 0.1287  0.0251  0.0356  335 LYS A O   
119 C CB  . LYS A 17 ? 1.7130 1.4240 1.2144 0.2243  -0.0486 0.0982  335 LYS A CB  
120 C CG  . LYS A 17 ? 1.9005 1.5349 1.3600 0.2326  -0.0831 0.1157  335 LYS A CG  
121 C CD  . LYS A 17 ? 2.3929 1.9356 1.7783 0.2903  -0.0995 0.1149  335 LYS A CD  
122 C CE  . LYS A 17 ? 2.2169 1.8639 1.6812 0.3500  -0.1051 0.1223  335 LYS A CE  
123 N NZ  . LYS A 17 ? 2.1299 1.6865 1.5279 0.4078  -0.1199 0.1203  335 LYS A NZ  
124 N N   . THR A 18 ? 1.2568 1.1916 0.8924 0.1995  -0.0006 0.0848  336 THR A N   
125 C CA  . THR A 18 ? 1.2672 1.2572 0.9112 0.2122  0.0228  0.0668  336 THR A CA  
126 C C   . THR A 18 ? 1.1031 1.1382 0.7704 0.1639  0.0392  0.0526  336 THR A C   
127 O O   . THR A 18 ? 0.9575 1.0426 0.6820 0.1311  0.0339  0.0699  336 THR A O   
128 C CB  . THR A 18 ? 1.1161 1.2245 0.8380 0.2612  0.0217  0.0906  336 THR A CB  
129 O OG1 . THR A 18 ? 1.1807 1.3842 0.9958 0.2503  0.0111  0.1230  336 THR A OG1 
130 C CG2 . THR A 18 ? 1.1555 1.2215 0.8559 0.3161  0.0092  0.0946  336 THR A CG2 
131 N N   . ILE A 19 ? 1.3362 1.3542 0.9613 0.1614  0.0582  0.0186  337 ILE A N   
132 C CA  . ILE A 19 ? 1.2373 1.3016 0.8837 0.1226  0.0694  -0.0010 337 ILE A CA  
133 C C   . ILE A 19 ? 1.1670 1.3616 0.8727 0.1486  0.0724  0.0161  337 ILE A C   
134 O O   . ILE A 19 ? 1.2569 1.4729 0.9454 0.1907  0.0802  0.0127  337 ILE A O   
135 C CB  . ILE A 19 ? 1.3626 1.3411 0.9335 0.1027  0.0872  -0.0534 337 ILE A CB  
136 C CG1 . ILE A 19 ? 1.4525 1.2920 0.9604 0.0691  0.0922  -0.0711 337 ILE A CG1 
137 C CG2 . ILE A 19 ? 1.3805 1.4252 0.9837 0.0707  0.0928  -0.0767 337 ILE A CG2 
138 C CD1 . ILE A 19 ? 1.6573 1.3966 1.0883 0.0526  0.1162  -0.1245 337 ILE A CD1 
139 N N   . GLU A 20 ? 1.0357 1.3115 0.8085 0.1238  0.0689  0.0351  338 GLU A N   
140 C CA  . GLU A 20 ? 0.9186 1.3101 0.7399 0.1457  0.0742  0.0541  338 GLU A CA  
141 C C   . GLU A 20 ? 0.8299 1.2535 0.6511 0.1162  0.0757  0.0301  338 GLU A C   
142 O O   . GLU A 20 ? 0.8615 1.2583 0.6963 0.0706  0.0712  0.0165  338 GLU A O   
143 C CB  . GLU A 20 ? 0.8565 1.3283 0.7647 0.1509  0.0702  0.1025  338 GLU A CB  
144 C CG  . GLU A 20 ? 1.0357 1.5050 0.9627 0.1883  0.0659  0.1256  338 GLU A CG  
145 C CD  . GLU A 20 ? 0.9210 1.4713 0.9421 0.1875  0.0639  0.1670  338 GLU A CD  
146 O OE1 . GLU A 20 ? 0.9272 1.5177 0.9912 0.1531  0.0659  0.1786  338 GLU A OE1 
147 O OE2 . GLU A 20 ? 1.0947 1.6693 1.1522 0.2212  0.0614  0.1857  338 GLU A OE2 
148 N N   . TYR A 21 ? 1.0889 1.5691 0.8943 0.1437  0.0817  0.0232  339 TYR A N   
149 C CA  . TYR A 21 ? 1.1024 1.6285 0.9101 0.1249  0.0767  0.0030  339 TYR A CA  
150 C C   . TYR A 21 ? 0.8333 1.4686 0.6958 0.1441  0.0770  0.0462  339 TYR A C   
151 O O   . TYR A 21 ? 0.8158 1.4929 0.6943 0.1816  0.0889  0.0804  339 TYR A O   
152 C CB  . TYR A 21 ? 1.2060 1.7065 0.9401 0.1392  0.0809  -0.0442 339 TYR A CB  
153 C CG  . TYR A 21 ? 1.2196 1.6144 0.9037 0.1078  0.0836  -0.0970 339 TYR A CG  
154 C CD1 . TYR A 21 ? 1.2205 1.5981 0.9175 0.0605  0.0766  -0.1324 339 TYR A CD1 
155 C CD2 . TYR A 21 ? 1.1205 1.4298 0.7471 0.1259  0.0964  -0.1126 339 TYR A CD2 
156 C CE1 . TYR A 21 ? 1.3548 1.6307 1.0083 0.0291  0.0864  -0.1833 339 TYR A CE1 
157 C CE2 . TYR A 21 ? 1.2726 1.4756 0.8484 0.0972  0.1051  -0.1600 339 TYR A CE2 
158 C CZ  . TYR A 21 ? 1.4860 1.6716 1.0749 0.0474  0.1021  -0.1960 339 TYR A CZ  
159 O OH  . TYR A 21 ? 1.5897 1.6646 1.1303 0.0162  0.1178  -0.2457 339 TYR A OH  
160 N N   . LEU A 22 ? 0.6973 1.3761 0.5919 0.1185  0.0662  0.0443  340 LEU A N   
161 C CA  . LEU A 22 ? 0.6347 1.4084 0.5759 0.1357  0.0676  0.0867  340 LEU A CA  
162 C C   . LEU A 22 ? 0.6879 1.5030 0.5754 0.1654  0.0645  0.0721  340 LEU A C   
163 O O   . LEU A 22 ? 0.8222 1.6365 0.6867 0.1483  0.0467  0.0341  340 LEU A O   
164 C CB  . LEU A 22 ? 0.6356 1.4348 0.6450 0.0959  0.0570  0.0978  340 LEU A CB  
165 C CG  . LEU A 22 ? 0.5312 1.4204 0.5951 0.1121  0.0615  0.1474  340 LEU A CG  
166 C CD1 . LEU A 22 ? 0.4897 1.4041 0.5891 0.1373  0.0838  0.1946  340 LEU A CD1 
167 C CD2 . LEU A 22 ? 0.4588 1.3638 0.5922 0.0698  0.0514  0.1521  340 LEU A CD2 
168 N N   . VAL A 23 ? 0.7088 1.5607 0.5783 0.2095  0.0826  0.1007  341 VAL A N   
169 C CA  . VAL A 23 ? 0.7764 1.6566 0.5779 0.2429  0.0850  0.0879  341 VAL A CA  
170 C C   . VAL A 23 ? 0.7610 1.7198 0.5786 0.2599  0.0846  0.1269  341 VAL A C   
171 O O   . VAL A 23 ? 0.8019 1.8001 0.6689 0.2739  0.1047  0.1778  341 VAL A O   
172 C CB  . VAL A 23 ? 0.8253 1.6884 0.5875 0.2828  0.1115  0.0922  341 VAL A CB  
173 C CG1 . VAL A 23 ? 1.0063 1.8947 0.6910 0.3161  0.1180  0.0786  341 VAL A CG1 
174 C CG2 . VAL A 23 ? 0.8800 1.6589 0.6192 0.2714  0.1111  0.0552  341 VAL A CG2 
175 N N   . LYS A 24 ? 0.8081 1.7883 0.5832 0.2599  0.0616  0.1016  342 LYS A N   
176 C CA  . LYS A 24 ? 1.0788 2.1255 0.8474 0.2842  0.0588  0.1378  342 LYS A CA  
177 C C   . LYS A 24 ? 0.9748 2.0317 0.6609 0.3313  0.0808  0.1453  342 LYS A C   
178 O O   . LYS A 24 ? 1.0189 2.0446 0.6326 0.3398  0.0763  0.0999  342 LYS A O   
179 C CB  . LYS A 24 ? 0.9570 2.0260 0.7189 0.2667  0.0186  0.1077  342 LYS A CB  
180 C CG  . LYS A 24 ? 0.9593 2.0929 0.7152 0.2933  0.0100  0.1491  342 LYS A CG  
181 C CD  . LYS A 24 ? 0.7578 1.9203 0.6008 0.2880  0.0310  0.2116  342 LYS A CD  
182 C CE  . LYS A 24 ? 0.8287 2.0468 0.6711 0.3092  0.0181  0.2491  342 LYS A CE  
183 N NZ  . LYS A 24 ? 1.0566 2.2918 0.7965 0.3598  0.0261  0.2649  342 LYS A NZ  
184 N N   . TRP A 25 ? 1.1567 2.2526 0.8545 0.3602  0.1092  0.2009  343 TRP A N   
185 C CA  . TRP A 25 ? 1.1177 2.2070 0.7528 0.4001  0.1341  0.2087  343 TRP A CA  
186 C C   . TRP A 25 ? 1.0732 2.1881 0.6705 0.4204  0.1223  0.2271  343 TRP A C   
187 O O   . TRP A 25 ? 1.0267 2.1772 0.6693 0.4133  0.1112  0.2589  343 TRP A O   
188 C CB  . TRP A 25 ? 1.1121 2.1931 0.8072 0.4133  0.1746  0.2477  343 TRP A CB  
189 C CG  . TRP A 25 ? 1.0645 2.1178 0.7960 0.4003  0.1849  0.2312  343 TRP A CG  
190 C CD1 . TRP A 25 ? 1.1266 2.1844 0.9436 0.3745  0.1842  0.2471  343 TRP A CD1 
191 C CD2 . TRP A 25 ? 0.9810 1.9926 0.6633 0.4141  0.1966  0.1947  343 TRP A CD2 
192 N NE1 . TRP A 25 ? 0.8061 1.8224 0.6294 0.3726  0.1898  0.2229  343 TRP A NE1 
193 C CE2 . TRP A 25 ? 0.9571 1.9466 0.6990 0.3985  0.1994  0.1917  343 TRP A CE2 
194 C CE3 . TRP A 25 ? 1.0745 2.0579 0.6717 0.4367  0.2034  0.1630  343 TRP A CE3 
195 C CZ2 . TRP A 25 ? 1.0341 1.9715 0.7533 0.4080  0.2068  0.1603  343 TRP A CZ2 
196 C CZ3 . TRP A 25 ? 1.1120 2.0521 0.6864 0.4454  0.2174  0.1312  343 TRP A CZ3 
197 C CH2 . TRP A 25 ? 1.0829 2.0021 0.7170 0.4338  0.2198  0.1311  343 TRP A CH2 
198 N N   . THR A 26 ? 0.8509 1.7107 1.2284 0.1170  0.3509  0.3549  344 THR A N   
199 C CA  . THR A 26 ? 0.7406 1.6194 1.1406 0.1777  0.3208  0.3266  344 THR A CA  
200 C C   . THR A 26 ? 0.7091 1.5044 1.0020 0.2047  0.3132  0.3389  344 THR A C   
201 O O   . THR A 26 ? 0.8010 1.5341 1.0335 0.1791  0.3053  0.3675  344 THR A O   
202 C CB  . THR A 26 ? 0.6613 1.5532 1.1174 0.1847  0.2768  0.3212  344 THR A CB  
203 O OG1 . THR A 26 ? 1.1508 1.9647 1.5443 0.1723  0.2552  0.3510  344 THR A OG1 
204 C CG2 . THR A 26 ? 0.7331 1.6888 1.2832 0.1422  0.2849  0.3142  344 THR A CG2 
205 N N   . ASP A 27 ? 0.8383 1.6312 1.1073 0.2563  0.3158  0.3144  345 ASP A N   
206 C CA  . ASP A 27 ? 1.0296 1.7322 1.1893 0.2805  0.3115  0.3216  345 ASP A CA  
207 C C   . ASP A 27 ? 1.0435 1.7005 1.1837 0.2883  0.2723  0.3287  345 ASP A C   
208 O O   . ASP A 27 ? 1.1460 1.8360 1.3432 0.3120  0.2427  0.3127  345 ASP A O   
209 C CB  . ASP A 27 ? 0.8843 1.5810 1.0173 0.3406  0.3197  0.2924  345 ASP A CB  
210 C CG  . ASP A 27 ? 0.9118 1.5058 0.9156 0.3492  0.3365  0.3011  345 ASP A CG  
211 O OD1 . ASP A 27 ? 0.8756 1.4063 0.8168 0.3165  0.3307  0.3240  345 ASP A OD1 
212 O OD2 . ASP A 27 ? 0.9361 1.5140 0.9042 0.3888  0.3561  0.2815  345 ASP A OD2 
213 N N   . MET A 28 ? 0.9971 1.5822 1.0591 0.2655  0.2737  0.3490  346 MET A N   
214 C CA  . MET A 28 ? 0.9211 1.4606 0.9596 0.2686  0.2466  0.3515  346 MET A CA  
215 C C   . MET A 28 ? 0.9476 1.4127 0.8960 0.3109  0.2462  0.3351  346 MET A C   
216 O O   . MET A 28 ? 1.0859 1.5004 0.9971 0.3190  0.2298  0.3308  346 MET A O   
217 C CB  . MET A 28 ? 0.9907 1.5032 1.0059 0.2218  0.2477  0.3752  346 MET A CB  
218 C CG  . MET A 28 ? 1.1210 1.6848 1.2151 0.1880  0.2370  0.3929  346 MET A CG  
219 S SD  . MET A 28 ? 0.8326 1.4373 1.0148 0.2066  0.2061  0.3776  346 MET A SD  
220 C CE  . MET A 28 ? 0.6244 1.2891 0.8907 0.1685  0.2106  0.3916  346 MET A CE  
221 N N   . SER A 29 ? 1.2533 1.7032 1.1593 0.3375  0.2674  0.3248  347 SER A N   
222 C CA  . SER A 29 ? 1.1540 1.5367 0.9840 0.3936  0.2612  0.3054  347 SER A CA  
223 C C   . SER A 29 ? 1.1020 1.5428 1.0081 0.4391  0.2260  0.2850  347 SER A C   
224 O O   . SER A 29 ? 1.1087 1.6521 1.1278 0.4278  0.2215  0.2804  347 SER A O   
225 C CB  . SER A 29 ? 1.1351 1.4877 0.9060 0.4153  0.2924  0.2973  347 SER A CB  
226 O OG  . SER A 29 ? 1.2103 1.5157 0.9137 0.3678  0.3231  0.3138  347 SER A OG  
227 N N   . ASP A 30 ? 0.9722 1.3430 0.8101 0.4872  0.2010  0.2717  348 ASP A N   
228 C CA  . ASP A 30 ? 0.9704 1.3866 0.8668 0.5332  0.1572  0.2503  348 ASP A CA  
229 C C   . ASP A 30 ? 0.9170 1.3885 0.8960 0.4947  0.1366  0.2563  348 ASP A C   
230 O O   . ASP A 30 ? 0.8617 1.4180 0.9381 0.5098  0.1079  0.2386  348 ASP A O   
231 C CB  . ASP A 30 ? 1.2120 1.7313 1.2043 0.5712  0.1530  0.2261  348 ASP A CB  
232 C CG  . ASP A 30 ? 1.5171 1.9783 1.4300 0.6285  0.1643  0.2125  348 ASP A CG  
233 O OD1 . ASP A 30 ? 1.4870 1.8327 1.2806 0.6727  0.1452  0.2099  348 ASP A OD1 
234 O OD2 . ASP A 30 ? 1.6707 2.1913 1.6313 0.6286  0.1952  0.2039  348 ASP A OD2 
235 N N   . ALA A 31 ? 1.2281 1.6521 1.1700 0.4460  0.1508  0.2771  349 ALA A N   
236 C CA  . ALA A 31 ? 0.9065 1.3686 0.9172 0.4115  0.1342  0.2827  349 ALA A CA  
237 C C   . ALA A 31 ? 0.9509 1.3228 0.8792 0.3931  0.1379  0.2894  349 ALA A C   
238 O O   . ALA A 31 ? 1.2325 1.5561 1.1018 0.3650  0.1669  0.3017  349 ALA A O   
239 C CB  . ALA A 31 ? 0.8715 1.4082 0.9696 0.3599  0.1528  0.3008  349 ALA A CB  
240 N N   . THR A 32 ? 0.8480 1.1997 0.7729 0.4066  0.1103  0.2772  350 THR A N   
241 C CA  . THR A 32 ? 0.8793 1.1536 0.7367 0.3845  0.1195  0.2781  350 THR A CA  
242 C C   . THR A 32 ? 0.9421 1.2553 0.8748 0.3637  0.1006  0.2740  350 THR A C   
243 O O   . THR A 32 ? 0.9543 1.3293 0.9629 0.3774  0.0710  0.2648  350 THR A O   
244 C CB  . THR A 32 ? 1.1450 1.3013 0.8639 0.4226  0.1144  0.2643  350 THR A CB  
245 O OG1 . THR A 32 ? 1.0813 1.2453 0.8109 0.4640  0.0706  0.2472  350 THR A OG1 
246 C CG2 . THR A 32 ? 1.0584 1.1593 0.6912 0.4512  0.1305  0.2663  350 THR A CG2 
247 N N   . TRP A 33 ? 1.0537 1.3323 0.9680 0.3294  0.1194  0.2769  351 TRP A N   
248 C CA  . TRP A 33 ? 0.8034 1.0962 0.7684 0.3142  0.1058  0.2686  351 TRP A CA  
249 C C   . TRP A 33 ? 0.8727 1.0821 0.7462 0.3380  0.0955  0.2476  351 TRP A C   
250 O O   . TRP A 33 ? 1.3146 1.4322 1.0741 0.3390  0.1188  0.2422  351 TRP A O   
251 C CB  . TRP A 33 ? 0.7519 1.0526 0.7482 0.2720  0.1299  0.2758  351 TRP A CB  
252 C CG  . TRP A 33 ? 0.6826 1.0572 0.7666 0.2485  0.1301  0.2975  351 TRP A CG  
253 C CD1 . TRP A 33 ? 0.7178 1.1005 0.7887 0.2301  0.1497  0.3126  351 TRP A CD1 
254 C CD2 . TRP A 33 ? 0.6800 1.1172 0.8636 0.2383  0.1098  0.3068  351 TRP A CD2 
255 N NE1 . TRP A 33 ? 0.6229 1.0663 0.7730 0.2115  0.1406  0.3324  351 TRP A NE1 
256 C CE2 . TRP A 33 ? 0.6539 1.1269 0.8717 0.2154  0.1182  0.3300  351 TRP A CE2 
257 C CE3 . TRP A 33 ? 0.7014 1.1586 0.9394 0.2437  0.0858  0.2966  351 TRP A CE3 
258 C CZ2 . TRP A 33 ? 0.5648 1.0822 0.8596 0.1985  0.1053  0.3461  351 TRP A CZ2 
259 C CZ3 . TRP A 33 ? 0.7273 1.2338 1.0500 0.2240  0.0754  0.3102  351 TRP A CZ3 
260 C CH2 . TRP A 33 ? 0.6026 1.1336 0.9488 0.2020  0.0861  0.3360  351 TRP A CH2 
261 N N   . GLU A 34 ? 0.8694 1.1035 0.7840 0.3539  0.0611  0.2346  352 GLU A N   
262 C CA  . GLU A 34 ? 1.0758 1.2284 0.8975 0.3783  0.0438  0.2140  352 GLU A CA  
263 C C   . GLU A 34 ? 1.1358 1.3080 1.0145 0.3600  0.0305  0.2005  352 GLU A C   
264 O O   . GLU A 34 ? 1.0545 1.3131 1.0511 0.3463  0.0149  0.2040  352 GLU A O   
265 C CB  . GLU A 34 ? 1.2842 1.4346 1.0734 0.4320  0.0021  0.2043  352 GLU A CB  
266 C CG  . GLU A 34 ? 1.4334 1.5517 1.1564 0.4599  0.0134  0.2140  352 GLU A CG  
267 C CD  . GLU A 34 ? 1.7584 1.7347 1.3164 0.4616  0.0431  0.2148  352 GLU A CD  
268 O OE1 . GLU A 34 ? 1.9139 1.7975 1.3708 0.4747  0.0318  0.2014  352 GLU A OE1 
269 O OE2 . GLU A 34 ? 1.7419 1.6931 1.2641 0.4459  0.0798  0.2277  352 GLU A OE2 
270 N N   . PRO A 35 ? 1.1360 1.2183 0.9223 0.3568  0.0410  0.1839  353 PRO A N   
271 C CA  . PRO A 35 ? 1.0490 1.1296 0.8665 0.3427  0.0315  0.1658  353 PRO A CA  
272 C C   . PRO A 35 ? 1.1954 1.3271 1.0697 0.3648  -0.0216 0.1541  353 PRO A C   
273 O O   . PRO A 35 ? 1.4015 1.5399 1.2491 0.4020  -0.0559 0.1510  353 PRO A O   
274 C CB  . PRO A 35 ? 1.2591 1.2126 0.9255 0.3447  0.0525  0.1480  353 PRO A CB  
275 C CG  . PRO A 35 ? 1.3155 1.2207 0.9084 0.3354  0.0938  0.1601  353 PRO A CG  
276 C CD  . PRO A 35 ? 1.3324 1.2975 0.9681 0.3600  0.0718  0.1804  353 PRO A CD  
277 N N   . GLN A 36 ? 1.2752 1.4418 1.2284 0.3420  -0.0283 0.1441  354 GLN A N   
278 C CA  . GLN A 36 ? 1.2898 1.5159 1.3176 0.3484  -0.0735 0.1299  354 GLN A CA  
279 C C   . GLN A 36 ? 1.4120 1.5933 1.3536 0.3871  -0.1195 0.1056  354 GLN A C   
280 O O   . GLN A 36 ? 1.3570 1.6048 1.3626 0.4002  -0.1642 0.0909  354 GLN A O   
281 C CB  . GLN A 36 ? 1.2579 1.4927 1.3520 0.3154  -0.0654 0.1206  354 GLN A CB  
282 C CG  . GLN A 36 ? 1.2846 1.5938 1.4836 0.3046  -0.0997 0.1111  354 GLN A CG  
283 C CD  . GLN A 36 ? 1.2974 1.5996 1.5539 0.2724  -0.0873 0.1051  354 GLN A CD  
284 O OE1 . GLN A 36 ? 1.4042 1.6449 1.6174 0.2656  -0.0595 0.0992  354 GLN A OE1 
285 N NE2 . GLN A 36 ? 1.1914 1.5544 1.5463 0.2513  -0.1047 0.1038  354 GLN A NE2 
286 N N   . ASP A 37 ? 1.4743 1.5408 1.2674 0.4040  -0.1096 0.0991  355 ASP A N   
287 C CA  . ASP A 37 ? 1.8024 1.8044 1.4886 0.4446  -0.1580 0.0776  355 ASP A CA  
288 C C   . ASP A 37 ? 1.8148 1.8255 1.4647 0.4954  -0.1906 0.0838  355 ASP A C   
289 O O   . ASP A 37 ? 1.9065 1.9229 1.5332 0.5372  -0.2504 0.0642  355 ASP A O   
290 C CB  . ASP A 37 ? 2.1557 2.0104 1.6756 0.4401  -0.1316 0.0677  355 ASP A CB  
291 C CG  . ASP A 37 ? 2.3636 2.2069 1.9136 0.4003  -0.1089 0.0504  355 ASP A CG  
292 O OD1 . ASP A 37 ? 2.2125 2.1474 1.8946 0.3841  -0.1283 0.0437  355 ASP A OD1 
293 O OD2 . ASP A 37 ? 2.5877 2.3258 2.0265 0.3837  -0.0682 0.0412  355 ASP A OD2 
294 N N   . ASN A 38 ? 1.7085 1.7218 1.3556 0.4942  -0.1538 0.1081  356 ASN A N   
295 C CA  . ASN A 38 ? 1.6125 1.6240 1.2197 0.5446  -0.1774 0.1137  356 ASN A CA  
296 C C   . ASN A 38 ? 1.6269 1.7880 1.3902 0.5604  -0.2132 0.1064  356 ASN A C   
297 O O   . ASN A 38 ? 1.8966 2.0763 1.6480 0.6124  -0.2474 0.0993  356 ASN A O   
298 C CB  . ASN A 38 ? 1.5274 1.4904 1.0797 0.5328  -0.1224 0.1391  356 ASN A CB  
299 C CG  . ASN A 38 ? 1.7504 1.5700 1.1514 0.5102  -0.0784 0.1413  356 ASN A CG  
300 O OD1 . ASN A 38 ? 1.8910 1.6274 1.2001 0.5131  -0.0911 0.1248  356 ASN A OD1 
301 N ND2 . ASN A 38 ? 1.7168 1.5060 1.0885 0.4838  -0.0243 0.1586  356 ASN A ND2 
302 N N   . VAL A 39 ? 1.1787 1.4428 1.0865 0.5153  -0.2029 0.1060  357 VAL A N   
303 C CA  . VAL A 39 ? 1.1689 1.5745 1.2278 0.5158  -0.2239 0.0973  357 VAL A CA  
304 C C   . VAL A 39 ? 1.3021 1.7636 1.4189 0.5244  -0.2809 0.0620  357 VAL A C   
305 O O   . VAL A 39 ? 1.4071 1.8143 1.4822 0.5080  -0.2917 0.0502  357 VAL A O   
306 C CB  . VAL A 39 ? 1.0593 1.5369 1.2341 0.4578  -0.1775 0.1192  357 VAL A CB  
307 C CG1 . VAL A 39 ? 0.8989 1.3315 1.0215 0.4493  -0.1276 0.1504  357 VAL A CG1 
308 C CG2 . VAL A 39 ? 1.1696 1.6275 1.3695 0.4135  -0.1674 0.1170  357 VAL A CG2 
309 N N   . ASP A 40 ? 1.2818 1.8554 1.4965 0.5495  -0.3164 0.0406  358 ASP A N   
310 C CA  . ASP A 40 ? 1.3729 2.0246 1.6665 0.5523  -0.3720 0.0009  358 ASP A CA  
311 C C   . ASP A 40 ? 1.3461 2.0781 1.7734 0.4816  -0.3455 -0.0005 358 ASP A C   
312 O O   . ASP A 40 ? 1.2079 1.9946 1.7149 0.4464  -0.2994 0.0212  358 ASP A O   
313 C CB  . ASP A 40 ? 1.5265 2.2837 1.8916 0.6052  -0.4191 -0.0289 358 ASP A CB  
314 C CG  . ASP A 40 ? 1.9360 2.5884 2.1537 0.6731  -0.4569 -0.0344 358 ASP A CG  
315 O OD1 . ASP A 40 ? 2.1024 2.6226 2.1676 0.6942  -0.4716 -0.0259 358 ASP A OD1 
316 O OD2 . ASP A 40 ? 2.0895 2.7782 2.3351 0.6996  -0.4658 -0.0476 358 ASP A OD2 
317 N N   . SER A 41 ? 1.6252 2.3501 2.0625 0.4607  -0.3750 -0.0256 359 SER A N   
318 C CA  . SER A 41 ? 1.6901 2.4664 2.2350 0.3937  -0.3530 -0.0294 359 SER A CA  
319 C C   . SER A 41 ? 1.6279 2.5438 2.3263 0.3661  -0.3390 -0.0368 359 SER A C   
320 O O   . SER A 41 ? 1.6067 2.5403 2.3683 0.3113  -0.2925 -0.0157 359 SER A O   
321 C CB  . SER A 41 ? 1.7937 2.5584 2.3333 0.3842  -0.4000 -0.0679 359 SER A CB  
322 O OG  . SER A 41 ? 1.9235 2.5511 2.3150 0.4016  -0.4039 -0.0625 359 SER A OG  
323 N N   . THR A 42 ? 1.4344 2.4440 2.1860 0.4066  -0.3792 -0.0682 360 THR A N   
324 C CA  . THR A 42 ? 1.3745 2.5300 2.2771 0.3840  -0.3654 -0.0861 360 THR A CA  
325 C C   . THR A 42 ? 1.4267 2.5851 2.3514 0.3528  -0.2952 -0.0444 360 THR A C   
326 O O   . THR A 42 ? 1.5282 2.7315 2.5380 0.2887  -0.2564 -0.0384 360 THR A O   
327 C CB  . THR A 42 ? 1.4354 2.6675 2.3658 0.4475  -0.4120 -0.1204 360 THR A CB  
328 O OG1 . THR A 42 ? 1.5356 2.6692 2.3382 0.5035  -0.4048 -0.0904 360 THR A OG1 
329 C CG2 . THR A 42 ? 1.4119 2.6455 2.3268 0.4693  -0.4835 -0.1642 360 THR A CG2 
330 N N   . LEU A 43 ? 1.2737 2.3745 2.1111 0.3968  -0.2800 -0.0163 361 LEU A N   
331 C CA  . LEU A 43 ? 1.0068 2.1048 1.8500 0.3729  -0.2186 0.0216  361 LEU A CA  
332 C C   . LEU A 43 ? 0.8540 1.8861 1.6812 0.3111  -0.1763 0.0574  361 LEU A C   
333 O O   . LEU A 43 ? 0.6493 1.7105 1.5269 0.2671  -0.1317 0.0785  361 LEU A O   
334 C CB  . LEU A 43 ? 0.8970 1.9189 1.6255 0.4288  -0.2123 0.0443  361 LEU A CB  
335 C CG  . LEU A 43 ? 1.0488 2.1232 1.7873 0.4942  -0.2449 0.0154  361 LEU A CG  
336 C CD1 . LEU A 43 ? 1.1728 2.1379 1.7742 0.5403  -0.2320 0.0417  361 LEU A CD1 
337 C CD2 . LEU A 43 ? 0.9180 2.1105 1.7894 0.4642  -0.2173 -0.0034 361 LEU A CD2 
338 N N   . VAL A 44 ? 0.9235 1.8629 1.6762 0.3102  -0.1911 0.0628  362 VAL A N   
339 C CA  . VAL A 44 ? 0.8822 1.7611 1.6271 0.2602  -0.1588 0.0900  362 VAL A CA  
340 C C   . VAL A 44 ? 0.9768 1.9177 1.8290 0.2032  -0.1536 0.0751  362 VAL A C   
341 O O   . VAL A 44 ? 0.8829 1.8165 1.7642 0.1583  -0.1145 0.1019  362 VAL A O   
342 C CB  . VAL A 44 ? 0.8324 1.6058 1.4829 0.2730  -0.1738 0.0896  362 VAL A CB  
343 C CG1 . VAL A 44 ? 0.8981 1.6276 1.5684 0.2244  -0.1491 0.1055  362 VAL A CG1 
344 C CG2 . VAL A 44 ? 0.7742 1.4680 1.3106 0.3105  -0.1601 0.1111  362 VAL A CG2 
345 N N   . LEU A 45 ? 1.0462 2.0423 1.9501 0.2039  -0.1942 0.0311  363 LEU A N   
346 C CA  . LEU A 45 ? 1.0394 2.0908 2.0423 0.1434  -0.1886 0.0100  363 LEU A CA  
347 C C   . LEU A 45 ? 1.0516 2.1933 2.1455 0.1075  -0.1491 0.0140  363 LEU A C   
348 O O   . LEU A 45 ? 1.1684 2.3184 2.3163 0.0438  -0.1191 0.0170  363 LEU A O   
349 C CB  . LEU A 45 ? 1.0493 2.1583 2.0958 0.1524  -0.2444 -0.0455 363 LEU A CB  
350 C CG  . LEU A 45 ? 1.1662 2.1811 2.1169 0.1797  -0.2839 -0.0562 363 LEU A CG  
351 C CD1 . LEU A 45 ? 1.2963 2.3750 2.2969 0.1796  -0.3417 -0.1138 363 LEU A CD1 
352 C CD2 . LEU A 45 ? 1.2383 2.1421 2.1385 0.1433  -0.2517 -0.0274 363 LEU A CD2 
353 N N   . LEU A 46 ? 0.9508 2.1492 2.0513 0.1476  -0.1456 0.0136  364 LEU A N   
354 C CA  . LEU A 46 ? 0.9719 2.2505 2.1468 0.1168  -0.1007 0.0171  364 LEU A CA  
355 C C   . LEU A 46 ? 0.9118 2.1059 2.0233 0.0889  -0.0488 0.0736  364 LEU A C   
356 O O   . LEU A 46 ? 0.9715 2.1891 2.1255 0.0352  -0.0045 0.0849  364 LEU A O   
357 C CB  . LEU A 46 ? 1.0810 2.4448 2.2823 0.1751  -0.1147 -0.0058 364 LEU A CB  
358 C CG  . LEU A 46 ? 1.0365 2.5153 2.3279 0.2042  -0.1682 -0.0686 364 LEU A CG  
359 C CD1 . LEU A 46 ? 1.0208 2.5336 2.3053 0.2688  -0.1802 -0.0811 364 LEU A CD1 
360 C CD2 . LEU A 46 ? 1.0656 2.6542 2.4955 0.1327  -0.1494 -0.1063 364 LEU A CD2 
361 N N   . TYR A 47 ? 0.7864 1.8806 1.7922 0.1240  -0.0546 0.1068  365 TYR A N   
362 C CA  . TYR A 47 ? 0.7398 1.7549 1.6846 0.1032  -0.0160 0.1571  365 TYR A CA  
363 C C   . TYR A 47 ? 0.8691 1.8287 1.8231 0.0479  -0.0027 0.1732  365 TYR A C   
364 O O   . TYR A 47 ? 0.9065 1.8337 1.8486 0.0115  0.0324  0.2058  365 TYR A O   
365 C CB  . TYR A 47 ? 0.6519 1.5824 1.4928 0.1496  -0.0263 0.1798  365 TYR A CB  
366 C CG  . TYR A 47 ? 0.5968 1.4506 1.3849 0.1281  0.0031  0.2249  365 TYR A CG  
367 C CD1 . TYR A 47 ? 0.6151 1.4781 1.3935 0.1131  0.0376  0.2519  365 TYR A CD1 
368 C CD2 . TYR A 47 ? 0.7613 1.5357 1.5100 0.1250  -0.0054 0.2373  365 TYR A CD2 
369 C CE1 . TYR A 47 ? 0.7928 1.5879 1.5209 0.0968  0.0557  0.2911  365 TYR A CE1 
370 C CE2 . TYR A 47 ? 0.6630 1.3783 1.3742 0.1118  0.0142  0.2739  365 TYR A CE2 
371 C CZ  . TYR A 47 ? 0.7069 1.4329 1.4067 0.0984  0.0412  0.3013  365 TYR A CZ  
372 O OH  . TYR A 47 ? 0.8049 1.4742 1.4654 0.0884  0.0521  0.3356  365 TYR A OH  
373 N N   . GLN A 48 ? 1.1193 2.0579 2.0842 0.0438  -0.0325 0.1499  366 GLN A N   
374 C CA  . GLN A 48 ? 1.2540 2.1246 2.2193 -0.0021 -0.0235 0.1619  366 GLN A CA  
375 C C   . GLN A 48 ? 1.3344 2.2451 2.3679 -0.0678 0.0068  0.1560  366 GLN A C   
376 O O   . GLN A 48 ? 1.4151 2.2514 2.4278 -0.1097 0.0295  0.1823  366 GLN A O   
377 C CB  . GLN A 48 ? 1.2617 2.1031 2.2216 0.0084  -0.0611 0.1310  366 GLN A CB  
378 C CG  . GLN A 48 ? 1.3044 2.0911 2.1841 0.0650  -0.0835 0.1344  366 GLN A CG  
379 C CD  . GLN A 48 ? 1.3719 2.1272 2.2361 0.0738  -0.1186 0.1001  366 GLN A CD  
380 O OE1 . GLN A 48 ? 1.4315 2.2145 2.3507 0.0398  -0.1318 0.0706  366 GLN A OE1 
381 N NE2 . GLN A 48 ? 1.3390 2.0317 2.1224 0.1150  -0.1307 0.1015  366 GLN A NE2 
382 N N   . GLN A 49 ? 1.1974 2.2227 2.3101 -0.0764 0.0084  0.1196  367 GLN A N   
383 C CA  . GLN A 49 ? 1.1980 2.2736 2.3822 -0.1458 0.0459  0.1062  367 GLN A CA  
384 C C   . GLN A 49 ? 1.2310 2.2911 2.3844 -0.1656 0.0965  0.1453  367 GLN A C   
385 O O   . GLN A 49 ? 1.2894 2.2956 2.4279 -0.2260 0.1346  0.1667  367 GLN A O   
386 C CB  . GLN A 49 ? 1.0544 2.2762 2.3512 -0.1480 0.0298  0.0443  367 GLN A CB  
387 C CG  . GLN A 49 ? 1.1579 2.4391 2.5423 -0.2314 0.0702  0.0174  367 GLN A CG  
388 C CD  . GLN A 49 ? 1.3578 2.7880 2.8687 -0.2370 0.0426  -0.0550 367 GLN A CD  
389 O OE1 . GLN A 49 ? 1.3382 2.8655 2.8906 -0.1763 0.0104  -0.0835 367 GLN A OE1 
390 N NE2 . GLN A 49 ? 1.4195 2.8650 2.9903 -0.3090 0.0527  -0.0873 367 GLN A NE2 
391 N N   . GLN A 50 ? 1.2777 2.3728 2.4086 -0.1144 0.0957  0.1541  368 GLN A N   
392 C CA  . GLN A 50 ? 1.2378 2.3236 2.3306 -0.1225 0.1395  0.1870  368 GLN A CA  
393 C C   . GLN A 50 ? 1.2358 2.2975 2.3327 -0.2001 0.1932  0.2026  368 GLN A C   
394 O O   . GLN A 50 ? 1.3043 2.2512 2.3274 -0.2269 0.2033  0.2442  368 GLN A O   
395 C CB  . GLN A 50 ? 1.2589 2.2425 2.2438 -0.0834 0.1295  0.2353  368 GLN A CB  
396 C CG  . GLN A 50 ? 1.3625 2.3376 2.2981 -0.0821 0.1654  0.2656  368 GLN A CG  
397 C CD  . GLN A 50 ? 1.2852 2.2150 2.1437 -0.0247 0.1459  0.2884  368 GLN A CD  
398 O OE1 . GLN A 50 ? 1.1390 1.9806 1.9288 -0.0235 0.1407  0.3249  368 GLN A OE1 
399 N NE2 . GLN A 50 ? 1.1196 2.1090 1.9897 0.0236  0.1346  0.2643  368 GLN A NE2 
# 
